data_5TA4
# 
_entry.id   5TA4 
# 
_audit_conform.dict_name       mmcif_pdbx.dic 
_audit_conform.dict_version    5.387 
_audit_conform.dict_location   http://mmcif.pdb.org/dictionaries/ascii/mmcif_pdbx.dic 
# 
loop_
_database_2.database_id 
_database_2.database_code 
_database_2.pdbx_database_accession 
_database_2.pdbx_DOI 
PDB   5TA4         pdb_00005ta4 10.2210/pdb5ta4/pdb 
WWPDB D_1000223956 ?            ?                   
# 
loop_
_pdbx_audit_revision_history.ordinal 
_pdbx_audit_revision_history.data_content_type 
_pdbx_audit_revision_history.major_revision 
_pdbx_audit_revision_history.minor_revision 
_pdbx_audit_revision_history.revision_date 
1 'Structure model' 1 0 2017-01-25 
2 'Structure model' 1 1 2017-02-08 
3 'Structure model' 1 2 2017-02-15 
4 'Structure model' 1 3 2017-03-29 
5 'Structure model' 1 4 2017-11-22 
6 'Structure model' 1 5 2024-03-06 
# 
_pdbx_audit_revision_details.ordinal             1 
_pdbx_audit_revision_details.revision_ordinal    1 
_pdbx_audit_revision_details.data_content_type   'Structure model' 
_pdbx_audit_revision_details.provider            repository 
_pdbx_audit_revision_details.type                'Initial release' 
_pdbx_audit_revision_details.description         ? 
_pdbx_audit_revision_details.details             ? 
# 
loop_
_pdbx_audit_revision_group.ordinal 
_pdbx_audit_revision_group.revision_ordinal 
_pdbx_audit_revision_group.data_content_type 
_pdbx_audit_revision_group.group 
1 2 'Structure model' 'Database references'    
2 3 'Structure model' 'Database references'    
3 4 'Structure model' 'Structure summary'      
4 5 'Structure model' 'Refinement description' 
5 6 'Structure model' 'Data collection'        
6 6 'Structure model' 'Database references'    
# 
loop_
_pdbx_audit_revision_category.ordinal 
_pdbx_audit_revision_category.revision_ordinal 
_pdbx_audit_revision_category.data_content_type 
_pdbx_audit_revision_category.category 
1 5 'Structure model' software       
2 6 'Structure model' chem_comp_atom 
3 6 'Structure model' chem_comp_bond 
4 6 'Structure model' database_2     
# 
loop_
_pdbx_audit_revision_item.ordinal 
_pdbx_audit_revision_item.revision_ordinal 
_pdbx_audit_revision_item.data_content_type 
_pdbx_audit_revision_item.item 
1 6 'Structure model' '_database_2.pdbx_DOI'                
2 6 'Structure model' '_database_2.pdbx_database_accession' 
# 
_pdbx_database_status.status_code                     REL 
_pdbx_database_status.status_code_sf                  REL 
_pdbx_database_status.status_code_mr                  ? 
_pdbx_database_status.entry_id                        5TA4 
_pdbx_database_status.recvd_initial_deposition_date   2016-09-09 
_pdbx_database_status.SG_entry                        N 
_pdbx_database_status.deposit_site                    RCSB 
_pdbx_database_status.process_site                    RCSB 
_pdbx_database_status.status_code_cs                  ? 
_pdbx_database_status.methods_development_category    ? 
_pdbx_database_status.pdb_format_compatible           Y 
_pdbx_database_status.status_code_nmr_data            ? 
# 
loop_
_pdbx_database_related.content_type 
_pdbx_database_related.db_id 
_pdbx_database_related.db_name 
_pdbx_database_related.details 
unspecified 5T9U PDB . 
unspecified 5T9W PDB . 
unspecified 5T9Z PDB . 
unspecified 5TA2 PDB . 
# 
loop_
_audit_author.name 
_audit_author.pdbx_ordinal 
'Appleby, T.C.' 1 
'Steadman, V.'  2 
'Pettit, S.'    3 
'Schmitz, U.'   4 
'Mackman, R.L.' 5 
'Schultz, B.'   6 
# 
_citation.abstract                  ? 
_citation.abstract_id_CAS           ? 
_citation.book_id_ISBN              ? 
_citation.book_publisher            ? 
_citation.book_publisher_city       ? 
_citation.book_title                ? 
_citation.coordinate_linkage        ? 
_citation.country                   US 
_citation.database_id_Medline       ? 
_citation.details                   ? 
_citation.id                        primary 
_citation.journal_abbrev            'J. Med. Chem.' 
_citation.journal_id_ASTM           JMCMAR 
_citation.journal_id_CSD            0151 
_citation.journal_id_ISSN           1520-4804 
_citation.journal_full              ? 
_citation.journal_issue             ? 
_citation.journal_volume            60 
_citation.language                  ? 
_citation.page_first                1000 
_citation.page_last                 1017 
_citation.title                     
'Discovery of Potent Cyclophilin Inhibitors Based on the Structural Simplification of Sanglifehrin A.' 
_citation.year                      2017 
_citation.database_id_CSD           ? 
_citation.pdbx_database_id_DOI      10.1021/acs.jmedchem.6b01329 
_citation.pdbx_database_id_PubMed   28075591 
_citation.unpublished_flag          ? 
# 
loop_
_citation_author.citation_id 
_citation_author.name 
_citation_author.ordinal 
_citation_author.identifier_ORCID 
primary 'Steadman, V.A.'   1  ? 
primary 'Pettit, S.B.'     2  ? 
primary 'Poullennec, K.G.' 3  ? 
primary 'Lazarides, L.'    4  ? 
primary 'Keats, A.J.'      5  ? 
primary 'Dean, D.K.'       6  ? 
primary 'Stanway, S.J.'    7  ? 
primary 'Austin, C.A.'     8  ? 
primary 'Sanvoisin, J.A.'  9  ? 
primary 'Watt, G.M.'       10 ? 
primary 'Fliri, H.G.'      11 ? 
primary 'Liclican, A.C.'   12 ? 
primary 'Jin, D.'          13 ? 
primary 'Wong, M.H.'       14 ? 
primary 'Leavitt, S.A.'    15 ? 
primary 'Lee, Y.J.'        16 ? 
primary 'Tian, Y.'         17 ? 
primary 'Frey, C.R.'       18 ? 
primary 'Appleby, T.C.'    19 ? 
primary 'Schmitz, U.'      20 ? 
primary 'Jansa, P.'        21 ? 
primary 'Mackman, R.L.'    22 ? 
primary 'Schultz, B.E.'    23 ? 
# 
loop_
_entity.id 
_entity.type 
_entity.src_method 
_entity.pdbx_description 
_entity.formula_weight 
_entity.pdbx_number_of_molecules 
_entity.pdbx_ec 
_entity.pdbx_mutation 
_entity.pdbx_fragment 
_entity.details 
1 polymer     man 'Peptidyl-prolyl cis-trans isomerase A' 17905.307 1   5.2.1.8 ? ? ? 
2 non-polymer syn 
;18-methoxy-2,11,17-trimethyl-14-(propan-2-yl)-3-oxa-9,12,15,28-tetraazatricyclo[21.3.1.1~5,9~]octacosa-1(27),21,23,25-tetraene-4,10,13,16-tetrone
;
556.694   1   ?       ? ? ? 
3 non-polymer syn 'SULFATE ION' 96.063    1   ?       ? ? ? 
4 water       nat water 18.015    168 ?       ? ? ? 
# 
_entity_name_com.entity_id   1 
_entity_name_com.name        'PPIase A,Cyclophilin A,Cyclosporin A-binding protein,Rotamase A' 
# 
_entity_poly.entity_id                      1 
_entity_poly.type                           'polypeptide(L)' 
_entity_poly.nstd_linkage                   no 
_entity_poly.nstd_monomer                   no 
_entity_poly.pdbx_seq_one_letter_code       
;VNPTVFFDIAVDGEPLGRVSFELFADKVPKTAENFRALSTGEKGFGYKGSCFHRIIPGFMCQGGDFTRHNGTGGKSIYGE
KFEDENFILKHTGPGILSMANAGPNTNGSQFFICTAKTEWLDGKHVVFGKVKEGMNIVEAMERFGSRNGKTSKKITIADC
GQLE
;
_entity_poly.pdbx_seq_one_letter_code_can   
;VNPTVFFDIAVDGEPLGRVSFELFADKVPKTAENFRALSTGEKGFGYKGSCFHRIIPGFMCQGGDFTRHNGTGGKSIYGE
KFEDENFILKHTGPGILSMANAGPNTNGSQFFICTAKTEWLDGKHVVFGKVKEGMNIVEAMERFGSRNGKTSKKITIADC
GQLE
;
_entity_poly.pdbx_strand_id                 A 
_entity_poly.pdbx_target_identifier         ? 
# 
loop_
_pdbx_entity_nonpoly.entity_id 
_pdbx_entity_nonpoly.name 
_pdbx_entity_nonpoly.comp_id 
2 
;18-methoxy-2,11,17-trimethyl-14-(propan-2-yl)-3-oxa-9,12,15,28-tetraazatricyclo[21.3.1.1~5,9~]octacosa-1(27),21,23,25-tetraene-4,10,13,16-tetrone
;
838 
3 'SULFATE ION' SO4 
4 water HOH 
# 
loop_
_entity_poly_seq.entity_id 
_entity_poly_seq.num 
_entity_poly_seq.mon_id 
_entity_poly_seq.hetero 
1 1   VAL n 
1 2   ASN n 
1 3   PRO n 
1 4   THR n 
1 5   VAL n 
1 6   PHE n 
1 7   PHE n 
1 8   ASP n 
1 9   ILE n 
1 10  ALA n 
1 11  VAL n 
1 12  ASP n 
1 13  GLY n 
1 14  GLU n 
1 15  PRO n 
1 16  LEU n 
1 17  GLY n 
1 18  ARG n 
1 19  VAL n 
1 20  SER n 
1 21  PHE n 
1 22  GLU n 
1 23  LEU n 
1 24  PHE n 
1 25  ALA n 
1 26  ASP n 
1 27  LYS n 
1 28  VAL n 
1 29  PRO n 
1 30  LYS n 
1 31  THR n 
1 32  ALA n 
1 33  GLU n 
1 34  ASN n 
1 35  PHE n 
1 36  ARG n 
1 37  ALA n 
1 38  LEU n 
1 39  SER n 
1 40  THR n 
1 41  GLY n 
1 42  GLU n 
1 43  LYS n 
1 44  GLY n 
1 45  PHE n 
1 46  GLY n 
1 47  TYR n 
1 48  LYS n 
1 49  GLY n 
1 50  SER n 
1 51  CYS n 
1 52  PHE n 
1 53  HIS n 
1 54  ARG n 
1 55  ILE n 
1 56  ILE n 
1 57  PRO n 
1 58  GLY n 
1 59  PHE n 
1 60  MET n 
1 61  CYS n 
1 62  GLN n 
1 63  GLY n 
1 64  GLY n 
1 65  ASP n 
1 66  PHE n 
1 67  THR n 
1 68  ARG n 
1 69  HIS n 
1 70  ASN n 
1 71  GLY n 
1 72  THR n 
1 73  GLY n 
1 74  GLY n 
1 75  LYS n 
1 76  SER n 
1 77  ILE n 
1 78  TYR n 
1 79  GLY n 
1 80  GLU n 
1 81  LYS n 
1 82  PHE n 
1 83  GLU n 
1 84  ASP n 
1 85  GLU n 
1 86  ASN n 
1 87  PHE n 
1 88  ILE n 
1 89  LEU n 
1 90  LYS n 
1 91  HIS n 
1 92  THR n 
1 93  GLY n 
1 94  PRO n 
1 95  GLY n 
1 96  ILE n 
1 97  LEU n 
1 98  SER n 
1 99  MET n 
1 100 ALA n 
1 101 ASN n 
1 102 ALA n 
1 103 GLY n 
1 104 PRO n 
1 105 ASN n 
1 106 THR n 
1 107 ASN n 
1 108 GLY n 
1 109 SER n 
1 110 GLN n 
1 111 PHE n 
1 112 PHE n 
1 113 ILE n 
1 114 CYS n 
1 115 THR n 
1 116 ALA n 
1 117 LYS n 
1 118 THR n 
1 119 GLU n 
1 120 TRP n 
1 121 LEU n 
1 122 ASP n 
1 123 GLY n 
1 124 LYS n 
1 125 HIS n 
1 126 VAL n 
1 127 VAL n 
1 128 PHE n 
1 129 GLY n 
1 130 LYS n 
1 131 VAL n 
1 132 LYS n 
1 133 GLU n 
1 134 GLY n 
1 135 MET n 
1 136 ASN n 
1 137 ILE n 
1 138 VAL n 
1 139 GLU n 
1 140 ALA n 
1 141 MET n 
1 142 GLU n 
1 143 ARG n 
1 144 PHE n 
1 145 GLY n 
1 146 SER n 
1 147 ARG n 
1 148 ASN n 
1 149 GLY n 
1 150 LYS n 
1 151 THR n 
1 152 SER n 
1 153 LYS n 
1 154 LYS n 
1 155 ILE n 
1 156 THR n 
1 157 ILE n 
1 158 ALA n 
1 159 ASP n 
1 160 CYS n 
1 161 GLY n 
1 162 GLN n 
1 163 LEU n 
1 164 GLU n 
# 
_entity_src_gen.entity_id                          1 
_entity_src_gen.pdbx_src_id                        1 
_entity_src_gen.pdbx_alt_source_flag               sample 
_entity_src_gen.pdbx_seq_type                      'Biological sequence' 
_entity_src_gen.pdbx_beg_seq_num                   1 
_entity_src_gen.pdbx_end_seq_num                   164 
_entity_src_gen.gene_src_common_name               Human 
_entity_src_gen.gene_src_genus                     ? 
_entity_src_gen.pdbx_gene_src_gene                 'PPIA, CYPA' 
_entity_src_gen.gene_src_species                   ? 
_entity_src_gen.gene_src_strain                    ? 
_entity_src_gen.gene_src_tissue                    ? 
_entity_src_gen.gene_src_tissue_fraction           ? 
_entity_src_gen.gene_src_details                   ? 
_entity_src_gen.pdbx_gene_src_fragment             ? 
_entity_src_gen.pdbx_gene_src_scientific_name      'Homo sapiens' 
_entity_src_gen.pdbx_gene_src_ncbi_taxonomy_id     9606 
_entity_src_gen.pdbx_gene_src_variant              ? 
_entity_src_gen.pdbx_gene_src_cell_line            ? 
_entity_src_gen.pdbx_gene_src_atcc                 ? 
_entity_src_gen.pdbx_gene_src_organ                ? 
_entity_src_gen.pdbx_gene_src_organelle            ? 
_entity_src_gen.pdbx_gene_src_cell                 ? 
_entity_src_gen.pdbx_gene_src_cellular_location    ? 
_entity_src_gen.host_org_common_name               ? 
_entity_src_gen.pdbx_host_org_scientific_name      'Escherichia coli' 
_entity_src_gen.pdbx_host_org_ncbi_taxonomy_id     562 
_entity_src_gen.host_org_genus                     ? 
_entity_src_gen.pdbx_host_org_gene                 ? 
_entity_src_gen.pdbx_host_org_organ                ? 
_entity_src_gen.host_org_species                   ? 
_entity_src_gen.pdbx_host_org_tissue               ? 
_entity_src_gen.pdbx_host_org_tissue_fraction      ? 
_entity_src_gen.pdbx_host_org_strain               ? 
_entity_src_gen.pdbx_host_org_variant              ? 
_entity_src_gen.pdbx_host_org_cell_line            ? 
_entity_src_gen.pdbx_host_org_atcc                 ? 
_entity_src_gen.pdbx_host_org_culture_collection   ? 
_entity_src_gen.pdbx_host_org_cell                 ? 
_entity_src_gen.pdbx_host_org_organelle            ? 
_entity_src_gen.pdbx_host_org_cellular_location    ? 
_entity_src_gen.pdbx_host_org_vector_type          ? 
_entity_src_gen.pdbx_host_org_vector               ? 
_entity_src_gen.host_org_details                   ? 
_entity_src_gen.expression_system_id               ? 
_entity_src_gen.plasmid_name                       ? 
_entity_src_gen.plasmid_details                    ? 
_entity_src_gen.pdbx_description                   ? 
# 
loop_
_chem_comp.id 
_chem_comp.type 
_chem_comp.mon_nstd_flag 
_chem_comp.name 
_chem_comp.pdbx_synonyms 
_chem_comp.formula 
_chem_comp.formula_weight 
838 non-polymer         . 
;18-methoxy-2,11,17-trimethyl-14-(propan-2-yl)-3-oxa-9,12,15,28-tetraazatricyclo[21.3.1.1~5,9~]octacosa-1(27),21,23,25-tetraene-4,10,13,16-tetrone
;
? 'C30 H44 N4 O6'  556.694 
ALA 'L-peptide linking' y ALANINE ? 'C3 H7 N O2'     89.093  
ARG 'L-peptide linking' y ARGININE ? 'C6 H15 N4 O2 1' 175.209 
ASN 'L-peptide linking' y ASPARAGINE ? 'C4 H8 N2 O3'    132.118 
ASP 'L-peptide linking' y 'ASPARTIC ACID' ? 'C4 H7 N O4'     133.103 
CYS 'L-peptide linking' y CYSTEINE ? 'C3 H7 N O2 S'   121.158 
GLN 'L-peptide linking' y GLUTAMINE ? 'C5 H10 N2 O3'   146.144 
GLU 'L-peptide linking' y 'GLUTAMIC ACID' ? 'C5 H9 N O4'     147.129 
GLY 'peptide linking'   y GLYCINE ? 'C2 H5 N O2'     75.067  
HIS 'L-peptide linking' y HISTIDINE ? 'C6 H10 N3 O2 1' 156.162 
HOH non-polymer         . WATER ? 'H2 O'           18.015  
ILE 'L-peptide linking' y ISOLEUCINE ? 'C6 H13 N O2'    131.173 
LEU 'L-peptide linking' y LEUCINE ? 'C6 H13 N O2'    131.173 
LYS 'L-peptide linking' y LYSINE ? 'C6 H15 N2 O2 1' 147.195 
MET 'L-peptide linking' y METHIONINE ? 'C5 H11 N O2 S'  149.211 
PHE 'L-peptide linking' y PHENYLALANINE ? 'C9 H11 N O2'    165.189 
PRO 'L-peptide linking' y PROLINE ? 'C5 H9 N O2'     115.130 
SER 'L-peptide linking' y SERINE ? 'C3 H7 N O3'     105.093 
SO4 non-polymer         . 'SULFATE ION' ? 'O4 S -2'        96.063  
THR 'L-peptide linking' y THREONINE ? 'C4 H9 N O3'     119.119 
TRP 'L-peptide linking' y TRYPTOPHAN ? 'C11 H12 N2 O2'  204.225 
TYR 'L-peptide linking' y TYROSINE ? 'C9 H11 N O3'    181.189 
VAL 'L-peptide linking' y VALINE ? 'C5 H11 N O2'    117.146 
# 
loop_
_pdbx_poly_seq_scheme.asym_id 
_pdbx_poly_seq_scheme.entity_id 
_pdbx_poly_seq_scheme.seq_id 
_pdbx_poly_seq_scheme.mon_id 
_pdbx_poly_seq_scheme.ndb_seq_num 
_pdbx_poly_seq_scheme.pdb_seq_num 
_pdbx_poly_seq_scheme.auth_seq_num 
_pdbx_poly_seq_scheme.pdb_mon_id 
_pdbx_poly_seq_scheme.auth_mon_id 
_pdbx_poly_seq_scheme.pdb_strand_id 
_pdbx_poly_seq_scheme.pdb_ins_code 
_pdbx_poly_seq_scheme.hetero 
A 1 1   VAL 1   2   2   VAL VAL A . n 
A 1 2   ASN 2   3   3   ASN ASN A . n 
A 1 3   PRO 3   4   4   PRO PRO A . n 
A 1 4   THR 4   5   5   THR THR A . n 
A 1 5   VAL 5   6   6   VAL VAL A . n 
A 1 6   PHE 6   7   7   PHE PHE A . n 
A 1 7   PHE 7   8   8   PHE PHE A . n 
A 1 8   ASP 8   9   9   ASP ASP A . n 
A 1 9   ILE 9   10  10  ILE ILE A . n 
A 1 10  ALA 10  11  11  ALA ALA A . n 
A 1 11  VAL 11  12  12  VAL VAL A . n 
A 1 12  ASP 12  13  13  ASP ASP A . n 
A 1 13  GLY 13  14  14  GLY GLY A . n 
A 1 14  GLU 14  15  15  GLU GLU A . n 
A 1 15  PRO 15  16  16  PRO PRO A . n 
A 1 16  LEU 16  17  17  LEU LEU A . n 
A 1 17  GLY 17  18  18  GLY GLY A . n 
A 1 18  ARG 18  19  19  ARG ARG A . n 
A 1 19  VAL 19  20  20  VAL VAL A . n 
A 1 20  SER 20  21  21  SER SER A . n 
A 1 21  PHE 21  22  22  PHE PHE A . n 
A 1 22  GLU 22  23  23  GLU GLU A . n 
A 1 23  LEU 23  24  24  LEU LEU A . n 
A 1 24  PHE 24  25  25  PHE PHE A . n 
A 1 25  ALA 25  26  26  ALA ALA A . n 
A 1 26  ASP 26  27  27  ASP ASP A . n 
A 1 27  LYS 27  28  28  LYS LYS A . n 
A 1 28  VAL 28  29  29  VAL VAL A . n 
A 1 29  PRO 29  30  30  PRO PRO A . n 
A 1 30  LYS 30  31  31  LYS LYS A . n 
A 1 31  THR 31  32  32  THR THR A . n 
A 1 32  ALA 32  33  33  ALA ALA A . n 
A 1 33  GLU 33  34  34  GLU GLU A . n 
A 1 34  ASN 34  35  35  ASN ASN A . n 
A 1 35  PHE 35  36  36  PHE PHE A . n 
A 1 36  ARG 36  37  37  ARG ARG A . n 
A 1 37  ALA 37  38  38  ALA ALA A . n 
A 1 38  LEU 38  39  39  LEU LEU A . n 
A 1 39  SER 39  40  40  SER SER A . n 
A 1 40  THR 40  41  41  THR THR A . n 
A 1 41  GLY 41  42  42  GLY GLY A . n 
A 1 42  GLU 42  43  43  GLU GLU A . n 
A 1 43  LYS 43  44  44  LYS LYS A . n 
A 1 44  GLY 44  45  45  GLY GLY A . n 
A 1 45  PHE 45  46  46  PHE PHE A . n 
A 1 46  GLY 46  47  47  GLY GLY A . n 
A 1 47  TYR 47  48  48  TYR TYR A . n 
A 1 48  LYS 48  49  49  LYS LYS A . n 
A 1 49  GLY 49  50  50  GLY GLY A . n 
A 1 50  SER 50  51  51  SER SER A . n 
A 1 51  CYS 51  52  52  CYS CYS A . n 
A 1 52  PHE 52  53  53  PHE PHE A . n 
A 1 53  HIS 53  54  54  HIS HIS A . n 
A 1 54  ARG 54  55  55  ARG ARG A . n 
A 1 55  ILE 55  56  56  ILE ILE A . n 
A 1 56  ILE 56  57  57  ILE ILE A . n 
A 1 57  PRO 57  58  58  PRO PRO A . n 
A 1 58  GLY 58  59  59  GLY GLY A . n 
A 1 59  PHE 59  60  60  PHE PHE A . n 
A 1 60  MET 60  61  61  MET MET A . n 
A 1 61  CYS 61  62  62  CYS CYS A . n 
A 1 62  GLN 62  63  63  GLN GLN A . n 
A 1 63  GLY 63  64  64  GLY GLY A . n 
A 1 64  GLY 64  65  65  GLY GLY A . n 
A 1 65  ASP 65  66  66  ASP ASP A . n 
A 1 66  PHE 66  67  67  PHE PHE A . n 
A 1 67  THR 67  68  68  THR THR A . n 
A 1 68  ARG 68  69  69  ARG ARG A . n 
A 1 69  HIS 69  70  70  HIS HIS A . n 
A 1 70  ASN 70  71  71  ASN ASN A . n 
A 1 71  GLY 71  72  72  GLY GLY A . n 
A 1 72  THR 72  73  73  THR THR A . n 
A 1 73  GLY 73  74  74  GLY GLY A . n 
A 1 74  GLY 74  75  75  GLY GLY A . n 
A 1 75  LYS 75  76  76  LYS LYS A . n 
A 1 76  SER 76  77  77  SER SER A . n 
A 1 77  ILE 77  78  78  ILE ILE A . n 
A 1 78  TYR 78  79  79  TYR TYR A . n 
A 1 79  GLY 79  80  80  GLY GLY A . n 
A 1 80  GLU 80  81  81  GLU GLU A . n 
A 1 81  LYS 81  82  82  LYS LYS A . n 
A 1 82  PHE 82  83  83  PHE PHE A . n 
A 1 83  GLU 83  84  84  GLU GLU A . n 
A 1 84  ASP 84  85  85  ASP ASP A . n 
A 1 85  GLU 85  86  86  GLU GLU A . n 
A 1 86  ASN 86  87  87  ASN ASN A . n 
A 1 87  PHE 87  88  88  PHE PHE A . n 
A 1 88  ILE 88  89  89  ILE ILE A . n 
A 1 89  LEU 89  90  90  LEU LEU A . n 
A 1 90  LYS 90  91  91  LYS LYS A . n 
A 1 91  HIS 91  92  92  HIS HIS A . n 
A 1 92  THR 92  93  93  THR THR A . n 
A 1 93  GLY 93  94  94  GLY GLY A . n 
A 1 94  PRO 94  95  95  PRO PRO A . n 
A 1 95  GLY 95  96  96  GLY GLY A . n 
A 1 96  ILE 96  97  97  ILE ILE A . n 
A 1 97  LEU 97  98  98  LEU LEU A . n 
A 1 98  SER 98  99  99  SER SER A . n 
A 1 99  MET 99  100 100 MET MET A . n 
A 1 100 ALA 100 101 101 ALA ALA A . n 
A 1 101 ASN 101 102 102 ASN ASN A . n 
A 1 102 ALA 102 103 103 ALA ALA A . n 
A 1 103 GLY 103 104 104 GLY GLY A . n 
A 1 104 PRO 104 105 105 PRO PRO A . n 
A 1 105 ASN 105 106 106 ASN ASN A . n 
A 1 106 THR 106 107 107 THR THR A . n 
A 1 107 ASN 107 108 108 ASN ASN A . n 
A 1 108 GLY 108 109 109 GLY GLY A . n 
A 1 109 SER 109 110 110 SER SER A . n 
A 1 110 GLN 110 111 111 GLN GLN A . n 
A 1 111 PHE 111 112 112 PHE PHE A . n 
A 1 112 PHE 112 113 113 PHE PHE A . n 
A 1 113 ILE 113 114 114 ILE ILE A . n 
A 1 114 CYS 114 115 115 CYS CYS A . n 
A 1 115 THR 115 116 116 THR THR A . n 
A 1 116 ALA 116 117 117 ALA ALA A . n 
A 1 117 LYS 117 118 118 LYS LYS A . n 
A 1 118 THR 118 119 119 THR THR A . n 
A 1 119 GLU 119 120 120 GLU GLU A . n 
A 1 120 TRP 120 121 121 TRP TRP A . n 
A 1 121 LEU 121 122 122 LEU LEU A . n 
A 1 122 ASP 122 123 123 ASP ASP A . n 
A 1 123 GLY 123 124 124 GLY GLY A . n 
A 1 124 LYS 124 125 125 LYS LYS A . n 
A 1 125 HIS 125 126 126 HIS HIS A . n 
A 1 126 VAL 126 127 127 VAL VAL A . n 
A 1 127 VAL 127 128 128 VAL VAL A . n 
A 1 128 PHE 128 129 129 PHE PHE A . n 
A 1 129 GLY 129 130 130 GLY GLY A . n 
A 1 130 LYS 130 131 131 LYS LYS A . n 
A 1 131 VAL 131 132 132 VAL VAL A . n 
A 1 132 LYS 132 133 133 LYS LYS A . n 
A 1 133 GLU 133 134 134 GLU GLU A . n 
A 1 134 GLY 134 135 135 GLY GLY A . n 
A 1 135 MET 135 136 136 MET MET A . n 
A 1 136 ASN 136 137 137 ASN ASN A . n 
A 1 137 ILE 137 138 138 ILE ILE A . n 
A 1 138 VAL 138 139 139 VAL VAL A . n 
A 1 139 GLU 139 140 140 GLU GLU A . n 
A 1 140 ALA 140 141 141 ALA ALA A . n 
A 1 141 MET 141 142 142 MET MET A . n 
A 1 142 GLU 142 143 143 GLU GLU A . n 
A 1 143 ARG 143 144 144 ARG ARG A . n 
A 1 144 PHE 144 145 145 PHE PHE A . n 
A 1 145 GLY 145 146 146 GLY GLY A . n 
A 1 146 SER 146 147 147 SER SER A . n 
A 1 147 ARG 147 148 148 ARG ARG A . n 
A 1 148 ASN 148 149 149 ASN ASN A . n 
A 1 149 GLY 149 150 150 GLY GLY A . n 
A 1 150 LYS 150 151 151 LYS LYS A . n 
A 1 151 THR 151 152 152 THR THR A . n 
A 1 152 SER 152 153 153 SER SER A . n 
A 1 153 LYS 153 154 154 LYS LYS A . n 
A 1 154 LYS 154 155 155 LYS LYS A . n 
A 1 155 ILE 155 156 156 ILE ILE A . n 
A 1 156 THR 156 157 157 THR THR A . n 
A 1 157 ILE 157 158 158 ILE ILE A . n 
A 1 158 ALA 158 159 159 ALA ALA A . n 
A 1 159 ASP 159 160 160 ASP ASP A . n 
A 1 160 CYS 160 161 161 CYS CYS A . n 
A 1 161 GLY 161 162 162 GLY GLY A . n 
A 1 162 GLN 162 163 163 GLN GLN A . n 
A 1 163 LEU 163 164 164 LEU LEU A . n 
A 1 164 GLU 164 165 165 GLU GLU A . n 
# 
loop_
_pdbx_nonpoly_scheme.asym_id 
_pdbx_nonpoly_scheme.entity_id 
_pdbx_nonpoly_scheme.mon_id 
_pdbx_nonpoly_scheme.ndb_seq_num 
_pdbx_nonpoly_scheme.pdb_seq_num 
_pdbx_nonpoly_scheme.auth_seq_num 
_pdbx_nonpoly_scheme.pdb_mon_id 
_pdbx_nonpoly_scheme.auth_mon_id 
_pdbx_nonpoly_scheme.pdb_strand_id 
_pdbx_nonpoly_scheme.pdb_ins_code 
B 2 838 1   201 300 838 838 A . 
C 3 SO4 1   202 500 SO4 SO4 A . 
D 4 HOH 1   301 123 HOH HOH A . 
D 4 HOH 2   302 124 HOH HOH A . 
D 4 HOH 3   303 66  HOH HOH A . 
D 4 HOH 4   304 129 HOH HOH A . 
D 4 HOH 5   305 110 HOH HOH A . 
D 4 HOH 6   306 45  HOH HOH A . 
D 4 HOH 7   307 133 HOH HOH A . 
D 4 HOH 8   308 136 HOH HOH A . 
D 4 HOH 9   309 61  HOH HOH A . 
D 4 HOH 10  310 32  HOH HOH A . 
D 4 HOH 11  311 159 HOH HOH A . 
D 4 HOH 12  312 64  HOH HOH A . 
D 4 HOH 13  313 108 HOH HOH A . 
D 4 HOH 14  314 119 HOH HOH A . 
D 4 HOH 15  315 85  HOH HOH A . 
D 4 HOH 16  316 118 HOH HOH A . 
D 4 HOH 17  317 81  HOH HOH A . 
D 4 HOH 18  318 107 HOH HOH A . 
D 4 HOH 19  319 3   HOH HOH A . 
D 4 HOH 20  320 116 HOH HOH A . 
D 4 HOH 21  321 37  HOH HOH A . 
D 4 HOH 22  322 20  HOH HOH A . 
D 4 HOH 23  323 145 HOH HOH A . 
D 4 HOH 24  324 10  HOH HOH A . 
D 4 HOH 25  325 101 HOH HOH A . 
D 4 HOH 26  326 93  HOH HOH A . 
D 4 HOH 27  327 86  HOH HOH A . 
D 4 HOH 28  328 62  HOH HOH A . 
D 4 HOH 29  329 83  HOH HOH A . 
D 4 HOH 30  330 114 HOH HOH A . 
D 4 HOH 31  331 155 HOH HOH A . 
D 4 HOH 32  332 8   HOH HOH A . 
D 4 HOH 33  333 6   HOH HOH A . 
D 4 HOH 34  334 115 HOH HOH A . 
D 4 HOH 35  335 104 HOH HOH A . 
D 4 HOH 36  336 22  HOH HOH A . 
D 4 HOH 37  337 117 HOH HOH A . 
D 4 HOH 38  338 148 HOH HOH A . 
D 4 HOH 39  339 130 HOH HOH A . 
D 4 HOH 40  340 158 HOH HOH A . 
D 4 HOH 41  341 14  HOH HOH A . 
D 4 HOH 42  342 7   HOH HOH A . 
D 4 HOH 43  343 90  HOH HOH A . 
D 4 HOH 44  344 18  HOH HOH A . 
D 4 HOH 45  345 170 HOH HOH A . 
D 4 HOH 46  346 84  HOH HOH A . 
D 4 HOH 47  347 12  HOH HOH A . 
D 4 HOH 48  348 54  HOH HOH A . 
D 4 HOH 49  349 100 HOH HOH A . 
D 4 HOH 50  350 106 HOH HOH A . 
D 4 HOH 51  351 5   HOH HOH A . 
D 4 HOH 52  352 144 HOH HOH A . 
D 4 HOH 53  353 151 HOH HOH A . 
D 4 HOH 54  354 65  HOH HOH A . 
D 4 HOH 55  355 49  HOH HOH A . 
D 4 HOH 56  356 132 HOH HOH A . 
D 4 HOH 57  357 31  HOH HOH A . 
D 4 HOH 58  358 2   HOH HOH A . 
D 4 HOH 59  359 72  HOH HOH A . 
D 4 HOH 60  360 38  HOH HOH A . 
D 4 HOH 61  361 166 HOH HOH A . 
D 4 HOH 62  362 146 HOH HOH A . 
D 4 HOH 63  363 19  HOH HOH A . 
D 4 HOH 64  364 1   HOH HOH A . 
D 4 HOH 65  365 41  HOH HOH A . 
D 4 HOH 66  366 70  HOH HOH A . 
D 4 HOH 67  367 24  HOH HOH A . 
D 4 HOH 68  368 157 HOH HOH A . 
D 4 HOH 69  369 77  HOH HOH A . 
D 4 HOH 70  370 13  HOH HOH A . 
D 4 HOH 71  371 79  HOH HOH A . 
D 4 HOH 72  372 122 HOH HOH A . 
D 4 HOH 73  373 23  HOH HOH A . 
D 4 HOH 74  374 67  HOH HOH A . 
D 4 HOH 75  375 27  HOH HOH A . 
D 4 HOH 76  376 105 HOH HOH A . 
D 4 HOH 77  377 165 HOH HOH A . 
D 4 HOH 78  378 74  HOH HOH A . 
D 4 HOH 79  379 87  HOH HOH A . 
D 4 HOH 80  380 25  HOH HOH A . 
D 4 HOH 81  381 137 HOH HOH A . 
D 4 HOH 82  382 112 HOH HOH A . 
D 4 HOH 83  383 96  HOH HOH A . 
D 4 HOH 84  384 52  HOH HOH A . 
D 4 HOH 85  385 95  HOH HOH A . 
D 4 HOH 86  386 30  HOH HOH A . 
D 4 HOH 87  387 113 HOH HOH A . 
D 4 HOH 88  388 167 HOH HOH A . 
D 4 HOH 89  389 39  HOH HOH A . 
D 4 HOH 90  390 99  HOH HOH A . 
D 4 HOH 91  391 58  HOH HOH A . 
D 4 HOH 92  392 57  HOH HOH A . 
D 4 HOH 93  393 97  HOH HOH A . 
D 4 HOH 94  394 131 HOH HOH A . 
D 4 HOH 95  395 28  HOH HOH A . 
D 4 HOH 96  396 169 HOH HOH A . 
D 4 HOH 97  397 78  HOH HOH A . 
D 4 HOH 98  398 51  HOH HOH A . 
D 4 HOH 99  399 89  HOH HOH A . 
D 4 HOH 100 400 17  HOH HOH A . 
D 4 HOH 101 401 92  HOH HOH A . 
D 4 HOH 102 402 33  HOH HOH A . 
D 4 HOH 103 403 98  HOH HOH A . 
D 4 HOH 104 404 75  HOH HOH A . 
D 4 HOH 105 405 43  HOH HOH A . 
D 4 HOH 106 406 69  HOH HOH A . 
D 4 HOH 107 407 11  HOH HOH A . 
D 4 HOH 108 408 4   HOH HOH A . 
D 4 HOH 109 409 60  HOH HOH A . 
D 4 HOH 110 410 44  HOH HOH A . 
D 4 HOH 111 411 76  HOH HOH A . 
D 4 HOH 112 412 82  HOH HOH A . 
D 4 HOH 113 413 73  HOH HOH A . 
D 4 HOH 114 414 109 HOH HOH A . 
D 4 HOH 115 415 154 HOH HOH A . 
D 4 HOH 116 416 55  HOH HOH A . 
D 4 HOH 117 417 9   HOH HOH A . 
D 4 HOH 118 418 156 HOH HOH A . 
D 4 HOH 119 419 36  HOH HOH A . 
D 4 HOH 120 420 47  HOH HOH A . 
D 4 HOH 121 421 35  HOH HOH A . 
D 4 HOH 122 422 46  HOH HOH A . 
D 4 HOH 123 423 56  HOH HOH A . 
D 4 HOH 124 424 153 HOH HOH A . 
D 4 HOH 125 425 40  HOH HOH A . 
D 4 HOH 126 426 63  HOH HOH A . 
D 4 HOH 127 427 125 HOH HOH A . 
D 4 HOH 128 428 135 HOH HOH A . 
D 4 HOH 129 429 15  HOH HOH A . 
D 4 HOH 130 430 16  HOH HOH A . 
D 4 HOH 131 431 48  HOH HOH A . 
D 4 HOH 132 432 163 HOH HOH A . 
D 4 HOH 133 433 127 HOH HOH A . 
D 4 HOH 134 434 91  HOH HOH A . 
D 4 HOH 135 435 103 HOH HOH A . 
D 4 HOH 136 436 50  HOH HOH A . 
D 4 HOH 137 437 128 HOH HOH A . 
D 4 HOH 138 438 26  HOH HOH A . 
D 4 HOH 139 439 126 HOH HOH A . 
D 4 HOH 140 440 162 HOH HOH A . 
D 4 HOH 141 441 21  HOH HOH A . 
D 4 HOH 142 442 147 HOH HOH A . 
D 4 HOH 143 443 80  HOH HOH A . 
D 4 HOH 144 444 152 HOH HOH A . 
D 4 HOH 145 445 94  HOH HOH A . 
D 4 HOH 146 446 102 HOH HOH A . 
D 4 HOH 147 447 134 HOH HOH A . 
D 4 HOH 148 448 140 HOH HOH A . 
D 4 HOH 149 449 168 HOH HOH A . 
D 4 HOH 150 450 142 HOH HOH A . 
D 4 HOH 151 451 149 HOH HOH A . 
D 4 HOH 152 452 111 HOH HOH A . 
D 4 HOH 153 453 59  HOH HOH A . 
D 4 HOH 154 454 53  HOH HOH A . 
D 4 HOH 155 455 121 HOH HOH A . 
D 4 HOH 156 456 164 HOH HOH A . 
D 4 HOH 157 457 141 HOH HOH A . 
D 4 HOH 158 458 120 HOH HOH A . 
D 4 HOH 159 459 161 HOH HOH A . 
D 4 HOH 160 460 139 HOH HOH A . 
D 4 HOH 161 461 143 HOH HOH A . 
D 4 HOH 162 462 29  HOH HOH A . 
D 4 HOH 163 463 71  HOH HOH A . 
D 4 HOH 164 464 88  HOH HOH A . 
D 4 HOH 165 465 150 HOH HOH A . 
D 4 HOH 166 466 160 HOH HOH A . 
D 4 HOH 167 467 138 HOH HOH A . 
D 4 HOH 168 468 68  HOH HOH A . 
# 
loop_
_software.citation_id 
_software.classification 
_software.compiler_name 
_software.compiler_version 
_software.contact_author 
_software.contact_author_email 
_software.date 
_software.description 
_software.dependencies 
_software.hardware 
_software.language 
_software.location 
_software.mods 
_software.name 
_software.os 
_software.os_version 
_software.type 
_software.version 
_software.pdbx_ordinal 
? 'data scaling'    ? ? ? ? ? ? ? ? ? ? ? d*TREK      ? ? ? .        1 
? refinement        ? ? ? ? ? ? ? ? ? ? ? PHENIX      ? ? ? 1.9_1692 2 
? 'data extraction' ? ? ? ? ? ? ? ? ? ? ? PDB_EXTRACT ? ? ? 3.20     3 
# 
_cell.angle_alpha                  90.000 
_cell.angle_alpha_esd              ? 
_cell.angle_beta                   90.000 
_cell.angle_beta_esd               ? 
_cell.angle_gamma                  90.000 
_cell.angle_gamma_esd              ? 
_cell.entry_id                     5TA4 
_cell.details                      ? 
_cell.formula_units_Z              ? 
_cell.length_a                     47.797 
_cell.length_a_esd                 ? 
_cell.length_b                     47.797 
_cell.length_b_esd                 ? 
_cell.length_c                     64.504 
_cell.length_c_esd                 ? 
_cell.volume                       ? 
_cell.volume_esd                   ? 
_cell.Z_PDB                        4 
_cell.reciprocal_angle_alpha       ? 
_cell.reciprocal_angle_beta        ? 
_cell.reciprocal_angle_gamma       ? 
_cell.reciprocal_angle_alpha_esd   ? 
_cell.reciprocal_angle_beta_esd    ? 
_cell.reciprocal_angle_gamma_esd   ? 
_cell.reciprocal_length_a          ? 
_cell.reciprocal_length_b          ? 
_cell.reciprocal_length_c          ? 
_cell.reciprocal_length_a_esd      ? 
_cell.reciprocal_length_b_esd      ? 
_cell.reciprocal_length_c_esd      ? 
_cell.pdbx_unique_axis             ? 
# 
_symmetry.entry_id                         5TA4 
_symmetry.cell_setting                     ? 
_symmetry.Int_Tables_number                78 
_symmetry.space_group_name_Hall            ? 
_symmetry.space_group_name_H-M             'P 43' 
_symmetry.pdbx_full_space_group_name_H-M   ? 
# 
_exptl.absorpt_coefficient_mu     ? 
_exptl.absorpt_correction_T_max   ? 
_exptl.absorpt_correction_T_min   ? 
_exptl.absorpt_correction_type    ? 
_exptl.absorpt_process_details    ? 
_exptl.entry_id                   5TA4 
_exptl.crystals_number            1 
_exptl.details                    ? 
_exptl.method                     'X-RAY DIFFRACTION' 
_exptl.method_details             ? 
# 
_exptl_crystal.colour                      ? 
_exptl_crystal.density_diffrn              ? 
_exptl_crystal.density_Matthews            2.06 
_exptl_crystal.density_method              ? 
_exptl_crystal.density_percent_sol         40.22 
_exptl_crystal.description                 ? 
_exptl_crystal.F_000                       ? 
_exptl_crystal.id                          1 
_exptl_crystal.preparation                 ? 
_exptl_crystal.size_max                    ? 
_exptl_crystal.size_mid                    ? 
_exptl_crystal.size_min                    ? 
_exptl_crystal.size_rad                    ? 
_exptl_crystal.colour_lustre               ? 
_exptl_crystal.colour_modifier             ? 
_exptl_crystal.colour_primary              ? 
_exptl_crystal.density_meas                ? 
_exptl_crystal.density_meas_esd            ? 
_exptl_crystal.density_meas_gt             ? 
_exptl_crystal.density_meas_lt             ? 
_exptl_crystal.density_meas_temp           ? 
_exptl_crystal.density_meas_temp_esd       ? 
_exptl_crystal.density_meas_temp_gt        ? 
_exptl_crystal.density_meas_temp_lt        ? 
_exptl_crystal.pdbx_crystal_image_url      ? 
_exptl_crystal.pdbx_crystal_image_format   ? 
_exptl_crystal.pdbx_mosaicity              ? 
_exptl_crystal.pdbx_mosaicity_esd          ? 
# 
_exptl_crystal_grow.apparatus       ? 
_exptl_crystal_grow.atmosphere      ? 
_exptl_crystal_grow.crystal_id      1 
_exptl_crystal_grow.details         ? 
_exptl_crystal_grow.method          'VAPOR DIFFUSION' 
_exptl_crystal_grow.method_ref      ? 
_exptl_crystal_grow.pH              8.5 
_exptl_crystal_grow.pressure        ? 
_exptl_crystal_grow.pressure_esd    ? 
_exptl_crystal_grow.seeding         ? 
_exptl_crystal_grow.seeding_ref     ? 
_exptl_crystal_grow.temp            293 
_exptl_crystal_grow.temp_details    ? 
_exptl_crystal_grow.temp_esd        ? 
_exptl_crystal_grow.time            ? 
_exptl_crystal_grow.pdbx_details    
;0.1 M Tris-HCl, pH 8.5
0.2 M potassium chloride
2.0 M ammonium sulfate
;
_exptl_crystal_grow.pdbx_pH_range   ? 
# 
_diffrn.ambient_environment    ? 
_diffrn.ambient_temp           100 
_diffrn.ambient_temp_details   ? 
_diffrn.ambient_temp_esd       ? 
_diffrn.crystal_id             1 
_diffrn.crystal_support        ? 
_diffrn.crystal_treatment      ? 
_diffrn.details                ? 
_diffrn.id                     1 
_diffrn.ambient_pressure       ? 
_diffrn.ambient_pressure_esd   ? 
_diffrn.ambient_pressure_gt    ? 
_diffrn.ambient_pressure_lt    ? 
_diffrn.ambient_temp_gt        ? 
_diffrn.ambient_temp_lt        ? 
# 
_diffrn_detector.details                      ? 
_diffrn_detector.detector                     'IMAGE PLATE' 
_diffrn_detector.diffrn_id                    1 
_diffrn_detector.type                         'RIGAKU RAXIS IV' 
_diffrn_detector.area_resol_mean              ? 
_diffrn_detector.dtime                        ? 
_diffrn_detector.pdbx_frames_total            ? 
_diffrn_detector.pdbx_collection_time_total   ? 
_diffrn_detector.pdbx_collection_date         2011-03-07 
# 
_diffrn_radiation.collimation                      ? 
_diffrn_radiation.diffrn_id                        1 
_diffrn_radiation.filter_edge                      ? 
_diffrn_radiation.inhomogeneity                    ? 
_diffrn_radiation.monochromator                    ? 
_diffrn_radiation.polarisn_norm                    ? 
_diffrn_radiation.polarisn_ratio                   ? 
_diffrn_radiation.probe                            ? 
_diffrn_radiation.type                             ? 
_diffrn_radiation.xray_symbol                      ? 
_diffrn_radiation.wavelength_id                    1 
_diffrn_radiation.pdbx_monochromatic_or_laue_m_l   M 
_diffrn_radiation.pdbx_wavelength_list             ? 
_diffrn_radiation.pdbx_wavelength                  ? 
_diffrn_radiation.pdbx_diffrn_protocol             'SINGLE WAVELENGTH' 
_diffrn_radiation.pdbx_analyzer                    ? 
_diffrn_radiation.pdbx_scattering_type             x-ray 
# 
_diffrn_radiation_wavelength.id           1 
_diffrn_radiation_wavelength.wavelength   1.54 
_diffrn_radiation_wavelength.wt           1.0 
# 
_diffrn_source.current                     ? 
_diffrn_source.details                     ? 
_diffrn_source.diffrn_id                   1 
_diffrn_source.power                       ? 
_diffrn_source.size                        ? 
_diffrn_source.source                      'ROTATING ANODE' 
_diffrn_source.target                      ? 
_diffrn_source.type                        'RIGAKU MICROMAX-007 HF' 
_diffrn_source.voltage                     ? 
_diffrn_source.take-off_angle              ? 
_diffrn_source.pdbx_wavelength_list        1.54 
_diffrn_source.pdbx_wavelength             ? 
_diffrn_source.pdbx_synchrotron_beamline   ? 
_diffrn_source.pdbx_synchrotron_site       ? 
# 
_reflns.B_iso_Wilson_estimate            14.950 
_reflns.entry_id                         5TA4 
_reflns.data_reduction_details           ? 
_reflns.data_reduction_method            ? 
_reflns.d_resolution_high                1.500 
_reflns.d_resolution_low                 19.200 
_reflns.details                          ? 
_reflns.limit_h_max                      ? 
_reflns.limit_h_min                      ? 
_reflns.limit_k_max                      ? 
_reflns.limit_k_min                      ? 
_reflns.limit_l_max                      ? 
_reflns.limit_l_min                      ? 
_reflns.number_all                       ? 
_reflns.number_obs                       23259 
_reflns.observed_criterion               ? 
_reflns.observed_criterion_F_max         ? 
_reflns.observed_criterion_F_min         ? 
_reflns.observed_criterion_I_max         ? 
_reflns.observed_criterion_I_min         ? 
_reflns.observed_criterion_sigma_F       ? 
_reflns.observed_criterion_sigma_I       ? 
_reflns.percent_possible_obs             99.900 
_reflns.R_free_details                   ? 
_reflns.Rmerge_F_all                     ? 
_reflns.Rmerge_F_obs                     ? 
_reflns.Friedel_coverage                 ? 
_reflns.number_gt                        ? 
_reflns.threshold_expression             ? 
_reflns.pdbx_redundancy                  4.490 
_reflns.pdbx_Rmerge_I_obs                0.043 
_reflns.pdbx_Rmerge_I_all                ? 
_reflns.pdbx_Rsym_value                  ? 
_reflns.pdbx_netI_over_av_sigmaI         ? 
_reflns.pdbx_netI_over_sigmaI            20.700 
_reflns.pdbx_res_netI_over_av_sigmaI_2   ? 
_reflns.pdbx_res_netI_over_sigmaI_2      ? 
_reflns.pdbx_chi_squared                 0.970 
_reflns.pdbx_scaling_rejects             789 
_reflns.pdbx_d_res_high_opt              ? 
_reflns.pdbx_d_res_low_opt               ? 
_reflns.pdbx_d_res_opt_method            ? 
_reflns.phase_calculation_details        ? 
_reflns.pdbx_Rrim_I_all                  0.043 
_reflns.pdbx_Rpim_I_all                  ? 
_reflns.pdbx_d_opt                       ? 
_reflns.pdbx_number_measured_all         105166 
_reflns.pdbx_diffrn_id                   1 
_reflns.pdbx_ordinal                     1 
_reflns.pdbx_CC_half                     ? 
_reflns.pdbx_R_split                     ? 
# 
loop_
_reflns_shell.d_res_high 
_reflns_shell.d_res_low 
_reflns_shell.meanI_over_sigI_all 
_reflns_shell.meanI_over_sigI_obs 
_reflns_shell.number_measured_all 
_reflns_shell.number_measured_obs 
_reflns_shell.number_possible 
_reflns_shell.number_unique_all 
_reflns_shell.number_unique_obs 
_reflns_shell.percent_possible_all 
_reflns_shell.percent_possible_obs 
_reflns_shell.Rmerge_F_all 
_reflns_shell.Rmerge_F_obs 
_reflns_shell.Rmerge_I_all 
_reflns_shell.Rmerge_I_obs 
_reflns_shell.meanI_over_sigI_gt 
_reflns_shell.meanI_over_uI_all 
_reflns_shell.meanI_over_uI_gt 
_reflns_shell.number_measured_gt 
_reflns_shell.number_unique_gt 
_reflns_shell.percent_possible_gt 
_reflns_shell.Rmerge_F_gt 
_reflns_shell.Rmerge_I_gt 
_reflns_shell.pdbx_redundancy 
_reflns_shell.pdbx_Rsym_value 
_reflns_shell.pdbx_chi_squared 
_reflns_shell.pdbx_netI_over_sigmaI_all 
_reflns_shell.pdbx_netI_over_sigmaI_obs 
_reflns_shell.pdbx_Rrim_I_all 
_reflns_shell.pdbx_Rpim_I_all 
_reflns_shell.pdbx_rejects 
_reflns_shell.pdbx_ordinal 
_reflns_shell.pdbx_diffrn_id 
_reflns_shell.pdbx_CC_half 
_reflns_shell.pdbx_R_split 
1.500 1.550  ? 2.100  ? ? ? ? ? 99.300  ? ? ? ? 0.445 ? ? ? ? ? ? ? ? 4.130 ? ? ? ? ? ? ? 1  1 ? ? 
1.550 1.610  ? 4.500  ? ? ? ? ? 100.000 ? ? ? ? 0.208 ? ? ? ? ? ? ? ? 4.280 ? ? ? ? ? ? ? 2  1 ? ? 
1.610 1.690  ? 6.300  ? ? ? ? ? 100.000 ? ? ? ? 0.148 ? ? ? ? ? ? ? ? 4.390 ? ? ? ? ? ? ? 3  1 ? ? 
1.690 1.780  ? 8.400  ? ? ? ? ? 100.000 ? ? ? ? 0.113 ? ? ? ? ? ? ? ? 4.430 ? ? ? ? ? ? ? 4  1 ? ? 
1.780 1.890  ? 12.900 ? ? ? ? ? 100.000 ? ? ? ? 0.074 ? ? ? ? ? ? ? ? 4.510 ? ? ? ? ? ? ? 5  1 ? ? 
1.890 2.030  ? 17.900 ? ? ? ? ? 100.000 ? ? ? ? 0.055 ? ? ? ? ? ? ? ? 4.530 ? ? ? ? ? ? ? 6  1 ? ? 
2.030 2.240  ? 23.800 ? ? ? ? ? 100.000 ? ? ? ? 0.046 ? ? ? ? ? ? ? ? 4.620 ? ? ? ? ? ? ? 7  1 ? ? 
2.240 2.560  ? 26.600 ? ? ? ? ? 100.000 ? ? ? ? 0.040 ? ? ? ? ? ? ? ? 4.670 ? ? ? ? ? ? ? 8  1 ? ? 
2.560 3.220  ? 36.100 ? ? ? ? ? 99.800  ? ? ? ? 0.035 ? ? ? ? ? ? ? ? 4.700 ? ? ? ? ? ? ? 9  1 ? ? 
3.220 19.200 ? 62.400 ? ? ? ? ? 99.600  ? ? ? ? 0.028 ? ? ? ? ? ? ? ? 4.600 ? ? ? ? ? ? ? 10 1 ? ? 
# 
_refine.aniso_B[1][1]                            ? 
_refine.aniso_B[1][2]                            ? 
_refine.aniso_B[1][3]                            ? 
_refine.aniso_B[2][2]                            ? 
_refine.aniso_B[2][3]                            ? 
_refine.aniso_B[3][3]                            ? 
_refine.B_iso_max                                72.470 
_refine.B_iso_mean                               15.4160 
_refine.B_iso_min                                5.590 
_refine.correlation_coeff_Fo_to_Fc               ? 
_refine.correlation_coeff_Fo_to_Fc_free          ? 
_refine.details                                  ? 
_refine.diff_density_max                         ? 
_refine.diff_density_max_esd                     ? 
_refine.diff_density_min                         ? 
_refine.diff_density_min_esd                     ? 
_refine.diff_density_rms                         ? 
_refine.diff_density_rms_esd                     ? 
_refine.entry_id                                 5TA4 
_refine.pdbx_refine_id                           'X-RAY DIFFRACTION' 
_refine.ls_abs_structure_details                 ? 
_refine.ls_abs_structure_Flack                   ? 
_refine.ls_abs_structure_Flack_esd               ? 
_refine.ls_abs_structure_Rogers                  ? 
_refine.ls_abs_structure_Rogers_esd              ? 
_refine.ls_d_res_high                            1.5000 
_refine.ls_d_res_low                             19.2000 
_refine.ls_extinction_coef                       ? 
_refine.ls_extinction_coef_esd                   ? 
_refine.ls_extinction_expression                 ? 
_refine.ls_extinction_method                     ? 
_refine.ls_goodness_of_fit_all                   ? 
_refine.ls_goodness_of_fit_all_esd               ? 
_refine.ls_goodness_of_fit_obs                   ? 
_refine.ls_goodness_of_fit_obs_esd               ? 
_refine.ls_hydrogen_treatment                    ? 
_refine.ls_matrix_type                           ? 
_refine.ls_number_constraints                    ? 
_refine.ls_number_parameters                     ? 
_refine.ls_number_reflns_all                     ? 
_refine.ls_number_reflns_obs                     23203 
_refine.ls_number_reflns_R_free                  1989 
_refine.ls_number_reflns_R_work                  ? 
_refine.ls_number_restraints                     ? 
_refine.ls_percent_reflns_obs                    99.6300 
_refine.ls_percent_reflns_R_free                 8.5700 
_refine.ls_R_factor_all                          ? 
_refine.ls_R_factor_obs                          0.1785 
_refine.ls_R_factor_R_free                       0.2062 
_refine.ls_R_factor_R_free_error                 ? 
_refine.ls_R_factor_R_free_error_details         ? 
_refine.ls_R_factor_R_work                       0.1759 
_refine.ls_R_Fsqd_factor_obs                     ? 
_refine.ls_R_I_factor_obs                        ? 
_refine.ls_redundancy_reflns_all                 ? 
_refine.ls_redundancy_reflns_obs                 ? 
_refine.ls_restrained_S_all                      ? 
_refine.ls_restrained_S_obs                      ? 
_refine.ls_shift_over_esd_max                    ? 
_refine.ls_shift_over_esd_mean                   ? 
_refine.ls_structure_factor_coef                 ? 
_refine.ls_weighting_details                     ? 
_refine.ls_weighting_scheme                      ? 
_refine.ls_wR_factor_all                         ? 
_refine.ls_wR_factor_obs                         ? 
_refine.ls_wR_factor_R_free                      ? 
_refine.ls_wR_factor_R_work                      ? 
_refine.occupancy_max                            ? 
_refine.occupancy_min                            ? 
_refine.solvent_model_details                    ? 
_refine.solvent_model_param_bsol                 ? 
_refine.solvent_model_param_ksol                 ? 
_refine.ls_R_factor_gt                           ? 
_refine.ls_goodness_of_fit_gt                    ? 
_refine.ls_goodness_of_fit_ref                   ? 
_refine.ls_shift_over_su_max                     ? 
_refine.ls_shift_over_su_max_lt                  ? 
_refine.ls_shift_over_su_mean                    ? 
_refine.ls_shift_over_su_mean_lt                 ? 
_refine.pdbx_ls_sigma_I                          ? 
_refine.pdbx_ls_sigma_F                          0.080 
_refine.pdbx_ls_sigma_Fsqd                       ? 
_refine.pdbx_data_cutoff_high_absF               ? 
_refine.pdbx_data_cutoff_high_rms_absF           ? 
_refine.pdbx_data_cutoff_low_absF                ? 
_refine.pdbx_isotropic_thermal_model             ? 
_refine.pdbx_ls_cross_valid_method               'FREE R-VALUE' 
_refine.pdbx_method_to_determine_struct          ? 
_refine.pdbx_starting_model                      ? 
_refine.pdbx_stereochemistry_target_values       ? 
_refine.pdbx_R_Free_selection_details            ? 
_refine.pdbx_stereochem_target_val_spec_case     ? 
_refine.pdbx_overall_ESU_R                       ? 
_refine.pdbx_overall_ESU_R_Free                  ? 
_refine.pdbx_solvent_vdw_probe_radii             1.1100 
_refine.pdbx_solvent_ion_probe_radii             ? 
_refine.pdbx_solvent_shrinkage_radii             0.9000 
_refine.pdbx_real_space_R                        ? 
_refine.pdbx_density_correlation                 ? 
_refine.pdbx_pd_number_of_powder_patterns        ? 
_refine.pdbx_pd_number_of_points                 ? 
_refine.pdbx_pd_meas_number_of_points            ? 
_refine.pdbx_pd_proc_ls_prof_R_factor            ? 
_refine.pdbx_pd_proc_ls_prof_wR_factor           ? 
_refine.pdbx_pd_Marquardt_correlation_coeff      ? 
_refine.pdbx_pd_Fsqrd_R_factor                   ? 
_refine.pdbx_pd_ls_matrix_band_width             ? 
_refine.pdbx_overall_phase_error                 22.5800 
_refine.pdbx_overall_SU_R_free_Cruickshank_DPI   ? 
_refine.pdbx_overall_SU_R_free_Blow_DPI          ? 
_refine.pdbx_overall_SU_R_Blow_DPI               ? 
_refine.pdbx_TLS_residual_ADP_flag               ? 
_refine.pdbx_diffrn_id                           1 
_refine.overall_SU_B                             ? 
_refine.overall_SU_ML                            0.1900 
_refine.overall_SU_R_Cruickshank_DPI             ? 
_refine.overall_SU_R_free                        ? 
_refine.overall_FOM_free_R_set                   ? 
_refine.overall_FOM_work_R_set                   ? 
_refine.pdbx_average_fsc_overall                 ? 
_refine.pdbx_average_fsc_work                    ? 
_refine.pdbx_average_fsc_free                    ? 
# 
_refine_hist.cycle_id                         final 
_refine_hist.pdbx_refine_id                   'X-RAY DIFFRACTION' 
_refine_hist.d_res_high                       1.5000 
_refine_hist.d_res_low                        19.2000 
_refine_hist.pdbx_number_atoms_ligand         45 
_refine_hist.number_atoms_solvent             168 
_refine_hist.number_atoms_total               1471 
_refine_hist.pdbx_number_residues_total       164 
_refine_hist.pdbx_B_iso_mean_ligand           16.03 
_refine_hist.pdbx_B_iso_mean_solvent          25.70 
_refine_hist.pdbx_number_atoms_protein        1258 
_refine_hist.pdbx_number_atoms_nucleic_acid   0 
# 
loop_
_refine_ls_restr.pdbx_refine_id 
_refine_ls_restr.criterion 
_refine_ls_restr.dev_ideal 
_refine_ls_restr.dev_ideal_target 
_refine_ls_restr.number 
_refine_ls_restr.rejects 
_refine_ls_restr.type 
_refine_ls_restr.weight 
_refine_ls_restr.pdbx_restraint_function 
'X-RAY DIFFRACTION' ? 0.007  ? 1336 ? f_bond_d           ? ? 
'X-RAY DIFFRACTION' ? 1.121  ? 1796 ? f_angle_d          ? ? 
'X-RAY DIFFRACTION' ? 0.048  ? 185  ? f_chiral_restr     ? ? 
'X-RAY DIFFRACTION' ? 0.004  ? 236  ? f_plane_restr      ? ? 
'X-RAY DIFFRACTION' ? 11.715 ? 478  ? f_dihedral_angle_d ? ? 
# 
loop_
_refine_ls_shell.pdbx_refine_id 
_refine_ls_shell.d_res_high 
_refine_ls_shell.d_res_low 
_refine_ls_shell.number_reflns_all 
_refine_ls_shell.number_reflns_obs 
_refine_ls_shell.number_reflns_R_free 
_refine_ls_shell.number_reflns_R_work 
_refine_ls_shell.percent_reflns_obs 
_refine_ls_shell.percent_reflns_R_free 
_refine_ls_shell.R_factor_all 
_refine_ls_shell.R_factor_obs 
_refine_ls_shell.R_factor_R_free 
_refine_ls_shell.R_factor_R_free_error 
_refine_ls_shell.R_factor_R_work 
_refine_ls_shell.redundancy_reflns_all 
_refine_ls_shell.redundancy_reflns_obs 
_refine_ls_shell.wR_factor_all 
_refine_ls_shell.wR_factor_obs 
_refine_ls_shell.wR_factor_R_free 
_refine_ls_shell.wR_factor_R_work 
_refine_ls_shell.pdbx_total_number_of_bins_used 
_refine_ls_shell.pdbx_phase_error 
_refine_ls_shell.pdbx_fsc_work 
_refine_ls_shell.pdbx_fsc_free 
'X-RAY DIFFRACTION' 1.4990 1.5365  1623 . 140 1483 98.0000  . . . 0.4637 . 0.5292 . . . . . . 14 . . . 
'X-RAY DIFFRACTION' 1.5365 1.5780  1638 . 143 1495 99.0000  . . . 0.3588 . 0.3141 . . . . . . 14 . . . 
'X-RAY DIFFRACTION' 1.5780 1.6244  1630 . 137 1493 100.0000 . . . 0.2780 . 0.2497 . . . . . . 14 . . . 
'X-RAY DIFFRACTION' 1.6244 1.6768  1652 . 142 1510 100.0000 . . . 0.2471 . 0.2095 . . . . . . 14 . . . 
'X-RAY DIFFRACTION' 1.6768 1.7367  1670 . 145 1525 100.0000 . . . 0.2142 . 0.1913 . . . . . . 14 . . . 
'X-RAY DIFFRACTION' 1.7367 1.8062  1645 . 144 1501 100.0000 . . . 0.2109 . 0.1729 . . . . . . 14 . . . 
'X-RAY DIFFRACTION' 1.8062 1.8884  1659 . 141 1518 100.0000 . . . 0.1831 . 0.1646 . . . . . . 14 . . . 
'X-RAY DIFFRACTION' 1.8884 1.9878  1681 . 138 1543 100.0000 . . . 0.2004 . 0.1711 . . . . . . 14 . . . 
'X-RAY DIFFRACTION' 1.9878 2.1122  1649 . 143 1506 100.0000 . . . 0.2070 . 0.1627 . . . . . . 14 . . . 
'X-RAY DIFFRACTION' 2.1122 2.2751  1668 . 145 1523 100.0000 . . . 0.1899 . 0.1601 . . . . . . 14 . . . 
'X-RAY DIFFRACTION' 2.2751 2.5036  1673 . 141 1532 100.0000 . . . 0.2047 . 0.1660 . . . . . . 14 . . . 
'X-RAY DIFFRACTION' 2.5036 2.8648  1648 . 142 1506 100.0000 . . . 0.2385 . 0.1848 . . . . . . 14 . . . 
'X-RAY DIFFRACTION' 2.8648 3.6054  1673 . 144 1529 100.0000 . . . 0.1885 . 0.1618 . . . . . . 14 . . . 
'X-RAY DIFFRACTION' 3.6054 19.2031 1694 . 144 1550 99.0000  . . . 0.1627 . 0.1439 . . . . . . 14 . . . 
# 
_struct.entry_id                     5TA4 
_struct.title                        
'Discovery of a Potent Cyclophilin Inhibitor (Compound 8) based on Structural Simplification of Sanglifehrin A' 
_struct.pdbx_model_details           ? 
_struct.pdbx_formula_weight          ? 
_struct.pdbx_formula_weight_method   ? 
_struct.pdbx_model_type_details      ? 
_struct.pdbx_CASP_flag               N 
# 
_struct_keywords.entry_id        5TA4 
_struct_keywords.text            'cyclophilin inhibitor antiviral HCV, isomerase-isomerase inhibitor complex' 
_struct_keywords.pdbx_keywords   'isomerase/isomerase inhibitor' 
# 
loop_
_struct_asym.id 
_struct_asym.pdbx_blank_PDB_chainid_flag 
_struct_asym.pdbx_modified 
_struct_asym.entity_id 
_struct_asym.details 
A N N 1 ? 
B N N 2 ? 
C N N 3 ? 
D N N 4 ? 
# 
_struct_ref.id                         1 
_struct_ref.db_name                    UNP 
_struct_ref.db_code                    PPIA_HUMAN 
_struct_ref.pdbx_db_accession          P62937 
_struct_ref.pdbx_db_isoform            ? 
_struct_ref.entity_id                  1 
_struct_ref.pdbx_seq_one_letter_code   
;VNPTVFFDIAVDGEPLGRVSFELFADKVPKTAENFRALSTGEKGFGYKGSCFHRIIPGFMCQGGDFTRHNGTGGKSIYGE
KFEDENFILKHTGPGILSMANAGPNTNGSQFFICTAKTEWLDGKHVVFGKVKEGMNIVEAMERFGSRNGKTSKKITIADC
GQLE
;
_struct_ref.pdbx_align_begin           2 
# 
_struct_ref_seq.align_id                      1 
_struct_ref_seq.ref_id                        1 
_struct_ref_seq.pdbx_PDB_id_code              5TA4 
_struct_ref_seq.pdbx_strand_id                A 
_struct_ref_seq.seq_align_beg                 1 
_struct_ref_seq.pdbx_seq_align_beg_ins_code   ? 
_struct_ref_seq.seq_align_end                 164 
_struct_ref_seq.pdbx_seq_align_end_ins_code   ? 
_struct_ref_seq.pdbx_db_accession             P62937 
_struct_ref_seq.db_align_beg                  2 
_struct_ref_seq.pdbx_db_align_beg_ins_code    ? 
_struct_ref_seq.db_align_end                  165 
_struct_ref_seq.pdbx_db_align_end_ins_code    ? 
_struct_ref_seq.pdbx_auth_seq_align_beg       2 
_struct_ref_seq.pdbx_auth_seq_align_end       165 
# 
_pdbx_struct_assembly.id                   1 
_pdbx_struct_assembly.details              author_and_software_defined_assembly 
_pdbx_struct_assembly.method_details       PISA 
_pdbx_struct_assembly.oligomeric_details   monomeric 
_pdbx_struct_assembly.oligomeric_count     1 
# 
_pdbx_struct_assembly_gen.assembly_id       1 
_pdbx_struct_assembly_gen.oper_expression   1 
_pdbx_struct_assembly_gen.asym_id_list      A,B,C,D 
# 
_pdbx_struct_oper_list.id                   1 
_pdbx_struct_oper_list.type                 'identity operation' 
_pdbx_struct_oper_list.name                 1_555 
_pdbx_struct_oper_list.symmetry_operation   x,y,z 
_pdbx_struct_oper_list.matrix[1][1]         1.0000000000 
_pdbx_struct_oper_list.matrix[1][2]         0.0000000000 
_pdbx_struct_oper_list.matrix[1][3]         0.0000000000 
_pdbx_struct_oper_list.vector[1]            0.0000000000 
_pdbx_struct_oper_list.matrix[2][1]         0.0000000000 
_pdbx_struct_oper_list.matrix[2][2]         1.0000000000 
_pdbx_struct_oper_list.matrix[2][3]         0.0000000000 
_pdbx_struct_oper_list.vector[2]            0.0000000000 
_pdbx_struct_oper_list.matrix[3][1]         0.0000000000 
_pdbx_struct_oper_list.matrix[3][2]         0.0000000000 
_pdbx_struct_oper_list.matrix[3][3]         1.0000000000 
_pdbx_struct_oper_list.vector[3]            0.0000000000 
# 
loop_
_struct_conf.conf_type_id 
_struct_conf.id 
_struct_conf.pdbx_PDB_helix_id 
_struct_conf.beg_label_comp_id 
_struct_conf.beg_label_asym_id 
_struct_conf.beg_label_seq_id 
_struct_conf.pdbx_beg_PDB_ins_code 
_struct_conf.end_label_comp_id 
_struct_conf.end_label_asym_id 
_struct_conf.end_label_seq_id 
_struct_conf.pdbx_end_PDB_ins_code 
_struct_conf.beg_auth_comp_id 
_struct_conf.beg_auth_asym_id 
_struct_conf.beg_auth_seq_id 
_struct_conf.end_auth_comp_id 
_struct_conf.end_auth_asym_id 
_struct_conf.end_auth_seq_id 
_struct_conf.pdbx_PDB_helix_class 
_struct_conf.details 
_struct_conf.pdbx_PDB_helix_length 
HELX_P HELX_P1 AA1 VAL A 28  ? GLY A 41  ? VAL A 29  GLY A 42  1 ? 14 
HELX_P HELX_P2 AA2 THR A 118 ? ASP A 122 ? THR A 119 ASP A 123 5 ? 5  
HELX_P HELX_P3 AA3 GLY A 134 ? ARG A 143 ? GLY A 135 ARG A 144 1 ? 10 
# 
_struct_conf_type.id          HELX_P 
_struct_conf_type.criteria    ? 
_struct_conf_type.reference   ? 
# 
_struct_sheet.id               AA1 
_struct_sheet.type             ? 
_struct_sheet.number_strands   8 
_struct_sheet.details          ? 
# 
loop_
_struct_sheet_order.sheet_id 
_struct_sheet_order.range_id_1 
_struct_sheet_order.range_id_2 
_struct_sheet_order.offset 
_struct_sheet_order.sense 
AA1 1 2 ? anti-parallel 
AA1 2 3 ? anti-parallel 
AA1 3 4 ? anti-parallel 
AA1 4 5 ? anti-parallel 
AA1 5 6 ? anti-parallel 
AA1 6 7 ? anti-parallel 
AA1 7 8 ? anti-parallel 
# 
loop_
_struct_sheet_range.sheet_id 
_struct_sheet_range.id 
_struct_sheet_range.beg_label_comp_id 
_struct_sheet_range.beg_label_asym_id 
_struct_sheet_range.beg_label_seq_id 
_struct_sheet_range.pdbx_beg_PDB_ins_code 
_struct_sheet_range.end_label_comp_id 
_struct_sheet_range.end_label_asym_id 
_struct_sheet_range.end_label_seq_id 
_struct_sheet_range.pdbx_end_PDB_ins_code 
_struct_sheet_range.beg_auth_comp_id 
_struct_sheet_range.beg_auth_asym_id 
_struct_sheet_range.beg_auth_seq_id 
_struct_sheet_range.end_auth_comp_id 
_struct_sheet_range.end_auth_asym_id 
_struct_sheet_range.end_auth_seq_id 
AA1 1 ARG A 54  ? ILE A 56  ? ARG A 55  ILE A 57  
AA1 2 MET A 60  ? GLY A 63  ? MET A 61  GLY A 64  
AA1 3 PHE A 111 ? CYS A 114 ? PHE A 112 CYS A 115 
AA1 4 ILE A 96  ? MET A 99  ? ILE A 97  MET A 100 
AA1 5 VAL A 127 ? GLU A 133 ? VAL A 128 GLU A 134 
AA1 6 GLU A 14  ? LEU A 23  ? GLU A 15  LEU A 24  
AA1 7 THR A 4   ? VAL A 11  ? THR A 5   VAL A 12  
AA1 8 ILE A 155 ? GLN A 162 ? ILE A 156 GLN A 163 
# 
loop_
_pdbx_struct_sheet_hbond.sheet_id 
_pdbx_struct_sheet_hbond.range_id_1 
_pdbx_struct_sheet_hbond.range_id_2 
_pdbx_struct_sheet_hbond.range_1_label_atom_id 
_pdbx_struct_sheet_hbond.range_1_label_comp_id 
_pdbx_struct_sheet_hbond.range_1_label_asym_id 
_pdbx_struct_sheet_hbond.range_1_label_seq_id 
_pdbx_struct_sheet_hbond.range_1_PDB_ins_code 
_pdbx_struct_sheet_hbond.range_1_auth_atom_id 
_pdbx_struct_sheet_hbond.range_1_auth_comp_id 
_pdbx_struct_sheet_hbond.range_1_auth_asym_id 
_pdbx_struct_sheet_hbond.range_1_auth_seq_id 
_pdbx_struct_sheet_hbond.range_2_label_atom_id 
_pdbx_struct_sheet_hbond.range_2_label_comp_id 
_pdbx_struct_sheet_hbond.range_2_label_asym_id 
_pdbx_struct_sheet_hbond.range_2_label_seq_id 
_pdbx_struct_sheet_hbond.range_2_PDB_ins_code 
_pdbx_struct_sheet_hbond.range_2_auth_atom_id 
_pdbx_struct_sheet_hbond.range_2_auth_comp_id 
_pdbx_struct_sheet_hbond.range_2_auth_asym_id 
_pdbx_struct_sheet_hbond.range_2_auth_seq_id 
AA1 1 2 N ARG A 54  ? N ARG A 55  O GLN A 62  ? O GLN A 63  
AA1 2 3 N CYS A 61  ? N CYS A 62  O ILE A 113 ? O ILE A 114 
AA1 3 4 O PHE A 112 ? O PHE A 113 N SER A 98  ? N SER A 99  
AA1 4 5 N LEU A 97  ? N LEU A 98  O GLY A 129 ? O GLY A 130 
AA1 5 6 O LYS A 132 ? O LYS A 133 N SER A 20  ? N SER A 21  
AA1 6 7 O GLU A 14  ? O GLU A 15  N VAL A 11  ? N VAL A 12  
AA1 7 8 N ASP A 8   ? N ASP A 9   O ASP A 159 ? O ASP A 160 
# 
loop_
_struct_site.id 
_struct_site.pdbx_evidence_code 
_struct_site.pdbx_auth_asym_id 
_struct_site.pdbx_auth_comp_id 
_struct_site.pdbx_auth_seq_id 
_struct_site.pdbx_auth_ins_code 
_struct_site.pdbx_num_residues 
_struct_site.details 
AC1 Software A SO4 202 ? 5  'binding site for residue SO4 A 202' 
AC2 Software A 838 201 ? 13 'binding site for ? chain A'         
# 
loop_
_struct_site_gen.id 
_struct_site_gen.site_id 
_struct_site_gen.pdbx_num_res 
_struct_site_gen.label_comp_id 
_struct_site_gen.label_asym_id 
_struct_site_gen.label_seq_id 
_struct_site_gen.pdbx_auth_ins_code 
_struct_site_gen.auth_comp_id 
_struct_site_gen.auth_asym_id 
_struct_site_gen.auth_seq_id 
_struct_site_gen.label_atom_id 
_struct_site_gen.label_alt_id 
_struct_site_gen.symmetry 
_struct_site_gen.details 
1  AC1 5  SER A 146 ? SER A 147 . ? 1_555 ? 
2  AC1 5  ARG A 147 ? ARG A 148 . ? 1_555 ? 
3  AC1 5  LYS A 153 ? LYS A 154 . ? 4_555 ? 
4  AC1 5  HOH D .   ? HOH A 301 . ? 1_555 ? 
5  AC1 5  HOH D .   ? HOH A 356 . ? 1_555 ? 
6  AC2 13 PRO A 15  ? PRO A 16  . ? 4_555 ? 
7  AC2 13 LEU A 16  ? LEU A 17  . ? 4_555 ? 
8  AC2 13 ARG A 54  ? ARG A 55  . ? 1_555 ? 
9  AC2 13 MET A 60  ? MET A 61  . ? 1_555 ? 
10 AC2 13 GLN A 62  ? GLN A 63  . ? 1_555 ? 
11 AC2 13 ALA A 100 ? ALA A 101 . ? 1_555 ? 
12 AC2 13 ASN A 101 ? ASN A 102 . ? 1_555 ? 
13 AC2 13 ALA A 102 ? ALA A 103 . ? 1_555 ? 
14 AC2 13 GLN A 110 ? GLN A 111 . ? 1_555 ? 
15 AC2 13 PHE A 112 ? PHE A 113 . ? 1_555 ? 
16 AC2 13 HIS A 125 ? HIS A 126 . ? 1_555 ? 
17 AC2 13 ASN A 148 ? ASN A 149 . ? 1_555 ? 
18 AC2 13 HOH D .   ? HOH A 333 . ? 1_555 ? 
# 
loop_
_pdbx_validate_close_contact.id 
_pdbx_validate_close_contact.PDB_model_num 
_pdbx_validate_close_contact.auth_atom_id_1 
_pdbx_validate_close_contact.auth_asym_id_1 
_pdbx_validate_close_contact.auth_comp_id_1 
_pdbx_validate_close_contact.auth_seq_id_1 
_pdbx_validate_close_contact.PDB_ins_code_1 
_pdbx_validate_close_contact.label_alt_id_1 
_pdbx_validate_close_contact.auth_atom_id_2 
_pdbx_validate_close_contact.auth_asym_id_2 
_pdbx_validate_close_contact.auth_comp_id_2 
_pdbx_validate_close_contact.auth_seq_id_2 
_pdbx_validate_close_contact.PDB_ins_code_2 
_pdbx_validate_close_contact.label_alt_id_2 
_pdbx_validate_close_contact.dist 
1 1 O  A HOH 307 ? ? O A HOH 439 ? ? 2.10 
2 1 O1 A SO4 202 ? ? O A HOH 301 ? ? 2.18 
# 
_pdbx_validate_torsion.id              1 
_pdbx_validate_torsion.PDB_model_num   1 
_pdbx_validate_torsion.auth_comp_id    PHE 
_pdbx_validate_torsion.auth_asym_id    A 
_pdbx_validate_torsion.auth_seq_id     60 
_pdbx_validate_torsion.PDB_ins_code    ? 
_pdbx_validate_torsion.label_alt_id    ? 
_pdbx_validate_torsion.phi             -126.66 
_pdbx_validate_torsion.psi             -76.11 
# 
_pdbx_molecule_features.prd_id    PRD_002240 
_pdbx_molecule_features.name      ? 
_pdbx_molecule_features.type      ? 
_pdbx_molecule_features.class     Inhibitor 
_pdbx_molecule_features.details   ? 
# 
_pdbx_molecule.instance_id   1 
_pdbx_molecule.prd_id        PRD_002240 
_pdbx_molecule.asym_id       B 
# 
loop_
_chem_comp_atom.comp_id 
_chem_comp_atom.atom_id 
_chem_comp_atom.type_symbol 
_chem_comp_atom.pdbx_aromatic_flag 
_chem_comp_atom.pdbx_stereo_config 
_chem_comp_atom.pdbx_ordinal 
838 N1   N N N 1   
838 N2   N N N 2   
838 C5   C N N 3   
838 C6   C N N 4   
838 C7   C N N 5   
838 C8   C N S 6   
838 C23  C N N 7   
838 C24  C N R 8   
838 C25  C N N 9   
838 C26  C N R 10  
838 C27  C N N 11  
838 C28  C N N 12  
838 C29  C N N 13  
838 C30  C N R 14  
838 C31  C Y N 15  
838 C32  C Y N 16  
838 C33  C Y N 17  
838 C34  C Y N 18  
838 C35  C Y N 19  
838 C36  C Y N 20  
838 C37  C N N 21  
838 C38  C N N 22  
838 C39  C N N 23  
838 C40  C N N 24  
838 O44  O N N 25  
838 O45  O N N 26  
838 O46  O N N 27  
838 O47  O N N 28  
838 N4   N N N 29  
838 C19  C N S 30  
838 C18  C N N 31  
838 O43  O N N 32  
838 C20  C N N 33  
838 C21  C N N 34  
838 C22  C N N 35  
838 N3   N N N 36  
838 C10  C N S 37  
838 C9   C N N 38  
838 O41  O N N 39  
838 C11  C N N 40  
838 H1   H N N 41  
838 H4   H N N 42  
838 H5   H N N 43  
838 H6   H N N 44  
838 H7   H N N 45  
838 H8   H N N 46  
838 H9   H N N 47  
838 H10  H N N 48  
838 H23  H N N 49  
838 H24  H N N 50  
838 H25  H N N 51  
838 H26  H N N 52  
838 H27  H N N 53  
838 H28  H N N 54  
838 H29  H N N 55  
838 H30  H N N 56  
838 H31  H N N 57  
838 H32  H N N 58  
838 H33  H N N 59  
838 H34  H N N 60  
838 H35  H N N 61  
838 H36  H N N 62  
838 H37  H N N 63  
838 H38  H N N 64  
838 H39  H N N 65  
838 H40  H N N 66  
838 H41  H N N 67  
838 H42  H N N 68  
838 H43  H N N 69  
838 H44  H N N 70  
838 H3   H N N 71  
838 H15  H N N 72  
838 H16  H N N 73  
838 H17  H N N 74  
838 H18  H N N 75  
838 H19  H N N 76  
838 H20  H N N 77  
838 H21  H N N 78  
838 H22  H N N 79  
838 H2   H N N 80  
838 H11  H N N 81  
838 H12  H N N 82  
838 H13  H N N 83  
838 H14  H N N 84  
ALA N    N N N 85  
ALA CA   C N S 86  
ALA C    C N N 87  
ALA O    O N N 88  
ALA CB   C N N 89  
ALA OXT  O N N 90  
ALA H    H N N 91  
ALA H2   H N N 92  
ALA HA   H N N 93  
ALA HB1  H N N 94  
ALA HB2  H N N 95  
ALA HB3  H N N 96  
ALA HXT  H N N 97  
ARG N    N N N 98  
ARG CA   C N S 99  
ARG C    C N N 100 
ARG O    O N N 101 
ARG CB   C N N 102 
ARG CG   C N N 103 
ARG CD   C N N 104 
ARG NE   N N N 105 
ARG CZ   C N N 106 
ARG NH1  N N N 107 
ARG NH2  N N N 108 
ARG OXT  O N N 109 
ARG H    H N N 110 
ARG H2   H N N 111 
ARG HA   H N N 112 
ARG HB2  H N N 113 
ARG HB3  H N N 114 
ARG HG2  H N N 115 
ARG HG3  H N N 116 
ARG HD2  H N N 117 
ARG HD3  H N N 118 
ARG HE   H N N 119 
ARG HH11 H N N 120 
ARG HH12 H N N 121 
ARG HH21 H N N 122 
ARG HH22 H N N 123 
ARG HXT  H N N 124 
ASN N    N N N 125 
ASN CA   C N S 126 
ASN C    C N N 127 
ASN O    O N N 128 
ASN CB   C N N 129 
ASN CG   C N N 130 
ASN OD1  O N N 131 
ASN ND2  N N N 132 
ASN OXT  O N N 133 
ASN H    H N N 134 
ASN H2   H N N 135 
ASN HA   H N N 136 
ASN HB2  H N N 137 
ASN HB3  H N N 138 
ASN HD21 H N N 139 
ASN HD22 H N N 140 
ASN HXT  H N N 141 
ASP N    N N N 142 
ASP CA   C N S 143 
ASP C    C N N 144 
ASP O    O N N 145 
ASP CB   C N N 146 
ASP CG   C N N 147 
ASP OD1  O N N 148 
ASP OD2  O N N 149 
ASP OXT  O N N 150 
ASP H    H N N 151 
ASP H2   H N N 152 
ASP HA   H N N 153 
ASP HB2  H N N 154 
ASP HB3  H N N 155 
ASP HD2  H N N 156 
ASP HXT  H N N 157 
CYS N    N N N 158 
CYS CA   C N R 159 
CYS C    C N N 160 
CYS O    O N N 161 
CYS CB   C N N 162 
CYS SG   S N N 163 
CYS OXT  O N N 164 
CYS H    H N N 165 
CYS H2   H N N 166 
CYS HA   H N N 167 
CYS HB2  H N N 168 
CYS HB3  H N N 169 
CYS HG   H N N 170 
CYS HXT  H N N 171 
GLN N    N N N 172 
GLN CA   C N S 173 
GLN C    C N N 174 
GLN O    O N N 175 
GLN CB   C N N 176 
GLN CG   C N N 177 
GLN CD   C N N 178 
GLN OE1  O N N 179 
GLN NE2  N N N 180 
GLN OXT  O N N 181 
GLN H    H N N 182 
GLN H2   H N N 183 
GLN HA   H N N 184 
GLN HB2  H N N 185 
GLN HB3  H N N 186 
GLN HG2  H N N 187 
GLN HG3  H N N 188 
GLN HE21 H N N 189 
GLN HE22 H N N 190 
GLN HXT  H N N 191 
GLU N    N N N 192 
GLU CA   C N S 193 
GLU C    C N N 194 
GLU O    O N N 195 
GLU CB   C N N 196 
GLU CG   C N N 197 
GLU CD   C N N 198 
GLU OE1  O N N 199 
GLU OE2  O N N 200 
GLU OXT  O N N 201 
GLU H    H N N 202 
GLU H2   H N N 203 
GLU HA   H N N 204 
GLU HB2  H N N 205 
GLU HB3  H N N 206 
GLU HG2  H N N 207 
GLU HG3  H N N 208 
GLU HE2  H N N 209 
GLU HXT  H N N 210 
GLY N    N N N 211 
GLY CA   C N N 212 
GLY C    C N N 213 
GLY O    O N N 214 
GLY OXT  O N N 215 
GLY H    H N N 216 
GLY H2   H N N 217 
GLY HA2  H N N 218 
GLY HA3  H N N 219 
GLY HXT  H N N 220 
HIS N    N N N 221 
HIS CA   C N S 222 
HIS C    C N N 223 
HIS O    O N N 224 
HIS CB   C N N 225 
HIS CG   C Y N 226 
HIS ND1  N Y N 227 
HIS CD2  C Y N 228 
HIS CE1  C Y N 229 
HIS NE2  N Y N 230 
HIS OXT  O N N 231 
HIS H    H N N 232 
HIS H2   H N N 233 
HIS HA   H N N 234 
HIS HB2  H N N 235 
HIS HB3  H N N 236 
HIS HD1  H N N 237 
HIS HD2  H N N 238 
HIS HE1  H N N 239 
HIS HE2  H N N 240 
HIS HXT  H N N 241 
HOH O    O N N 242 
HOH H1   H N N 243 
HOH H2   H N N 244 
ILE N    N N N 245 
ILE CA   C N S 246 
ILE C    C N N 247 
ILE O    O N N 248 
ILE CB   C N S 249 
ILE CG1  C N N 250 
ILE CG2  C N N 251 
ILE CD1  C N N 252 
ILE OXT  O N N 253 
ILE H    H N N 254 
ILE H2   H N N 255 
ILE HA   H N N 256 
ILE HB   H N N 257 
ILE HG12 H N N 258 
ILE HG13 H N N 259 
ILE HG21 H N N 260 
ILE HG22 H N N 261 
ILE HG23 H N N 262 
ILE HD11 H N N 263 
ILE HD12 H N N 264 
ILE HD13 H N N 265 
ILE HXT  H N N 266 
LEU N    N N N 267 
LEU CA   C N S 268 
LEU C    C N N 269 
LEU O    O N N 270 
LEU CB   C N N 271 
LEU CG   C N N 272 
LEU CD1  C N N 273 
LEU CD2  C N N 274 
LEU OXT  O N N 275 
LEU H    H N N 276 
LEU H2   H N N 277 
LEU HA   H N N 278 
LEU HB2  H N N 279 
LEU HB3  H N N 280 
LEU HG   H N N 281 
LEU HD11 H N N 282 
LEU HD12 H N N 283 
LEU HD13 H N N 284 
LEU HD21 H N N 285 
LEU HD22 H N N 286 
LEU HD23 H N N 287 
LEU HXT  H N N 288 
LYS N    N N N 289 
LYS CA   C N S 290 
LYS C    C N N 291 
LYS O    O N N 292 
LYS CB   C N N 293 
LYS CG   C N N 294 
LYS CD   C N N 295 
LYS CE   C N N 296 
LYS NZ   N N N 297 
LYS OXT  O N N 298 
LYS H    H N N 299 
LYS H2   H N N 300 
LYS HA   H N N 301 
LYS HB2  H N N 302 
LYS HB3  H N N 303 
LYS HG2  H N N 304 
LYS HG3  H N N 305 
LYS HD2  H N N 306 
LYS HD3  H N N 307 
LYS HE2  H N N 308 
LYS HE3  H N N 309 
LYS HZ1  H N N 310 
LYS HZ2  H N N 311 
LYS HZ3  H N N 312 
LYS HXT  H N N 313 
MET N    N N N 314 
MET CA   C N S 315 
MET C    C N N 316 
MET O    O N N 317 
MET CB   C N N 318 
MET CG   C N N 319 
MET SD   S N N 320 
MET CE   C N N 321 
MET OXT  O N N 322 
MET H    H N N 323 
MET H2   H N N 324 
MET HA   H N N 325 
MET HB2  H N N 326 
MET HB3  H N N 327 
MET HG2  H N N 328 
MET HG3  H N N 329 
MET HE1  H N N 330 
MET HE2  H N N 331 
MET HE3  H N N 332 
MET HXT  H N N 333 
PHE N    N N N 334 
PHE CA   C N S 335 
PHE C    C N N 336 
PHE O    O N N 337 
PHE CB   C N N 338 
PHE CG   C Y N 339 
PHE CD1  C Y N 340 
PHE CD2  C Y N 341 
PHE CE1  C Y N 342 
PHE CE2  C Y N 343 
PHE CZ   C Y N 344 
PHE OXT  O N N 345 
PHE H    H N N 346 
PHE H2   H N N 347 
PHE HA   H N N 348 
PHE HB2  H N N 349 
PHE HB3  H N N 350 
PHE HD1  H N N 351 
PHE HD2  H N N 352 
PHE HE1  H N N 353 
PHE HE2  H N N 354 
PHE HZ   H N N 355 
PHE HXT  H N N 356 
PRO N    N N N 357 
PRO CA   C N S 358 
PRO C    C N N 359 
PRO O    O N N 360 
PRO CB   C N N 361 
PRO CG   C N N 362 
PRO CD   C N N 363 
PRO OXT  O N N 364 
PRO H    H N N 365 
PRO HA   H N N 366 
PRO HB2  H N N 367 
PRO HB3  H N N 368 
PRO HG2  H N N 369 
PRO HG3  H N N 370 
PRO HD2  H N N 371 
PRO HD3  H N N 372 
PRO HXT  H N N 373 
SER N    N N N 374 
SER CA   C N S 375 
SER C    C N N 376 
SER O    O N N 377 
SER CB   C N N 378 
SER OG   O N N 379 
SER OXT  O N N 380 
SER H    H N N 381 
SER H2   H N N 382 
SER HA   H N N 383 
SER HB2  H N N 384 
SER HB3  H N N 385 
SER HG   H N N 386 
SER HXT  H N N 387 
SO4 S    S N N 388 
SO4 O1   O N N 389 
SO4 O2   O N N 390 
SO4 O3   O N N 391 
SO4 O4   O N N 392 
THR N    N N N 393 
THR CA   C N S 394 
THR C    C N N 395 
THR O    O N N 396 
THR CB   C N R 397 
THR OG1  O N N 398 
THR CG2  C N N 399 
THR OXT  O N N 400 
THR H    H N N 401 
THR H2   H N N 402 
THR HA   H N N 403 
THR HB   H N N 404 
THR HG1  H N N 405 
THR HG21 H N N 406 
THR HG22 H N N 407 
THR HG23 H N N 408 
THR HXT  H N N 409 
TRP N    N N N 410 
TRP CA   C N S 411 
TRP C    C N N 412 
TRP O    O N N 413 
TRP CB   C N N 414 
TRP CG   C Y N 415 
TRP CD1  C Y N 416 
TRP CD2  C Y N 417 
TRP NE1  N Y N 418 
TRP CE2  C Y N 419 
TRP CE3  C Y N 420 
TRP CZ2  C Y N 421 
TRP CZ3  C Y N 422 
TRP CH2  C Y N 423 
TRP OXT  O N N 424 
TRP H    H N N 425 
TRP H2   H N N 426 
TRP HA   H N N 427 
TRP HB2  H N N 428 
TRP HB3  H N N 429 
TRP HD1  H N N 430 
TRP HE1  H N N 431 
TRP HE3  H N N 432 
TRP HZ2  H N N 433 
TRP HZ3  H N N 434 
TRP HH2  H N N 435 
TRP HXT  H N N 436 
TYR N    N N N 437 
TYR CA   C N S 438 
TYR C    C N N 439 
TYR O    O N N 440 
TYR CB   C N N 441 
TYR CG   C Y N 442 
TYR CD1  C Y N 443 
TYR CD2  C Y N 444 
TYR CE1  C Y N 445 
TYR CE2  C Y N 446 
TYR CZ   C Y N 447 
TYR OH   O N N 448 
TYR OXT  O N N 449 
TYR H    H N N 450 
TYR H2   H N N 451 
TYR HA   H N N 452 
TYR HB2  H N N 453 
TYR HB3  H N N 454 
TYR HD1  H N N 455 
TYR HD2  H N N 456 
TYR HE1  H N N 457 
TYR HE2  H N N 458 
TYR HH   H N N 459 
TYR HXT  H N N 460 
VAL N    N N N 461 
VAL CA   C N S 462 
VAL C    C N N 463 
VAL O    O N N 464 
VAL CB   C N N 465 
VAL CG1  C N N 466 
VAL CG2  C N N 467 
VAL OXT  O N N 468 
VAL H    H N N 469 
VAL H2   H N N 470 
VAL HA   H N N 471 
VAL HB   H N N 472 
VAL HG11 H N N 473 
VAL HG12 H N N 474 
VAL HG13 H N N 475 
VAL HG21 H N N 476 
VAL HG22 H N N 477 
VAL HG23 H N N 478 
VAL HXT  H N N 479 
# 
loop_
_chem_comp_bond.comp_id 
_chem_comp_bond.atom_id_1 
_chem_comp_bond.atom_id_2 
_chem_comp_bond.value_order 
_chem_comp_bond.pdbx_aromatic_flag 
_chem_comp_bond.pdbx_stereo_config 
_chem_comp_bond.pdbx_ordinal 
838 C39 O46  sing N N 1   
838 O46 C26  sing N N 2   
838 C22 C20  sing N N 3   
838 C20 C21  sing N N 4   
838 C20 C19  sing N N 5   
838 C26 C27  sing N N 6   
838 C26 C24  sing N N 7   
838 C25 C24  sing N N 8   
838 O43 C18  doub N N 9   
838 N4  C19  sing N N 10  
838 N4  C23  sing N N 11  
838 C27 C28  sing N N 12  
838 C34 C35  doub Y N 13  
838 C34 C33  sing Y N 14  
838 C24 C23  sing N N 15  
838 C19 C18  sing N N 16  
838 C35 C36  sing Y N 17  
838 C18 N3   sing N N 18  
838 C37 C33  sing N N 19  
838 C37 C38  doub N E 20  
838 C28 C38  sing N N 21  
838 C23 O44  doub N N 22  
838 C33 C32  doub Y N 23  
838 C36 C31  doub Y N 24  
838 O45 C29  doub N N 25  
838 N3  C10  sing N N 26  
838 C32 C31  sing Y N 27  
838 N2  N1   sing N N 28  
838 N2  C8   sing N N 29  
838 C31 C30  sing N N 30  
838 C10 C9   sing N N 31  
838 C10 C11  sing N N 32  
838 N1  C9   sing N N 33  
838 N1  C7   sing N N 34  
838 C9  O41  doub N N 35  
838 C7  C6   sing N N 36  
838 C29 C8   sing N N 37  
838 C29 O47  sing N N 38  
838 C8  C5   sing N N 39  
838 C30 O47  sing N N 40  
838 C30 C40  sing N N 41  
838 C5  C6   sing N N 42  
838 N2  H1   sing N N 43  
838 N3  H2   sing N N 44  
838 N4  H3   sing N N 45  
838 C5  H4   sing N N 46  
838 C5  H5   sing N N 47  
838 C6  H6   sing N N 48  
838 C6  H7   sing N N 49  
838 C7  H8   sing N N 50  
838 C7  H9   sing N N 51  
838 C8  H10  sing N N 52  
838 C10 H11  sing N N 53  
838 C11 H12  sing N N 54  
838 C11 H13  sing N N 55  
838 C11 H14  sing N N 56  
838 C19 H15  sing N N 57  
838 C20 H16  sing N N 58  
838 C21 H17  sing N N 59  
838 C21 H18  sing N N 60  
838 C21 H19  sing N N 61  
838 C22 H20  sing N N 62  
838 C22 H21  sing N N 63  
838 C22 H22  sing N N 64  
838 C24 H23  sing N N 65  
838 C25 H24  sing N N 66  
838 C25 H25  sing N N 67  
838 C25 H26  sing N N 68  
838 C26 H27  sing N N 69  
838 C27 H28  sing N N 70  
838 C27 H29  sing N N 71  
838 C28 H30  sing N N 72  
838 C28 H31  sing N N 73  
838 C30 H32  sing N N 74  
838 C32 H33  sing N N 75  
838 C34 H34  sing N N 76  
838 C35 H35  sing N N 77  
838 C36 H36  sing N N 78  
838 C37 H37  sing N N 79  
838 C38 H38  sing N N 80  
838 C39 H39  sing N N 81  
838 C39 H40  sing N N 82  
838 C39 H41  sing N N 83  
838 C40 H42  sing N N 84  
838 C40 H43  sing N N 85  
838 C40 H44  sing N N 86  
ALA N   CA   sing N N 87  
ALA N   H    sing N N 88  
ALA N   H2   sing N N 89  
ALA CA  C    sing N N 90  
ALA CA  CB   sing N N 91  
ALA CA  HA   sing N N 92  
ALA C   O    doub N N 93  
ALA C   OXT  sing N N 94  
ALA CB  HB1  sing N N 95  
ALA CB  HB2  sing N N 96  
ALA CB  HB3  sing N N 97  
ALA OXT HXT  sing N N 98  
ARG N   CA   sing N N 99  
ARG N   H    sing N N 100 
ARG N   H2   sing N N 101 
ARG CA  C    sing N N 102 
ARG CA  CB   sing N N 103 
ARG CA  HA   sing N N 104 
ARG C   O    doub N N 105 
ARG C   OXT  sing N N 106 
ARG CB  CG   sing N N 107 
ARG CB  HB2  sing N N 108 
ARG CB  HB3  sing N N 109 
ARG CG  CD   sing N N 110 
ARG CG  HG2  sing N N 111 
ARG CG  HG3  sing N N 112 
ARG CD  NE   sing N N 113 
ARG CD  HD2  sing N N 114 
ARG CD  HD3  sing N N 115 
ARG NE  CZ   sing N N 116 
ARG NE  HE   sing N N 117 
ARG CZ  NH1  sing N N 118 
ARG CZ  NH2  doub N N 119 
ARG NH1 HH11 sing N N 120 
ARG NH1 HH12 sing N N 121 
ARG NH2 HH21 sing N N 122 
ARG NH2 HH22 sing N N 123 
ARG OXT HXT  sing N N 124 
ASN N   CA   sing N N 125 
ASN N   H    sing N N 126 
ASN N   H2   sing N N 127 
ASN CA  C    sing N N 128 
ASN CA  CB   sing N N 129 
ASN CA  HA   sing N N 130 
ASN C   O    doub N N 131 
ASN C   OXT  sing N N 132 
ASN CB  CG   sing N N 133 
ASN CB  HB2  sing N N 134 
ASN CB  HB3  sing N N 135 
ASN CG  OD1  doub N N 136 
ASN CG  ND2  sing N N 137 
ASN ND2 HD21 sing N N 138 
ASN ND2 HD22 sing N N 139 
ASN OXT HXT  sing N N 140 
ASP N   CA   sing N N 141 
ASP N   H    sing N N 142 
ASP N   H2   sing N N 143 
ASP CA  C    sing N N 144 
ASP CA  CB   sing N N 145 
ASP CA  HA   sing N N 146 
ASP C   O    doub N N 147 
ASP C   OXT  sing N N 148 
ASP CB  CG   sing N N 149 
ASP CB  HB2  sing N N 150 
ASP CB  HB3  sing N N 151 
ASP CG  OD1  doub N N 152 
ASP CG  OD2  sing N N 153 
ASP OD2 HD2  sing N N 154 
ASP OXT HXT  sing N N 155 
CYS N   CA   sing N N 156 
CYS N   H    sing N N 157 
CYS N   H2   sing N N 158 
CYS CA  C    sing N N 159 
CYS CA  CB   sing N N 160 
CYS CA  HA   sing N N 161 
CYS C   O    doub N N 162 
CYS C   OXT  sing N N 163 
CYS CB  SG   sing N N 164 
CYS CB  HB2  sing N N 165 
CYS CB  HB3  sing N N 166 
CYS SG  HG   sing N N 167 
CYS OXT HXT  sing N N 168 
GLN N   CA   sing N N 169 
GLN N   H    sing N N 170 
GLN N   H2   sing N N 171 
GLN CA  C    sing N N 172 
GLN CA  CB   sing N N 173 
GLN CA  HA   sing N N 174 
GLN C   O    doub N N 175 
GLN C   OXT  sing N N 176 
GLN CB  CG   sing N N 177 
GLN CB  HB2  sing N N 178 
GLN CB  HB3  sing N N 179 
GLN CG  CD   sing N N 180 
GLN CG  HG2  sing N N 181 
GLN CG  HG3  sing N N 182 
GLN CD  OE1  doub N N 183 
GLN CD  NE2  sing N N 184 
GLN NE2 HE21 sing N N 185 
GLN NE2 HE22 sing N N 186 
GLN OXT HXT  sing N N 187 
GLU N   CA   sing N N 188 
GLU N   H    sing N N 189 
GLU N   H2   sing N N 190 
GLU CA  C    sing N N 191 
GLU CA  CB   sing N N 192 
GLU CA  HA   sing N N 193 
GLU C   O    doub N N 194 
GLU C   OXT  sing N N 195 
GLU CB  CG   sing N N 196 
GLU CB  HB2  sing N N 197 
GLU CB  HB3  sing N N 198 
GLU CG  CD   sing N N 199 
GLU CG  HG2  sing N N 200 
GLU CG  HG3  sing N N 201 
GLU CD  OE1  doub N N 202 
GLU CD  OE2  sing N N 203 
GLU OE2 HE2  sing N N 204 
GLU OXT HXT  sing N N 205 
GLY N   CA   sing N N 206 
GLY N   H    sing N N 207 
GLY N   H2   sing N N 208 
GLY CA  C    sing N N 209 
GLY CA  HA2  sing N N 210 
GLY CA  HA3  sing N N 211 
GLY C   O    doub N N 212 
GLY C   OXT  sing N N 213 
GLY OXT HXT  sing N N 214 
HIS N   CA   sing N N 215 
HIS N   H    sing N N 216 
HIS N   H2   sing N N 217 
HIS CA  C    sing N N 218 
HIS CA  CB   sing N N 219 
HIS CA  HA   sing N N 220 
HIS C   O    doub N N 221 
HIS C   OXT  sing N N 222 
HIS CB  CG   sing N N 223 
HIS CB  HB2  sing N N 224 
HIS CB  HB3  sing N N 225 
HIS CG  ND1  sing Y N 226 
HIS CG  CD2  doub Y N 227 
HIS ND1 CE1  doub Y N 228 
HIS ND1 HD1  sing N N 229 
HIS CD2 NE2  sing Y N 230 
HIS CD2 HD2  sing N N 231 
HIS CE1 NE2  sing Y N 232 
HIS CE1 HE1  sing N N 233 
HIS NE2 HE2  sing N N 234 
HIS OXT HXT  sing N N 235 
HOH O   H1   sing N N 236 
HOH O   H2   sing N N 237 
ILE N   CA   sing N N 238 
ILE N   H    sing N N 239 
ILE N   H2   sing N N 240 
ILE CA  C    sing N N 241 
ILE CA  CB   sing N N 242 
ILE CA  HA   sing N N 243 
ILE C   O    doub N N 244 
ILE C   OXT  sing N N 245 
ILE CB  CG1  sing N N 246 
ILE CB  CG2  sing N N 247 
ILE CB  HB   sing N N 248 
ILE CG1 CD1  sing N N 249 
ILE CG1 HG12 sing N N 250 
ILE CG1 HG13 sing N N 251 
ILE CG2 HG21 sing N N 252 
ILE CG2 HG22 sing N N 253 
ILE CG2 HG23 sing N N 254 
ILE CD1 HD11 sing N N 255 
ILE CD1 HD12 sing N N 256 
ILE CD1 HD13 sing N N 257 
ILE OXT HXT  sing N N 258 
LEU N   CA   sing N N 259 
LEU N   H    sing N N 260 
LEU N   H2   sing N N 261 
LEU CA  C    sing N N 262 
LEU CA  CB   sing N N 263 
LEU CA  HA   sing N N 264 
LEU C   O    doub N N 265 
LEU C   OXT  sing N N 266 
LEU CB  CG   sing N N 267 
LEU CB  HB2  sing N N 268 
LEU CB  HB3  sing N N 269 
LEU CG  CD1  sing N N 270 
LEU CG  CD2  sing N N 271 
LEU CG  HG   sing N N 272 
LEU CD1 HD11 sing N N 273 
LEU CD1 HD12 sing N N 274 
LEU CD1 HD13 sing N N 275 
LEU CD2 HD21 sing N N 276 
LEU CD2 HD22 sing N N 277 
LEU CD2 HD23 sing N N 278 
LEU OXT HXT  sing N N 279 
LYS N   CA   sing N N 280 
LYS N   H    sing N N 281 
LYS N   H2   sing N N 282 
LYS CA  C    sing N N 283 
LYS CA  CB   sing N N 284 
LYS CA  HA   sing N N 285 
LYS C   O    doub N N 286 
LYS C   OXT  sing N N 287 
LYS CB  CG   sing N N 288 
LYS CB  HB2  sing N N 289 
LYS CB  HB3  sing N N 290 
LYS CG  CD   sing N N 291 
LYS CG  HG2  sing N N 292 
LYS CG  HG3  sing N N 293 
LYS CD  CE   sing N N 294 
LYS CD  HD2  sing N N 295 
LYS CD  HD3  sing N N 296 
LYS CE  NZ   sing N N 297 
LYS CE  HE2  sing N N 298 
LYS CE  HE3  sing N N 299 
LYS NZ  HZ1  sing N N 300 
LYS NZ  HZ2  sing N N 301 
LYS NZ  HZ3  sing N N 302 
LYS OXT HXT  sing N N 303 
MET N   CA   sing N N 304 
MET N   H    sing N N 305 
MET N   H2   sing N N 306 
MET CA  C    sing N N 307 
MET CA  CB   sing N N 308 
MET CA  HA   sing N N 309 
MET C   O    doub N N 310 
MET C   OXT  sing N N 311 
MET CB  CG   sing N N 312 
MET CB  HB2  sing N N 313 
MET CB  HB3  sing N N 314 
MET CG  SD   sing N N 315 
MET CG  HG2  sing N N 316 
MET CG  HG3  sing N N 317 
MET SD  CE   sing N N 318 
MET CE  HE1  sing N N 319 
MET CE  HE2  sing N N 320 
MET CE  HE3  sing N N 321 
MET OXT HXT  sing N N 322 
PHE N   CA   sing N N 323 
PHE N   H    sing N N 324 
PHE N   H2   sing N N 325 
PHE CA  C    sing N N 326 
PHE CA  CB   sing N N 327 
PHE CA  HA   sing N N 328 
PHE C   O    doub N N 329 
PHE C   OXT  sing N N 330 
PHE CB  CG   sing N N 331 
PHE CB  HB2  sing N N 332 
PHE CB  HB3  sing N N 333 
PHE CG  CD1  doub Y N 334 
PHE CG  CD2  sing Y N 335 
PHE CD1 CE1  sing Y N 336 
PHE CD1 HD1  sing N N 337 
PHE CD2 CE2  doub Y N 338 
PHE CD2 HD2  sing N N 339 
PHE CE1 CZ   doub Y N 340 
PHE CE1 HE1  sing N N 341 
PHE CE2 CZ   sing Y N 342 
PHE CE2 HE2  sing N N 343 
PHE CZ  HZ   sing N N 344 
PHE OXT HXT  sing N N 345 
PRO N   CA   sing N N 346 
PRO N   CD   sing N N 347 
PRO N   H    sing N N 348 
PRO CA  C    sing N N 349 
PRO CA  CB   sing N N 350 
PRO CA  HA   sing N N 351 
PRO C   O    doub N N 352 
PRO C   OXT  sing N N 353 
PRO CB  CG   sing N N 354 
PRO CB  HB2  sing N N 355 
PRO CB  HB3  sing N N 356 
PRO CG  CD   sing N N 357 
PRO CG  HG2  sing N N 358 
PRO CG  HG3  sing N N 359 
PRO CD  HD2  sing N N 360 
PRO CD  HD3  sing N N 361 
PRO OXT HXT  sing N N 362 
SER N   CA   sing N N 363 
SER N   H    sing N N 364 
SER N   H2   sing N N 365 
SER CA  C    sing N N 366 
SER CA  CB   sing N N 367 
SER CA  HA   sing N N 368 
SER C   O    doub N N 369 
SER C   OXT  sing N N 370 
SER CB  OG   sing N N 371 
SER CB  HB2  sing N N 372 
SER CB  HB3  sing N N 373 
SER OG  HG   sing N N 374 
SER OXT HXT  sing N N 375 
SO4 S   O1   doub N N 376 
SO4 S   O2   doub N N 377 
SO4 S   O3   sing N N 378 
SO4 S   O4   sing N N 379 
THR N   CA   sing N N 380 
THR N   H    sing N N 381 
THR N   H2   sing N N 382 
THR CA  C    sing N N 383 
THR CA  CB   sing N N 384 
THR CA  HA   sing N N 385 
THR C   O    doub N N 386 
THR C   OXT  sing N N 387 
THR CB  OG1  sing N N 388 
THR CB  CG2  sing N N 389 
THR CB  HB   sing N N 390 
THR OG1 HG1  sing N N 391 
THR CG2 HG21 sing N N 392 
THR CG2 HG22 sing N N 393 
THR CG2 HG23 sing N N 394 
THR OXT HXT  sing N N 395 
TRP N   CA   sing N N 396 
TRP N   H    sing N N 397 
TRP N   H2   sing N N 398 
TRP CA  C    sing N N 399 
TRP CA  CB   sing N N 400 
TRP CA  HA   sing N N 401 
TRP C   O    doub N N 402 
TRP C   OXT  sing N N 403 
TRP CB  CG   sing N N 404 
TRP CB  HB2  sing N N 405 
TRP CB  HB3  sing N N 406 
TRP CG  CD1  doub Y N 407 
TRP CG  CD2  sing Y N 408 
TRP CD1 NE1  sing Y N 409 
TRP CD1 HD1  sing N N 410 
TRP CD2 CE2  doub Y N 411 
TRP CD2 CE3  sing Y N 412 
TRP NE1 CE2  sing Y N 413 
TRP NE1 HE1  sing N N 414 
TRP CE2 CZ2  sing Y N 415 
TRP CE3 CZ3  doub Y N 416 
TRP CE3 HE3  sing N N 417 
TRP CZ2 CH2  doub Y N 418 
TRP CZ2 HZ2  sing N N 419 
TRP CZ3 CH2  sing Y N 420 
TRP CZ3 HZ3  sing N N 421 
TRP CH2 HH2  sing N N 422 
TRP OXT HXT  sing N N 423 
TYR N   CA   sing N N 424 
TYR N   H    sing N N 425 
TYR N   H2   sing N N 426 
TYR CA  C    sing N N 427 
TYR CA  CB   sing N N 428 
TYR CA  HA   sing N N 429 
TYR C   O    doub N N 430 
TYR C   OXT  sing N N 431 
TYR CB  CG   sing N N 432 
TYR CB  HB2  sing N N 433 
TYR CB  HB3  sing N N 434 
TYR CG  CD1  doub Y N 435 
TYR CG  CD2  sing Y N 436 
TYR CD1 CE1  sing Y N 437 
TYR CD1 HD1  sing N N 438 
TYR CD2 CE2  doub Y N 439 
TYR CD2 HD2  sing N N 440 
TYR CE1 CZ   doub Y N 441 
TYR CE1 HE1  sing N N 442 
TYR CE2 CZ   sing Y N 443 
TYR CE2 HE2  sing N N 444 
TYR CZ  OH   sing N N 445 
TYR OH  HH   sing N N 446 
TYR OXT HXT  sing N N 447 
VAL N   CA   sing N N 448 
VAL N   H    sing N N 449 
VAL N   H2   sing N N 450 
VAL CA  C    sing N N 451 
VAL CA  CB   sing N N 452 
VAL CA  HA   sing N N 453 
VAL C   O    doub N N 454 
VAL C   OXT  sing N N 455 
VAL CB  CG1  sing N N 456 
VAL CB  CG2  sing N N 457 
VAL CB  HB   sing N N 458 
VAL CG1 HG11 sing N N 459 
VAL CG1 HG12 sing N N 460 
VAL CG1 HG13 sing N N 461 
VAL CG2 HG21 sing N N 462 
VAL CG2 HG22 sing N N 463 
VAL CG2 HG23 sing N N 464 
VAL OXT HXT  sing N N 465 
# 
_atom_sites.entry_id                    5TA4 
_atom_sites.fract_transf_matrix[1][1]   -0.01070326 
_atom_sites.fract_transf_matrix[1][2]   0.01655780 
_atom_sites.fract_transf_matrix[1][3]   0.00700069 
_atom_sites.fract_transf_matrix[2][1]   0.01780921 
_atom_sites.fract_transf_matrix[2][2]   0.00865597 
_atom_sites.fract_transf_matrix[2][3]   0.00675545 
_atom_sites.fract_transf_matrix[3][1]   0.00181538 
_atom_sites.fract_transf_matrix[3][2]   0.00697648 
_atom_sites.fract_transf_matrix[3][3]   -0.01372502 
_atom_sites.fract_transf_vector[1]      -0.086245 
_atom_sites.fract_transf_vector[2]      0.447984 
_atom_sites.fract_transf_vector[3]      -0.048400 
# 
loop_
_atom_type.symbol 
C 
N 
O 
S 
# 
loop_
_atom_site.group_PDB 
_atom_site.id 
_atom_site.type_symbol 
_atom_site.label_atom_id 
_atom_site.label_alt_id 
_atom_site.label_comp_id 
_atom_site.label_asym_id 
_atom_site.label_entity_id 
_atom_site.label_seq_id 
_atom_site.pdbx_PDB_ins_code 
_atom_site.Cartn_x 
_atom_site.Cartn_y 
_atom_site.Cartn_z 
_atom_site.occupancy 
_atom_site.B_iso_or_equiv 
_atom_site.pdbx_formal_charge 
_atom_site.auth_seq_id 
_atom_site.auth_comp_id 
_atom_site.auth_asym_id 
_atom_site.auth_atom_id 
_atom_site.pdbx_PDB_model_num 
ATOM   1    N N   . VAL A 1 1   ? 18.682  -5.364  -6.653  1.00 33.95 ? 2   VAL A N   1 
ATOM   2    C CA  . VAL A 1 1   ? 19.114  -4.500  -5.568  1.00 24.33 ? 2   VAL A CA  1 
ATOM   3    C C   . VAL A 1 1   ? 17.927  -3.790  -4.932  1.00 17.35 ? 2   VAL A C   1 
ATOM   4    O O   . VAL A 1 1   ? 18.054  -3.221  -3.848  1.00 19.40 ? 2   VAL A O   1 
ATOM   5    C CB  . VAL A 1 1   ? 20.129  -3.448  -6.050  1.00 17.80 ? 2   VAL A CB  1 
ATOM   6    C CG1 . VAL A 1 1   ? 21.140  -4.091  -6.969  1.00 32.73 ? 2   VAL A CG1 1 
ATOM   7    C CG2 . VAL A 1 1   ? 19.402  -2.326  -6.787  1.00 18.14 ? 2   VAL A CG2 1 
ATOM   8    N N   . ASN A 1 2   ? 16.781  -3.806  -5.618  1.00 19.08 ? 3   ASN A N   1 
ATOM   9    C CA  . ASN A 1 2   ? 15.567  -3.201  -5.073  1.00 14.67 ? 3   ASN A CA  1 
ATOM   10   C C   . ASN A 1 2   ? 15.134  -3.974  -3.839  1.00 14.25 ? 3   ASN A C   1 
ATOM   11   O O   . ASN A 1 2   ? 15.218  -5.207  -3.820  1.00 16.28 ? 3   ASN A O   1 
ATOM   12   C CB  . ASN A 1 2   ? 14.436  -3.177  -6.108  1.00 14.13 ? 3   ASN A CB  1 
ATOM   13   C CG  . ASN A 1 2   ? 14.536  -1.990  -7.064  1.00 13.81 ? 3   ASN A CG  1 
ATOM   14   O OD1 . ASN A 1 2   ? 15.164  -0.980  -6.754  1.00 16.06 ? 3   ASN A OD1 1 
ATOM   15   N ND2 . ASN A 1 2   ? 13.915  -2.118  -8.225  1.00 15.87 ? 3   ASN A ND2 1 
ATOM   16   N N   . PRO A 1 3   ? 14.679  -3.255  -2.804  1.00 11.52 ? 4   PRO A N   1 
ATOM   17   C CA  . PRO A 1 3   ? 14.212  -3.930  -1.590  1.00 12.11 ? 4   PRO A CA  1 
ATOM   18   C C   . PRO A 1 3   ? 12.941  -4.738  -1.826  1.00 11.52 ? 4   PRO A C   1 
ATOM   19   O O   . PRO A 1 3   ? 12.136  -4.396  -2.705  1.00 10.37 ? 4   PRO A O   1 
ATOM   20   C CB  . PRO A 1 3   ? 13.930  -2.778  -0.613  1.00 13.19 ? 4   PRO A CB  1 
ATOM   21   C CG  . PRO A 1 3   ? 14.442  -1.527  -1.265  1.00 17.75 ? 4   PRO A CG  1 
ATOM   22   C CD  . PRO A 1 3   ? 14.512  -1.796  -2.733  1.00 11.80 ? 4   PRO A CD  1 
ATOM   23   N N   . THR A 1 4   ? 12.778  -5.799  -1.041  1.00 10.06 ? 5   THR A N   1 
ATOM   24   C CA  . THR A 1 4   ? 11.549  -6.584  -1.014  1.00 8.32  ? 5   THR A CA  1 
ATOM   25   C C   . THR A 1 4   ? 10.959  -6.537  0.383   1.00 9.37  ? 5   THR A C   1 
ATOM   26   O O   . THR A 1 4   ? 11.645  -6.834  1.353   1.00 12.12 ? 5   THR A O   1 
ATOM   27   C CB  . THR A 1 4   ? 11.787  -8.056  -1.401  1.00 10.81 ? 5   THR A CB  1 
ATOM   28   O OG1 . THR A 1 4   ? 12.319  -8.107  -2.730  1.00 18.19 ? 5   THR A OG1 1 
ATOM   29   C CG2 . THR A 1 4   ? 10.478  -8.824  -1.369  1.00 15.18 ? 5   THR A CG2 1 
ATOM   30   N N   . VAL A 1 5   ? 9.693   -6.151  0.495   1.00 9.46  ? 6   VAL A N   1 
ATOM   31   C CA  . VAL A 1 5   ? 9.039   -6.164  1.798   1.00 10.67 ? 6   VAL A CA  1 
ATOM   32   C C   . VAL A 1 5   ? 7.835   -7.101  1.777   1.00 8.43  ? 6   VAL A C   1 
ATOM   33   O O   . VAL A 1 5   ? 7.358   -7.493  0.711   1.00 9.35  ? 6   VAL A O   1 
ATOM   34   C CB  . VAL A 1 5   ? 8.603   -4.745  2.243   1.00 11.78 ? 6   VAL A CB  1 
ATOM   35   C CG1 . VAL A 1 5   ? 9.828   -3.848  2.455   1.00 13.25 ? 6   VAL A CG1 1 
ATOM   36   C CG2 . VAL A 1 5   ? 7.630   -4.134  1.241   1.00 14.60 ? 6   VAL A CG2 1 
ATOM   37   N N   . PHE A 1 6   ? 7.359   -7.483  2.954   1.00 9.92  ? 7   PHE A N   1 
ATOM   38   C CA  . PHE A 1 6   ? 6.208   -8.381  3.040   1.00 9.83  ? 7   PHE A CA  1 
ATOM   39   C C   . PHE A 1 6   ? 5.165   -7.859  4.008   1.00 9.40  ? 7   PHE A C   1 
ATOM   40   O O   . PHE A 1 6   ? 5.502   -7.158  4.954   1.00 9.60  ? 7   PHE A O   1 
ATOM   41   C CB  . PHE A 1 6   ? 6.634   -9.797  3.476   1.00 9.63  ? 7   PHE A CB  1 
ATOM   42   C CG  . PHE A 1 6   ? 7.017   -9.904  4.931   1.00 10.64 ? 7   PHE A CG  1 
ATOM   43   C CD1 . PHE A 1 6   ? 8.319   -9.653  5.333   1.00 12.03 ? 7   PHE A CD1 1 
ATOM   44   C CD2 . PHE A 1 6   ? 6.074   -10.251 5.899   1.00 12.01 ? 7   PHE A CD2 1 
ATOM   45   C CE1 . PHE A 1 6   ? 8.684   -9.743  6.669   1.00 12.81 ? 7   PHE A CE1 1 
ATOM   46   C CE2 . PHE A 1 6   ? 6.435   -10.338 7.247   1.00 13.73 ? 7   PHE A CE2 1 
ATOM   47   C CZ  . PHE A 1 6   ? 7.736   -10.076 7.626   1.00 13.62 ? 7   PHE A CZ  1 
ATOM   48   N N   . PHE A 1 7   ? 3.907   -8.215  3.736   1.00 8.61  ? 8   PHE A N   1 
ATOM   49   C CA  . PHE A 1 7   ? 2.787   -8.074  4.661   1.00 8.89  ? 8   PHE A CA  1 
ATOM   50   C C   . PHE A 1 7   ? 2.245   -9.470  4.938   1.00 9.85  ? 8   PHE A C   1 
ATOM   51   O O   . PHE A 1 7   ? 2.004   -10.229 3.999   1.00 10.16 ? 8   PHE A O   1 
ATOM   52   C CB  . PHE A 1 7   ? 1.628   -7.267  4.068   1.00 8.89  ? 8   PHE A CB  1 
ATOM   53   C CG  . PHE A 1 7   ? 1.888   -5.797  3.847   1.00 9.59  ? 8   PHE A CG  1 
ATOM   54   C CD1 . PHE A 1 7   ? 3.009   -5.153  4.346   1.00 10.39 ? 8   PHE A CD1 1 
ATOM   55   C CD2 . PHE A 1 7   ? 0.955   -5.061  3.128   1.00 8.97  ? 8   PHE A CD2 1 
ATOM   56   C CE1 . PHE A 1 7   ? 3.184   -3.779  4.116   1.00 9.65  ? 8   PHE A CE1 1 
ATOM   57   C CE2 . PHE A 1 7   ? 1.119   -3.702  2.896   1.00 7.98  ? 8   PHE A CE2 1 
ATOM   58   C CZ  . PHE A 1 7   ? 2.239   -3.062  3.384   1.00 8.22  ? 8   PHE A CZ  1 
ATOM   59   N N   . ASP A 1 8   ? 2.004   -9.798  6.197   1.00 9.37  ? 9   ASP A N   1 
ATOM   60   C CA  . ASP A 1 8   ? 1.197   -10.960 6.536   1.00 9.86  ? 9   ASP A CA  1 
ATOM   61   C C   . ASP A 1 8   ? -0.207  -10.453 6.834   1.00 10.49 ? 9   ASP A C   1 
ATOM   62   O O   . ASP A 1 8   ? -0.396  -9.675  7.764   1.00 12.77 ? 9   ASP A O   1 
ATOM   63   C CB  . ASP A 1 8   ? 1.781   -11.709 7.733   1.00 11.08 ? 9   ASP A CB  1 
ATOM   64   C CG  . ASP A 1 8   ? 3.016   -12.506 7.369   1.00 15.18 ? 9   ASP A CG  1 
ATOM   65   O OD1 . ASP A 1 8   ? 3.049   -13.064 6.252   1.00 16.99 ? 9   ASP A OD1 1 
ATOM   66   O OD2 . ASP A 1 8   ? 3.962   -12.563 8.181   1.00 16.72 ? 9   ASP A OD2 1 
ATOM   67   N N   . ILE A 1 9   ? -1.170  -10.876 6.019   1.00 10.63 ? 10  ILE A N   1 
ATOM   68   C CA  . ILE A 1 9   ? -2.540  -10.375 6.066   1.00 10.06 ? 10  ILE A CA  1 
ATOM   69   C C   . ILE A 1 9   ? -3.450  -11.319 6.851   1.00 11.54 ? 10  ILE A C   1 
ATOM   70   O O   . ILE A 1 9   ? -3.375  -12.539 6.682   1.00 11.48 ? 10  ILE A O   1 
ATOM   71   C CB  . ILE A 1 9   ? -3.108  -10.199 4.624   1.00 12.54 ? 10  ILE A CB  1 
ATOM   72   C CG1 . ILE A 1 9   ? -2.183  -9.307  3.786   1.00 15.39 ? 10  ILE A CG1 1 
ATOM   73   C CG2 . ILE A 1 9   ? -4.534  -9.642  4.635   1.00 15.19 ? 10  ILE A CG2 1 
ATOM   74   C CD1 . ILE A 1 9   ? -2.126  -7.893  4.273   1.00 13.45 ? 10  ILE A CD1 1 
ATOM   75   N N   . ALA A 1 10  ? -4.304  -10.758 7.701   1.00 10.91 ? 11  ALA A N   1 
ATOM   76   C CA  . ALA A 1 10  ? -5.317  -11.551 8.386   1.00 12.93 ? 11  ALA A CA  1 
ATOM   77   C C   . ALA A 1 10  ? -6.691  -10.907 8.220   1.00 16.06 ? 11  ALA A C   1 
ATOM   78   O O   . ALA A 1 10  ? -6.793  -9.688  8.078   1.00 14.56 ? 11  ALA A O   1 
ATOM   79   C CB  . ALA A 1 10  ? -4.970  -11.709 9.865   1.00 12.94 ? 11  ALA A CB  1 
ATOM   80   N N   . VAL A 1 11  ? -7.737  -11.733 8.198   1.00 12.63 ? 12  VAL A N   1 
ATOM   81   C CA  . VAL A 1 11  ? -9.109  -11.242 8.115   1.00 12.69 ? 12  VAL A CA  1 
ATOM   82   C C   . VAL A 1 11  ? -9.767  -11.434 9.481   1.00 13.11 ? 12  VAL A C   1 
ATOM   83   O O   . VAL A 1 11  ? -10.115 -12.549 9.855   1.00 12.87 ? 12  VAL A O   1 
ATOM   84   C CB  . VAL A 1 11  ? -9.914  -11.974 7.022   1.00 15.28 ? 12  VAL A CB  1 
ATOM   85   C CG1 . VAL A 1 11  ? -11.319 -11.365 6.875   1.00 19.74 ? 12  VAL A CG1 1 
ATOM   86   C CG2 . VAL A 1 11  ? -9.159  -11.946 5.687   1.00 22.26 ? 12  VAL A CG2 1 
ATOM   87   N N   . ASP A 1 12  ? -9.885  -10.344 10.234  1.00 18.97 ? 13  ASP A N   1 
ATOM   88   C CA  . ASP A 1 12  ? -10.361 -10.361 11.623  1.00 17.38 ? 13  ASP A CA  1 
ATOM   89   C C   . ASP A 1 12  ? -9.764  -11.529 12.415  1.00 17.90 ? 13  ASP A C   1 
ATOM   90   O O   . ASP A 1 12  ? -10.475 -12.290 13.080  1.00 17.75 ? 13  ASP A O   1 
ATOM   91   C CB  . ASP A 1 12  ? -11.893 -10.412 11.661  1.00 20.86 ? 13  ASP A CB  1 
ATOM   92   C CG  . ASP A 1 12  ? -12.452 -10.260 13.068  1.00 32.98 ? 13  ASP A CG  1 
ATOM   93   O OD1 . ASP A 1 12  ? -11.701 -9.803  13.963  1.00 29.09 ? 13  ASP A OD1 1 
ATOM   94   O OD2 . ASP A 1 12  ? -13.639 -10.596 13.279  1.00 29.58 ? 13  ASP A OD2 1 
ATOM   95   N N   . GLY A 1 13  ? -8.447  -11.677 12.320  1.00 14.47 ? 14  GLY A N   1 
ATOM   96   C CA  . GLY A 1 13  ? -7.734  -12.684 13.078  1.00 15.32 ? 14  GLY A CA  1 
ATOM   97   C C   . GLY A 1 13  ? -7.418  -13.965 12.337  1.00 17.40 ? 14  GLY A C   1 
ATOM   98   O O   . GLY A 1 13  ? -6.552  -14.726 12.760  1.00 19.19 ? 14  GLY A O   1 
ATOM   99   N N   . GLU A 1 14  ? -8.134  -14.225 11.248  1.00 11.54 ? 15  GLU A N   1 
ATOM   100  C CA  . GLU A 1 14  ? -7.891  -15.435 10.470  1.00 12.55 ? 15  GLU A CA  1 
ATOM   101  C C   . GLU A 1 14  ? -6.791  -15.188 9.444   1.00 11.32 ? 15  GLU A C   1 
ATOM   102  O O   . GLU A 1 14  ? -6.936  -14.317 8.589   1.00 11.56 ? 15  GLU A O   1 
ATOM   103  C CB  . GLU A 1 14  ? -9.176  -15.875 9.762   1.00 12.46 ? 15  GLU A CB  1 
ATOM   104  C CG  . GLU A 1 14  ? -10.207 -16.476 10.690  1.00 17.44 ? 15  GLU A CG  1 
ATOM   105  C CD  . GLU A 1 14  ? -9.719  -17.767 11.300  1.00 22.75 ? 15  GLU A CD  1 
ATOM   106  O OE1 . GLU A 1 14  ? -9.193  -18.615 10.548  1.00 30.27 ? 15  GLU A OE1 1 
ATOM   107  O OE2 . GLU A 1 14  ? -9.852  -17.928 12.532  1.00 31.51 ? 15  GLU A OE2 1 
ATOM   108  N N   . PRO A 1 15  ? -5.687  -15.945 9.518   1.00 11.46 ? 16  PRO A N   1 
ATOM   109  C CA  . PRO A 1 15  ? -4.590  -15.714 8.574   1.00 10.79 ? 16  PRO A CA  1 
ATOM   110  C C   . PRO A 1 15  ? -5.032  -15.944 7.144   1.00 11.00 ? 16  PRO A C   1 
ATOM   111  O O   . PRO A 1 15  ? -5.711  -16.937 6.856   1.00 15.31 ? 16  PRO A O   1 
ATOM   112  C CB  . PRO A 1 15  ? -3.534  -16.748 8.992   1.00 13.88 ? 16  PRO A CB  1 
ATOM   113  C CG  . PRO A 1 15  ? -3.828  -17.010 10.432  1.00 20.14 ? 16  PRO A CG  1 
ATOM   114  C CD  . PRO A 1 15  ? -5.322  -16.914 10.564  1.00 17.65 ? 16  PRO A CD  1 
ATOM   115  N N   . LEU A 1 16  ? -4.663  -15.025 6.257   1.00 11.45 ? 17  LEU A N   1 
ATOM   116  C CA  . LEU A 1 16  ? -4.988  -15.186 4.847   1.00 10.54 ? 17  LEU A CA  1 
ATOM   117  C C   . LEU A 1 16  ? -3.753  -15.568 4.041   1.00 14.35 ? 17  LEU A C   1 
ATOM   118  O O   . LEU A 1 16  ? -3.802  -16.485 3.223   1.00 18.85 ? 17  LEU A O   1 
ATOM   119  C CB  . LEU A 1 16  ? -5.621  -13.903 4.312   1.00 14.11 ? 17  LEU A CB  1 
ATOM   120  C CG  . LEU A 1 16  ? -6.124  -13.912 2.874   1.00 15.95 ? 17  LEU A CG  1 
ATOM   121  C CD1 . LEU A 1 16  ? -7.153  -15.029 2.659   1.00 17.75 ? 17  LEU A CD1 1 
ATOM   122  C CD2 . LEU A 1 16  ? -6.728  -12.558 2.546   1.00 19.14 ? 17  LEU A CD2 1 
ATOM   123  N N   . GLY A 1 17  ? -2.643  -14.883 4.283   1.00 12.38 ? 18  GLY A N   1 
ATOM   124  C CA  . GLY A 1 17  ? -1.400  -15.212 3.609   1.00 14.88 ? 18  GLY A CA  1 
ATOM   125  C C   . GLY A 1 17  ? -0.451  -14.035 3.548   1.00 13.95 ? 18  GLY A C   1 
ATOM   126  O O   . GLY A 1 17  ? -0.747  -12.958 4.072   1.00 11.84 ? 18  GLY A O   1 
ATOM   127  N N   . ARG A 1 18  ? 0.689   -14.261 2.903   1.00 13.21 ? 19  ARG A N   1 
ATOM   128  C CA  . ARG A 1 18  ? 1.737   -13.265 2.767   1.00 10.18 ? 19  ARG A CA  1 
ATOM   129  C C   . ARG A 1 18  ? 1.765   -12.663 1.370   1.00 10.84 ? 19  ARG A C   1 
ATOM   130  O O   . ARG A 1 18  ? 1.759   -13.386 0.378   1.00 13.21 ? 19  ARG A O   1 
ATOM   131  C CB  . ARG A 1 18  ? 3.095   -13.887 3.076   1.00 11.88 ? 19  ARG A CB  1 
ATOM   132  C CG  . ARG A 1 18  ? 4.264   -12.917 2.900   1.00 10.66 ? 19  ARG A CG  1 
ATOM   133  C CD  . ARG A 1 18  ? 5.555   -13.470 3.470   1.00 13.41 ? 19  ARG A CD  1 
ATOM   134  N NE  . ARG A 1 18  ? 5.489   -13.533 4.920   1.00 13.15 ? 19  ARG A NE  1 
ATOM   135  C CZ  . ARG A 1 18  ? 6.525   -13.793 5.705   1.00 14.25 ? 19  ARG A CZ  1 
ATOM   136  N NH1 . ARG A 1 18  ? 7.723   -14.010 5.172   1.00 19.14 ? 19  ARG A NH1 1 
ATOM   137  N NH2 . ARG A 1 18  ? 6.358   -13.831 7.017   1.00 17.86 ? 19  ARG A NH2 1 
ATOM   138  N N   . VAL A 1 19  ? 1.817   -11.336 1.315   1.00 8.78  ? 20  VAL A N   1 
ATOM   139  C CA  . VAL A 1 19  ? 2.047   -10.607 0.083   1.00 9.26  ? 20  VAL A CA  1 
ATOM   140  C C   . VAL A 1 19  ? 3.441   -9.997  0.156   1.00 8.60  ? 20  VAL A C   1 
ATOM   141  O O   . VAL A 1 19  ? 3.807   -9.386  1.168   1.00 9.87  ? 20  VAL A O   1 
ATOM   142  C CB  . VAL A 1 19  ? 0.993   -9.503  -0.127  1.00 10.21 ? 20  VAL A CB  1 
ATOM   143  C CG1 . VAL A 1 19  ? 1.185   -8.814  -1.469  1.00 11.07 ? 20  VAL A CG1 1 
ATOM   144  C CG2 . VAL A 1 19  ? -0.405  -10.079 -0.037  1.00 13.64 ? 20  VAL A CG2 1 
ATOM   145  N N   . SER A 1 20  ? 4.234   -10.164 -0.897  1.00 8.84  ? 21  SER A N   1 
ATOM   146  C CA  . SER A 1 20  ? 5.530   -9.500  -0.924  1.00 8.82  ? 21  SER A CA  1 
ATOM   147  C C   . SER A 1 20  ? 5.565   -8.502  -2.072  1.00 9.74  ? 21  SER A C   1 
ATOM   148  O O   . SER A 1 20  ? 4.861   -8.659  -3.074  1.00 11.11 ? 21  SER A O   1 
ATOM   149  C CB  . SER A 1 20  ? 6.680   -10.499 -1.046  1.00 14.53 ? 21  SER A CB  1 
ATOM   150  O OG  . SER A 1 20  ? 6.686   -11.143 -2.304  1.00 17.93 ? 21  SER A OG  1 
ATOM   151  N N   . PHE A 1 21  ? 6.377   -7.465  -1.900  1.00 8.48  ? 22  PHE A N   1 
ATOM   152  C CA  . PHE A 1 21  ? 6.458   -6.365  -2.848  1.00 9.01  ? 22  PHE A CA  1 
ATOM   153  C C   . PHE A 1 21  ? 7.891   -6.036  -3.199  1.00 10.53 ? 22  PHE A C   1 
ATOM   154  O O   . PHE A 1 21  ? 8.731   -5.915  -2.309  1.00 11.35 ? 22  PHE A O   1 
ATOM   155  C CB  . PHE A 1 21  ? 5.846   -5.082  -2.286  1.00 10.77 ? 22  PHE A CB  1 
ATOM   156  C CG  . PHE A 1 21  ? 4.486   -5.243  -1.680  1.00 9.04  ? 22  PHE A CG  1 
ATOM   157  C CD1 . PHE A 1 21  ? 3.350   -5.092  -2.456  1.00 9.18  ? 22  PHE A CD1 1 
ATOM   158  C CD2 . PHE A 1 21  ? 4.347   -5.497  -0.324  1.00 8.96  ? 22  PHE A CD2 1 
ATOM   159  C CE1 . PHE A 1 21  ? 2.091   -5.206  -1.889  1.00 9.82  ? 22  PHE A CE1 1 
ATOM   160  C CE2 . PHE A 1 21  ? 3.086   -5.619  0.246   1.00 11.34 ? 22  PHE A CE2 1 
ATOM   161  C CZ  . PHE A 1 21  ? 1.959   -5.471  -0.543  1.00 11.92 ? 22  PHE A CZ  1 
ATOM   162  N N   . GLU A 1 22  ? 8.159   -5.851  -4.489  1.00 6.73  ? 23  GLU A N   1 
ATOM   163  C CA  . GLU A 1 22  ? 9.381   -5.199  -4.925  1.00 8.68  ? 23  GLU A CA  1 
ATOM   164  C C   . GLU A 1 22  ? 9.142   -3.694  -4.903  1.00 7.45  ? 23  GLU A C   1 
ATOM   165  O O   . GLU A 1 22  ? 8.126   -3.226  -5.408  1.00 9.78  ? 23  GLU A O   1 
ATOM   166  C CB  . GLU A 1 22  ? 9.784   -5.655  -6.332  1.00 9.95  ? 23  GLU A CB  1 
ATOM   167  C CG  . GLU A 1 22  ? 11.010  -4.910  -6.854  1.00 11.85 ? 23  GLU A CG  1 
ATOM   168  C CD  . GLU A 1 22  ? 11.396  -5.274  -8.275  1.00 16.15 ? 23  GLU A CD  1 
ATOM   169  O OE1 . GLU A 1 22  ? 10.762  -6.174  -8.863  1.00 19.72 ? 23  GLU A OE1 1 
ATOM   170  O OE2 . GLU A 1 22  ? 12.350  -4.656  -8.807  1.00 16.84 ? 23  GLU A OE2 1 
ATOM   171  N N   . LEU A 1 23  ? 10.058  -2.952  -4.294  1.00 8.98  ? 24  LEU A N   1 
ATOM   172  C CA  . LEU A 1 23  ? 9.981   -1.499  -4.233  1.00 7.14  ? 24  LEU A CA  1 
ATOM   173  C C   . LEU A 1 23  ? 10.993  -0.934  -5.213  1.00 10.98 ? 24  LEU A C   1 
ATOM   174  O O   . LEU A 1 23  ? 12.178  -1.258  -5.122  1.00 11.02 ? 24  LEU A O   1 
ATOM   175  C CB  . LEU A 1 23  ? 10.284  -0.999  -2.821  1.00 11.02 ? 24  LEU A CB  1 
ATOM   176  C CG  . LEU A 1 23  ? 9.485   -1.642  -1.687  1.00 8.07  ? 24  LEU A CG  1 
ATOM   177  C CD1 . LEU A 1 23  ? 9.841   -0.970  -0.382  1.00 11.91 ? 24  LEU A CD1 1 
ATOM   178  C CD2 . LEU A 1 23  ? 7.984   -1.520  -1.940  1.00 9.81  ? 24  LEU A CD2 1 
ATOM   179  N N   . PHE A 1 24  ? 10.539  -0.089  -6.130  1.00 10.01 ? 25  PHE A N   1 
ATOM   180  C CA  . PHE A 1 24  ? 11.401  0.382   -7.211  1.00 10.30 ? 25  PHE A CA  1 
ATOM   181  C C   . PHE A 1 24  ? 12.277  1.544   -6.746  1.00 11.33 ? 25  PHE A C   1 
ATOM   182  O O   . PHE A 1 24  ? 12.083  2.691   -7.155  1.00 13.67 ? 25  PHE A O   1 
ATOM   183  C CB  . PHE A 1 24  ? 10.552  0.778   -8.427  1.00 12.34 ? 25  PHE A CB  1 
ATOM   184  C CG  . PHE A 1 24  ? 9.695   -0.346  -8.960  1.00 13.22 ? 25  PHE A CG  1 
ATOM   185  C CD1 . PHE A 1 24  ? 10.239  -1.610  -9.160  1.00 16.67 ? 25  PHE A CD1 1 
ATOM   186  C CD2 . PHE A 1 24  ? 8.361   -0.143  -9.253  1.00 13.85 ? 25  PHE A CD2 1 
ATOM   187  C CE1 . PHE A 1 24  ? 9.464   -2.644  -9.646  1.00 15.13 ? 25  PHE A CE1 1 
ATOM   188  C CE2 . PHE A 1 24  ? 7.580   -1.179  -9.740  1.00 13.57 ? 25  PHE A CE2 1 
ATOM   189  C CZ  . PHE A 1 24  ? 8.134   -2.428  -9.933  1.00 16.54 ? 25  PHE A CZ  1 
ATOM   190  N N   . ALA A 1 25  ? 13.236  1.244   -5.877  1.00 11.82 ? 26  ALA A N   1 
ATOM   191  C CA  . ALA A 1 25  ? 14.128  2.264   -5.350  1.00 11.89 ? 26  ALA A CA  1 
ATOM   192  C C   . ALA A 1 25  ? 15.014  2.814   -6.458  1.00 14.00 ? 26  ALA A C   1 
ATOM   193  O O   . ALA A 1 25  ? 15.523  3.921   -6.342  1.00 17.20 ? 26  ALA A O   1 
ATOM   194  C CB  . ALA A 1 25  ? 14.981  1.710   -4.202  1.00 13.61 ? 26  ALA A CB  1 
ATOM   195  N N   . ASP A 1 26  ? 15.157  2.051   -7.538  1.00 13.40 ? 27  ASP A N   1 
ATOM   196  C CA  . ASP A 1 26  ? 15.959  2.485   -8.678  1.00 15.44 ? 27  ASP A CA  1 
ATOM   197  C C   . ASP A 1 26  ? 15.289  3.617   -9.449  1.00 21.18 ? 27  ASP A C   1 
ATOM   198  O O   . ASP A 1 26  ? 15.970  4.380   -10.127 1.00 21.89 ? 27  ASP A O   1 
ATOM   199  C CB  . ASP A 1 26  ? 16.257  1.304   -9.619  1.00 18.01 ? 27  ASP A CB  1 
ATOM   200  C CG  . ASP A 1 26  ? 15.002  0.640   -10.168 1.00 21.03 ? 27  ASP A CG  1 
ATOM   201  O OD1 . ASP A 1 26  ? 13.960  0.635   -9.483  1.00 18.53 ? 27  ASP A OD1 1 
ATOM   202  O OD2 . ASP A 1 26  ? 15.067  0.097   -11.291 1.00 28.65 ? 27  ASP A OD2 1 
ATOM   203  N N   . LYS A 1 27  ? 13.967  3.735   -9.335  1.00 15.72 ? 28  LYS A N   1 
ATOM   204  C CA  . LYS A 1 27  ? 13.223  4.765   -10.072 1.00 16.24 ? 28  LYS A CA  1 
ATOM   205  C C   . LYS A 1 27  ? 12.656  5.867   -9.173  1.00 16.45 ? 28  LYS A C   1 
ATOM   206  O O   . LYS A 1 27  ? 12.618  7.040   -9.563  1.00 15.25 ? 28  LYS A O   1 
ATOM   207  C CB  . LYS A 1 27  ? 12.068  4.139   -10.854 1.00 17.39 ? 28  LYS A CB  1 
ATOM   208  C CG  . LYS A 1 27  ? 12.460  3.020   -11.801 1.00 22.56 ? 28  LYS A CG  1 
ATOM   209  C CD  . LYS A 1 27  ? 13.146  3.566   -13.034 1.00 32.73 ? 28  LYS A CD  1 
ATOM   210  C CE  . LYS A 1 27  ? 12.994  2.607   -14.205 1.00 38.81 ? 28  LYS A CE  1 
ATOM   211  N NZ  . LYS A 1 27  ? 13.681  3.116   -15.424 1.00 44.88 ? 28  LYS A NZ  1 
ATOM   212  N N   . VAL A 1 28  ? 12.171  5.481   -7.993  1.00 11.94 ? 29  VAL A N   1 
ATOM   213  C CA  . VAL A 1 28  ? 11.603  6.420   -7.017  1.00 10.55 ? 29  VAL A CA  1 
ATOM   214  C C   . VAL A 1 28  ? 12.163  6.140   -5.634  1.00 13.09 ? 29  VAL A C   1 
ATOM   215  O O   . VAL A 1 28  ? 11.469  5.614   -4.754  1.00 11.35 ? 29  VAL A O   1 
ATOM   216  C CB  . VAL A 1 28  ? 10.045  6.365   -6.978  1.00 12.42 ? 29  VAL A CB  1 
ATOM   217  C CG1 . VAL A 1 28  ? 9.442   7.240   -8.067  1.00 14.66 ? 29  VAL A CG1 1 
ATOM   218  C CG2 . VAL A 1 28  ? 9.582   4.944   -7.162  1.00 15.12 ? 29  VAL A CG2 1 
ATOM   219  N N   . PRO A 1 29  ? 13.433  6.506   -5.424  1.00 13.48 ? 30  PRO A N   1 
ATOM   220  C CA  . PRO A 1 29  ? 14.103  6.113   -4.181  1.00 12.57 ? 30  PRO A CA  1 
ATOM   221  C C   . PRO A 1 29  ? 13.505  6.729   -2.916  1.00 12.22 ? 30  PRO A C   1 
ATOM   222  O O   . PRO A 1 29  ? 13.448  6.040   -1.903  1.00 11.97 ? 30  PRO A O   1 
ATOM   223  C CB  . PRO A 1 29  ? 15.552  6.577   -4.398  1.00 12.03 ? 30  PRO A CB  1 
ATOM   224  C CG  . PRO A 1 29  ? 15.470  7.606   -5.479  1.00 13.33 ? 30  PRO A CG  1 
ATOM   225  C CD  . PRO A 1 29  ? 14.331  7.215   -6.358  1.00 12.77 ? 30  PRO A CD  1 
ATOM   226  N N   . LYS A 1 30  ? 13.052  7.977   -2.946  1.00 12.37 ? 31  LYS A N   1 
ATOM   227  C CA  . LYS A 1 30  ? 12.509  8.567   -1.727  1.00 9.18  ? 31  LYS A CA  1 
ATOM   228  C C   . LYS A 1 30  ? 11.189  7.899   -1.324  1.00 9.11  ? 31  LYS A C   1 
ATOM   229  O O   . LYS A 1 30  ? 10.926  7.641   -0.137  1.00 10.74 ? 31  LYS A O   1 
ATOM   230  C CB  . LYS A 1 30  ? 12.315  10.078  -1.902  1.00 13.83 ? 31  LYS A CB  1 
ATOM   231  C CG  . LYS A 1 30  ? 11.828  10.793  -0.656  1.00 14.31 ? 31  LYS A CG  1 
ATOM   232  C CD  . LYS A 1 30  ? 11.867  12.312  -0.836  1.00 17.66 ? 31  LYS A CD  1 
ATOM   233  C CE  . LYS A 1 30  ? 11.462  13.035  0.434   1.00 16.01 ? 31  LYS A CE  1 
ATOM   234  N NZ  . LYS A 1 30  ? 11.652  14.528  0.369   1.00 17.23 ? 31  LYS A NZ  1 
ATOM   235  N N   . THR A 1 31  ? 10.366  7.612   -2.323  1.00 10.74 ? 32  THR A N   1 
ATOM   236  C CA  . THR A 1 31  ? 9.053   7.037   -2.085  1.00 9.04  ? 32  THR A CA  1 
ATOM   237  C C   . THR A 1 31  ? 9.186   5.583   -1.639  1.00 9.04  ? 32  THR A C   1 
ATOM   238  O O   . THR A 1 31  ? 8.506   5.124   -0.701  1.00 9.15  ? 32  THR A O   1 
ATOM   239  C CB  . THR A 1 31  ? 8.199   7.154   -3.352  1.00 8.34  ? 32  THR A CB  1 
ATOM   240  O OG1 . THR A 1 31  ? 8.153   8.540   -3.758  1.00 10.47 ? 32  THR A OG1 1 
ATOM   241  C CG2 . THR A 1 31  ? 6.784   6.663   -3.093  1.00 8.15  ? 32  THR A CG2 1 
ATOM   242  N N   . ALA A 1 32  ? 10.074  4.861   -2.309  1.00 9.87  ? 33  ALA A N   1 
ATOM   243  C CA  . ALA A 1 32  ? 10.374  3.480   -1.940  1.00 9.13  ? 33  ALA A CA  1 
ATOM   244  C C   . ALA A 1 32  ? 10.906  3.388   -0.525  1.00 9.69  ? 33  ALA A C   1 
ATOM   245  O O   . ALA A 1 32  ? 10.502  2.505   0.233   1.00 10.21 ? 33  ALA A O   1 
ATOM   246  C CB  . ALA A 1 32  ? 11.365  2.871   -2.911  1.00 10.73 ? 33  ALA A CB  1 
ATOM   247  N N   . GLU A 1 33  ? 11.804  4.300   -0.158  1.00 9.60  ? 34  GLU A N   1 
ATOM   248  C CA  . GLU A 1 33  ? 12.387  4.260   1.178   1.00 10.47 ? 34  GLU A CA  1 
ATOM   249  C C   . GLU A 1 33  ? 11.347  4.484   2.272   1.00 8.71  ? 34  GLU A C   1 
ATOM   250  O O   . GLU A 1 33  ? 11.362  3.811   3.303   1.00 10.11 ? 34  GLU A O   1 
ATOM   251  C CB  . GLU A 1 33  ? 13.516  5.289   1.302   1.00 10.59 ? 34  GLU A CB  1 
ATOM   252  C CG  . GLU A 1 33  ? 14.102  5.416   2.707   1.00 12.09 ? 34  GLU A CG  1 
ATOM   253  C CD  . GLU A 1 33  ? 14.734  4.126   3.253   1.00 11.50 ? 34  GLU A CD  1 
ATOM   254  O OE1 . GLU A 1 33  ? 14.967  3.156   2.491   1.00 12.87 ? 34  GLU A OE1 1 
ATOM   255  O OE2 . GLU A 1 33  ? 14.983  4.094   4.478   1.00 15.92 ? 34  GLU A OE2 1 
ATOM   256  N N   . ASN A 1 34  ? 10.437  5.421   2.042   1.00 9.30  ? 35  ASN A N   1 
ATOM   257  C CA  . ASN A 1 34  ? 9.353   5.668   2.975   1.00 7.70  ? 35  ASN A CA  1 
ATOM   258  C C   . ASN A 1 34  ? 8.563   4.382   3.243   1.00 8.46  ? 35  ASN A C   1 
ATOM   259  O O   . ASN A 1 34  ? 8.347   3.999   4.393   1.00 9.05  ? 35  ASN A O   1 
ATOM   260  C CB  . ASN A 1 34  ? 8.430   6.772   2.431   1.00 7.98  ? 35  ASN A CB  1 
ATOM   261  C CG  . ASN A 1 34  ? 7.250   7.062   3.348   1.00 9.05  ? 35  ASN A CG  1 
ATOM   262  O OD1 . ASN A 1 34  ? 7.422   7.474   4.499   1.00 10.32 ? 35  ASN A OD1 1 
ATOM   263  N ND2 . ASN A 1 34  ? 6.040   6.866   2.833   1.00 8.77  ? 35  ASN A ND2 1 
ATOM   264  N N   . PHE A 1 35  ? 8.170   3.688   2.178   1.00 7.19  ? 36  PHE A N   1 
ATOM   265  C CA  . PHE A 1 35  ? 7.375   2.472   2.331   1.00 7.03  ? 36  PHE A CA  1 
ATOM   266  C C   . PHE A 1 35  ? 8.184   1.373   3.002   1.00 9.60  ? 36  PHE A C   1 
ATOM   267  O O   . PHE A 1 35  ? 7.660   0.641   3.836   1.00 7.38  ? 36  PHE A O   1 
ATOM   268  C CB  . PHE A 1 35  ? 6.850   2.009   0.965   1.00 6.18  ? 36  PHE A CB  1 
ATOM   269  C CG  . PHE A 1 35  ? 5.817   0.914   1.027   1.00 7.74  ? 36  PHE A CG  1 
ATOM   270  C CD1 . PHE A 1 35  ? 4.469   1.225   1.117   1.00 9.84  ? 36  PHE A CD1 1 
ATOM   271  C CD2 . PHE A 1 35  ? 6.197   -0.413  0.945   1.00 8.01  ? 36  PHE A CD2 1 
ATOM   272  C CE1 . PHE A 1 35  ? 3.514   0.229   1.149   1.00 9.02  ? 36  PHE A CE1 1 
ATOM   273  C CE2 . PHE A 1 35  ? 5.242   -1.430  0.977   1.00 6.47  ? 36  PHE A CE2 1 
ATOM   274  C CZ  . PHE A 1 35  ? 3.901   -1.100  1.081   1.00 6.39  ? 36  PHE A CZ  1 
ATOM   275  N N   . ARG A 1 36  ? 9.460   1.266   2.640   1.00 7.24  ? 37  ARG A N   1 
ATOM   276  C CA  . ARG A 1 36  ? 10.325  0.252   3.229   1.00 7.25  ? 37  ARG A CA  1 
ATOM   277  C C   . ARG A 1 36  ? 10.388  0.458   4.739   1.00 7.52  ? 37  ARG A C   1 
ATOM   278  O O   . ARG A 1 36  ? 10.178  -0.489  5.514   1.00 9.75  ? 37  ARG A O   1 
ATOM   279  C CB  . ARG A 1 36  ? 11.731  0.314   2.621   1.00 9.24  ? 37  ARG A CB  1 
ATOM   280  C CG  . ARG A 1 36  ? 12.638  -0.850  3.032   1.00 7.55  ? 37  ARG A CG  1 
ATOM   281  C CD  . ARG A 1 36  ? 14.134  -0.532  2.812   1.00 8.40  ? 37  ARG A CD  1 
ATOM   282  N NE  . ARG A 1 36  ? 14.531  0.587   3.651   1.00 11.18 ? 37  ARG A NE  1 
ATOM   283  C CZ  . ARG A 1 36  ? 14.779  0.497   4.952   1.00 10.28 ? 37  ARG A CZ  1 
ATOM   284  N NH1 . ARG A 1 36  ? 14.683  -0.677  5.582   1.00 9.54  ? 37  ARG A NH1 1 
ATOM   285  N NH2 . ARG A 1 36  ? 15.101  1.591   5.625   1.00 10.41 ? 37  ARG A NH2 1 
ATOM   286  N N   . ALA A 1 37  ? 10.672  1.690   5.153   1.00 9.21  ? 38  ALA A N   1 
ATOM   287  C CA  . ALA A 1 37  ? 10.866  1.993   6.571   1.00 9.02  ? 38  ALA A CA  1 
ATOM   288  C C   . ALA A 1 37  ? 9.561   1.858   7.358   1.00 9.23  ? 38  ALA A C   1 
ATOM   289  O O   . ALA A 1 37  ? 9.570   1.409   8.506   1.00 11.16 ? 38  ALA A O   1 
ATOM   290  C CB  . ALA A 1 37  ? 11.464  3.408   6.742   1.00 12.31 ? 38  ALA A CB  1 
ATOM   291  N N   . LEU A 1 38  ? 8.433   2.225   6.751   1.00 8.59  ? 39  LEU A N   1 
ATOM   292  C CA  . LEU A 1 38  ? 7.145   2.036   7.425   1.00 6.31  ? 39  LEU A CA  1 
ATOM   293  C C   . LEU A 1 38  ? 6.804   0.554   7.567   1.00 9.18  ? 39  LEU A C   1 
ATOM   294  O O   . LEU A 1 38  ? 6.166   0.157   8.534   1.00 8.58  ? 39  LEU A O   1 
ATOM   295  C CB  . LEU A 1 38  ? 6.027   2.767   6.678   1.00 9.49  ? 39  LEU A CB  1 
ATOM   296  C CG  . LEU A 1 38  ? 6.156   4.292   6.727   1.00 8.84  ? 39  LEU A CG  1 
ATOM   297  C CD1 . LEU A 1 38  ? 5.099   4.891   5.826   1.00 9.64  ? 39  LEU A CD1 1 
ATOM   298  C CD2 . LEU A 1 38  ? 6.018   4.846   8.152   1.00 11.79 ? 39  LEU A CD2 1 
ATOM   299  N N   . SER A 1 39  ? 7.238   -0.258  6.602   1.00 9.52  ? 40  SER A N   1 
ATOM   300  C CA  . SER A 1 39  ? 7.024   -1.708  6.657   1.00 9.20  ? 40  SER A CA  1 
ATOM   301  C C   . SER A 1 39  ? 7.876   -2.402  7.731   1.00 10.16 ? 40  SER A C   1 
ATOM   302  O O   . SER A 1 39  ? 7.463   -3.410  8.286   1.00 11.98 ? 40  SER A O   1 
ATOM   303  C CB  . SER A 1 39  ? 7.313   -2.346  5.293   1.00 9.92  ? 40  SER A CB  1 
ATOM   304  O OG  . SER A 1 39  ? 6.344   -1.943  4.325   1.00 9.44  ? 40  SER A OG  1 
ATOM   305  N N   . THR A 1 40  ? 9.056   -1.866  8.027   1.00 11.07 ? 41  THR A N   1 
ATOM   306  C CA  . THR A 1 40  ? 9.907   -2.469  9.056   1.00 10.44 ? 41  THR A CA  1 
ATOM   307  C C   . THR A 1 40  ? 9.630   -1.882  10.428  1.00 12.79 ? 41  THR A C   1 
ATOM   308  O O   . THR A 1 40  ? 9.909   -2.514  11.447  1.00 13.41 ? 41  THR A O   1 
ATOM   309  C CB  . THR A 1 40  ? 11.408  -2.264  8.769   1.00 9.94  ? 41  THR A CB  1 
ATOM   310  O OG1 . THR A 1 40  ? 11.717  -0.864  8.860   1.00 11.65 ? 41  THR A OG1 1 
ATOM   311  C CG2 . THR A 1 40  ? 11.794  -2.804  7.392   1.00 8.80  ? 41  THR A CG2 1 
ATOM   312  N N   . GLY A 1 41  ? 9.109   -0.659  10.452  1.00 12.43 ? 42  GLY A N   1 
ATOM   313  C CA  . GLY A 1 41  ? 8.845   0.028   11.698  1.00 11.97 ? 42  GLY A CA  1 
ATOM   314  C C   . GLY A 1 41  ? 10.095  0.600   12.345  1.00 14.36 ? 42  GLY A C   1 
ATOM   315  O O   . GLY A 1 41  ? 10.058  0.989   13.516  1.00 13.90 ? 42  GLY A O   1 
ATOM   316  N N   . GLU A 1 42  ? 11.189  0.689   11.590  1.00 12.35 ? 43  GLU A N   1 
ATOM   317  C CA  . GLU A 1 42  ? 12.504  0.989   12.176  1.00 13.86 ? 43  GLU A CA  1 
ATOM   318  C C   . GLU A 1 42  ? 12.675  2.447   12.620  1.00 15.96 ? 43  GLU A C   1 
ATOM   319  O O   . GLU A 1 42  ? 13.640  2.779   13.323  1.00 15.89 ? 43  GLU A O   1 
ATOM   320  C CB  . GLU A 1 42  ? 13.623  0.609   11.197  1.00 12.53 ? 43  GLU A CB  1 
ATOM   321  C CG  . GLU A 1 42  ? 13.678  1.451   9.931   1.00 10.63 ? 43  GLU A CG  1 
ATOM   322  C CD  . GLU A 1 42  ? 14.614  0.875   8.883   1.00 13.11 ? 43  GLU A CD  1 
ATOM   323  O OE1 . GLU A 1 42  ? 14.330  -0.237  8.389   1.00 12.12 ? 43  GLU A OE1 1 
ATOM   324  O OE2 . GLU A 1 42  ? 15.627  1.523   8.544   1.00 13.75 ? 43  GLU A OE2 1 
ATOM   325  N N   . LYS A 1 43  ? 11.755  3.313   12.213  1.00 13.44 ? 44  LYS A N   1 
ATOM   326  C CA  . LYS A 1 43  ? 11.750  4.703   12.673  1.00 17.47 ? 44  LYS A CA  1 
ATOM   327  C C   . LYS A 1 43  ? 10.914  4.863   13.938  1.00 17.04 ? 44  LYS A C   1 
ATOM   328  O O   . LYS A 1 43  ? 10.852  5.952   14.518  1.00 21.82 ? 44  LYS A O   1 
ATOM   329  C CB  . LYS A 1 43  ? 11.203  5.639   11.594  1.00 18.66 ? 44  LYS A CB  1 
ATOM   330  C CG  . LYS A 1 43  ? 11.910  5.599   10.261  1.00 16.81 ? 44  LYS A CG  1 
ATOM   331  C CD  . LYS A 1 43  ? 13.377  5.945   10.359  1.00 19.20 ? 44  LYS A CD  1 
ATOM   332  C CE  . LYS A 1 43  ? 13.986  6.071   8.981   1.00 23.90 ? 44  LYS A CE  1 
ATOM   333  N NZ  . LYS A 1 43  ? 15.421  6.459   9.049   1.00 25.29 ? 44  LYS A NZ  1 
ATOM   334  N N   . GLY A 1 44  ? 10.251  3.793   14.352  1.00 15.85 ? 45  GLY A N   1 
ATOM   335  C CA  . GLY A 1 44  ? 9.457   3.810   15.567  1.00 15.48 ? 45  GLY A CA  1 
ATOM   336  C C   . GLY A 1 44  ? 7.959   3.794   15.346  1.00 15.77 ? 45  GLY A C   1 
ATOM   337  O O   . GLY A 1 44  ? 7.188   3.763   16.305  1.00 18.18 ? 45  GLY A O   1 
ATOM   338  N N   . PHE A 1 45  ? 7.548   3.808   14.082  1.00 15.71 ? 46  PHE A N   1 
ATOM   339  C CA  . PHE A 1 45  ? 6.134   3.743   13.729  1.00 14.44 ? 46  PHE A CA  1 
ATOM   340  C C   . PHE A 1 45  ? 6.010   3.098   12.357  1.00 12.64 ? 46  PHE A C   1 
ATOM   341  O O   . PHE A 1 45  ? 6.999   3.002   11.635  1.00 12.23 ? 46  PHE A O   1 
ATOM   342  C CB  . PHE A 1 45  ? 5.511   5.143   13.734  1.00 14.12 ? 46  PHE A CB  1 
ATOM   343  C CG  . PHE A 1 45  ? 6.298   6.155   12.946  1.00 16.91 ? 46  PHE A CG  1 
ATOM   344  C CD1 . PHE A 1 45  ? 7.262   6.933   13.564  1.00 16.33 ? 46  PHE A CD1 1 
ATOM   345  C CD2 . PHE A 1 45  ? 6.079   6.324   11.592  1.00 15.25 ? 46  PHE A CD2 1 
ATOM   346  C CE1 . PHE A 1 45  ? 7.983   7.862   12.853  1.00 16.83 ? 46  PHE A CE1 1 
ATOM   347  C CE2 . PHE A 1 45  ? 6.800   7.251   10.869  1.00 14.85 ? 46  PHE A CE2 1 
ATOM   348  C CZ  . PHE A 1 45  ? 7.760   8.026   11.504  1.00 20.49 ? 46  PHE A CZ  1 
ATOM   349  N N   . GLY A 1 46  ? 4.802   2.691   11.982  1.00 10.76 ? 47  GLY A N   1 
ATOM   350  C CA  . GLY A 1 46  ? 4.620   2.081   10.681  1.00 11.12 ? 47  GLY A CA  1 
ATOM   351  C C   . GLY A 1 46  ? 3.371   1.234   10.546  1.00 9.04  ? 47  GLY A C   1 
ATOM   352  O O   . GLY A 1 46  ? 2.426   1.342   11.334  1.00 10.30 ? 47  GLY A O   1 
ATOM   353  N N   . TYR A 1 47  ? 3.373   0.389   9.516   1.00 8.87  ? 48  TYR A N   1 
ATOM   354  C CA  . TYR A 1 47  ? 2.156   -0.263  9.039   1.00 8.35  ? 48  TYR A CA  1 
ATOM   355  C C   . TYR A 1 47  ? 1.636   -1.412  9.891   1.00 9.06  ? 48  TYR A C   1 
ATOM   356  O O   . TYR A 1 47  ? 0.476   -1.786  9.748   1.00 11.31 ? 48  TYR A O   1 
ATOM   357  C CB  . TYR A 1 47  ? 2.382   -0.812  7.625   1.00 9.51  ? 48  TYR A CB  1 
ATOM   358  C CG  . TYR A 1 47  ? 2.597   0.227   6.549   1.00 7.31  ? 48  TYR A CG  1 
ATOM   359  C CD1 . TYR A 1 47  ? 1.770   1.341   6.450   1.00 8.71  ? 48  TYR A CD1 1 
ATOM   360  C CD2 . TYR A 1 47  ? 3.615   0.076   5.614   1.00 8.08  ? 48  TYR A CD2 1 
ATOM   361  C CE1 . TYR A 1 47  ? 1.962   2.285   5.446   1.00 8.46  ? 48  TYR A CE1 1 
ATOM   362  C CE2 . TYR A 1 47  ? 3.815   1.019   4.610   1.00 6.32  ? 48  TYR A CE2 1 
ATOM   363  C CZ  . TYR A 1 47  ? 2.979   2.116   4.536   1.00 7.28  ? 48  TYR A CZ  1 
ATOM   364  O OH  . TYR A 1 47  ? 3.166   3.061   3.549   1.00 8.90  ? 48  TYR A OH  1 
ATOM   365  N N   . LYS A 1 48  ? 2.486   -1.997  10.733  1.00 9.27  ? 49  LYS A N   1 
ATOM   366  C CA  . LYS A 1 48  ? 2.042   -3.158  11.504  1.00 8.14  ? 49  LYS A CA  1 
ATOM   367  C C   . LYS A 1 48  ? 0.787   -2.816  12.311  1.00 10.32 ? 49  LYS A C   1 
ATOM   368  O O   . LYS A 1 48  ? 0.760   -1.812  13.028  1.00 11.51 ? 49  LYS A O   1 
ATOM   369  C CB  . LYS A 1 48  ? 3.149   -3.661  12.436  1.00 12.74 ? 49  LYS A CB  1 
ATOM   370  C CG  . LYS A 1 48  ? 2.801   -4.962  13.147  1.00 11.49 ? 49  LYS A CG  1 
ATOM   371  C CD  . LYS A 1 48  ? 4.057   -5.549  13.770  1.00 15.05 ? 49  LYS A CD  1 
ATOM   372  C CE  . LYS A 1 48  ? 3.743   -6.820  14.535  1.00 25.20 ? 49  LYS A CE  1 
ATOM   373  N NZ  . LYS A 1 48  ? 4.963   -7.598  14.885  1.00 33.21 ? 49  LYS A NZ  1 
ATOM   374  N N   . GLY A 1 49  ? -0.254  -3.627  12.136  1.00 9.68  ? 50  GLY A N   1 
ATOM   375  C CA  . GLY A 1 49  ? -1.514  -3.432  12.840  1.00 9.89  ? 50  GLY A CA  1 
ATOM   376  C C   . GLY A 1 49  ? -2.523  -2.533  12.146  1.00 10.28 ? 50  GLY A C   1 
ATOM   377  O O   . GLY A 1 49  ? -3.670  -2.418  12.592  1.00 13.59 ? 50  GLY A O   1 
ATOM   378  N N   . SER A 1 50  ? -2.130  -1.918  11.035  1.00 11.52 ? 51  SER A N   1 
ATOM   379  C CA  . SER A 1 50  ? -3.065  -1.095  10.271  1.00 11.64 ? 51  SER A CA  1 
ATOM   380  C C   . SER A 1 50  ? -3.882  -1.970  9.321   1.00 9.81  ? 51  SER A C   1 
ATOM   381  O O   . SER A 1 50  ? -3.557  -3.136  9.086   1.00 11.90 ? 51  SER A O   1 
ATOM   382  C CB  . SER A 1 50  ? -2.324  0.021   9.509   1.00 12.27 ? 51  SER A CB  1 
ATOM   383  O OG  . SER A 1 50  ? -1.472  -0.507  8.506   1.00 11.68 ? 51  SER A OG  1 
ATOM   384  N N   . CYS A 1 51  ? -4.970  -1.418  8.801   1.00 11.85 ? 52  CYS A N   1 
ATOM   385  C CA  A CYS A 1 51  ? -5.862  -2.206  7.968   0.61 12.54 ? 52  CYS A CA  1 
ATOM   386  C CA  B CYS A 1 51  ? -5.892  -2.180  7.967   0.39 12.59 ? 52  CYS A CA  1 
ATOM   387  C C   . CYS A 1 51  ? -5.993  -1.652  6.558   1.00 9.91  ? 52  CYS A C   1 
ATOM   388  O O   . CYS A 1 51  ? -5.510  -0.555  6.252   1.00 11.32 ? 52  CYS A O   1 
ATOM   389  C CB  A CYS A 1 51  ? -7.248  -2.293  8.610   0.61 18.18 ? 52  CYS A CB  1 
ATOM   390  C CB  B CYS A 1 51  ? -7.300  -2.186  8.565   0.39 18.11 ? 52  CYS A CB  1 
ATOM   391  S SG  A CYS A 1 51  ? -8.099  -0.711  8.701   0.61 20.68 ? 52  CYS A SG  1 
ATOM   392  S SG  B CYS A 1 51  ? -7.455  -3.033  10.114  0.39 18.71 ? 52  CYS A SG  1 
ATOM   393  N N   . PHE A 1 52  ? -6.633  -2.439  5.705   1.00 12.14 ? 53  PHE A N   1 
ATOM   394  C CA  . PHE A 1 52  ? -6.991  -1.980  4.373   1.00 9.53  ? 53  PHE A CA  1 
ATOM   395  C C   . PHE A 1 52  ? -8.399  -1.440  4.490   1.00 12.48 ? 53  PHE A C   1 
ATOM   396  O O   . PHE A 1 52  ? -9.359  -2.216  4.547   1.00 14.38 ? 53  PHE A O   1 
ATOM   397  C CB  . PHE A 1 52  ? -6.905  -3.113  3.350   1.00 10.53 ? 53  PHE A CB  1 
ATOM   398  C CG  . PHE A 1 52  ? -5.507  -3.403  2.906   1.00 9.26  ? 53  PHE A CG  1 
ATOM   399  C CD1 . PHE A 1 52  ? -4.646  -4.143  3.700   1.00 11.19 ? 53  PHE A CD1 1 
ATOM   400  C CD2 . PHE A 1 52  ? -5.038  -2.893  1.710   1.00 10.14 ? 53  PHE A CD2 1 
ATOM   401  C CE1 . PHE A 1 52  ? -3.351  -4.390  3.288   1.00 11.20 ? 53  PHE A CE1 1 
ATOM   402  C CE2 . PHE A 1 52  ? -3.746  -3.138  1.294   1.00 15.15 ? 53  PHE A CE2 1 
ATOM   403  C CZ  . PHE A 1 52  ? -2.903  -3.891  2.086   1.00 12.21 ? 53  PHE A CZ  1 
ATOM   404  N N   . HIS A 1 53  ? -8.520  -0.119  4.564   1.00 9.57  ? 54  HIS A N   1 
ATOM   405  C CA  . HIS A 1 53  ? -9.791  0.506   4.925   1.00 10.92 ? 54  HIS A CA  1 
ATOM   406  C C   . HIS A 1 53  ? -10.731 0.747   3.745   1.00 11.25 ? 54  HIS A C   1 
ATOM   407  O O   . HIS A 1 53  ? -11.927 0.978   3.936   1.00 12.32 ? 54  HIS A O   1 
ATOM   408  C CB  . HIS A 1 53  ? -9.536  1.825   5.652   1.00 10.53 ? 54  HIS A CB  1 
ATOM   409  C CG  . HIS A 1 53  ? -8.809  2.840   4.826   1.00 11.49 ? 54  HIS A CG  1 
ATOM   410  N ND1 . HIS A 1 53  ? -7.440  2.832   4.687   1.00 11.68 ? 54  HIS A ND1 1 
ATOM   411  C CD2 . HIS A 1 53  ? -9.258  3.897   4.108   1.00 10.93 ? 54  HIS A CD2 1 
ATOM   412  C CE1 . HIS A 1 53  ? -7.076  3.839   3.910   1.00 9.61  ? 54  HIS A CE1 1 
ATOM   413  N NE2 . HIS A 1 53  ? -8.160  4.501   3.544   1.00 12.91 ? 54  HIS A NE2 1 
ATOM   414  N N   . ARG A 1 54  ? -10.206 0.683   2.530   1.00 9.69  ? 55  ARG A N   1 
ATOM   415  C CA  . ARG A 1 54  ? -11.024 0.873   1.341   1.00 8.50  ? 55  ARG A CA  1 
ATOM   416  C C   . ARG A 1 54  ? -10.625 -0.179  0.326   1.00 10.88 ? 55  ARG A C   1 
ATOM   417  O O   . ARG A 1 54  ? -9.472  -0.222  -0.113  1.00 10.97 ? 55  ARG A O   1 
ATOM   418  C CB  . ARG A 1 54  ? -10.860 2.283   0.759   1.00 9.87  ? 55  ARG A CB  1 
ATOM   419  C CG  . ARG A 1 54  ? -11.817 2.584   -0.382  1.00 9.54  ? 55  ARG A CG  1 
ATOM   420  C CD  . ARG A 1 54  ? -11.733 4.046   -0.842  1.00 10.85 ? 55  ARG A CD  1 
ATOM   421  N NE  . ARG A 1 54  ? -12.207 4.958   0.195   1.00 11.48 ? 55  ARG A NE  1 
ATOM   422  C CZ  . ARG A 1 54  ? -11.416 5.788   0.869   1.00 18.65 ? 55  ARG A CZ  1 
ATOM   423  N NH1 . ARG A 1 54  ? -10.113 5.835   0.600   1.00 17.50 ? 55  ARG A NH1 1 
ATOM   424  N NH2 . ARG A 1 54  ? -11.924 6.584   1.800   1.00 19.05 ? 55  ARG A NH2 1 
ATOM   425  N N   . ILE A 1 55  ? -11.573 -1.049  -0.008  1.00 8.65  ? 56  ILE A N   1 
ATOM   426  C CA  . ILE A 1 55  ? -11.336 -2.144  -0.946  1.00 8.89  ? 56  ILE A CA  1 
ATOM   427  C C   . ILE A 1 55  ? -12.459 -2.124  -1.963  1.00 8.53  ? 56  ILE A C   1 
ATOM   428  O O   . ILE A 1 55  ? -13.622 -2.276  -1.605  1.00 9.49  ? 56  ILE A O   1 
ATOM   429  C CB  . ILE A 1 55  ? -11.297 -3.535  -0.241  1.00 8.53  ? 56  ILE A CB  1 
ATOM   430  C CG1 . ILE A 1 55  ? -10.093 -3.636  0.705   1.00 11.71 ? 56  ILE A CG1 1 
ATOM   431  C CG2 . ILE A 1 55  ? -11.238 -4.671  -1.263  1.00 11.89 ? 56  ILE A CG2 1 
ATOM   432  C CD1 . ILE A 1 55  ? -10.104 -4.904  1.565   1.00 13.79 ? 56  ILE A CD1 1 
ATOM   433  N N   . ILE A 1 56  ? -12.110 -1.910  -3.229  1.00 8.30  ? 57  ILE A N   1 
ATOM   434  C CA  . ILE A 1 56  ? -13.084 -1.876  -4.310  1.00 9.79  ? 57  ILE A CA  1 
ATOM   435  C C   . ILE A 1 56  ? -12.755 -2.971  -5.324  1.00 13.64 ? 57  ILE A C   1 
ATOM   436  O O   . ILE A 1 56  ? -11.754 -2.879  -6.038  1.00 11.27 ? 57  ILE A O   1 
ATOM   437  C CB  . ILE A 1 56  ? -13.102 -0.496  -5.002  1.00 10.45 ? 57  ILE A CB  1 
ATOM   438  C CG1 . ILE A 1 56  ? -13.527 0.597   -4.017  1.00 11.94 ? 57  ILE A CG1 1 
ATOM   439  C CG2 . ILE A 1 56  ? -14.019 -0.519  -6.214  1.00 11.65 ? 57  ILE A CG2 1 
ATOM   440  C CD1 . ILE A 1 56  ? -13.362 2.008   -4.551  1.00 10.62 ? 57  ILE A CD1 1 
ATOM   441  N N   . PRO A 1 57  ? -13.592 -4.020  -5.377  1.00 12.02 ? 58  PRO A N   1 
ATOM   442  C CA  . PRO A 1 57  ? -13.335 -5.136  -6.299  1.00 12.73 ? 58  PRO A CA  1 
ATOM   443  C C   . PRO A 1 57  ? -13.159 -4.670  -7.740  1.00 12.00 ? 58  PRO A C   1 
ATOM   444  O O   . PRO A 1 57  ? -13.917 -3.827  -8.215  1.00 13.28 ? 58  PRO A O   1 
ATOM   445  C CB  . PRO A 1 57  ? -14.590 -6.002  -6.150  1.00 15.52 ? 58  PRO A CB  1 
ATOM   446  C CG  . PRO A 1 57  ? -15.026 -5.743  -4.747  1.00 13.50 ? 58  PRO A CG  1 
ATOM   447  C CD  . PRO A 1 57  ? -14.785 -4.261  -4.547  1.00 15.23 ? 58  PRO A CD  1 
ATOM   448  N N   . GLY A 1 58  ? -12.138 -5.197  -8.407  1.00 13.91 ? 59  GLY A N   1 
ATOM   449  C CA  . GLY A 1 58  ? -11.883 -4.860  -9.796  1.00 14.88 ? 59  GLY A CA  1 
ATOM   450  C C   . GLY A 1 58  ? -11.094 -3.580  -9.976  1.00 14.81 ? 59  GLY A C   1 
ATOM   451  O O   . GLY A 1 58  ? -10.782 -3.189  -11.102 1.00 17.91 ? 59  GLY A O   1 
ATOM   452  N N   . PHE A 1 59  ? -10.755 -2.931  -8.862  1.00 11.24 ? 60  PHE A N   1 
ATOM   453  C CA  . PHE A 1 59  ? -10.073 -1.648  -8.879  1.00 11.84 ? 60  PHE A CA  1 
ATOM   454  C C   . PHE A 1 59  ? -8.802  -1.696  -8.024  1.00 9.10  ? 60  PHE A C   1 
ATOM   455  O O   . PHE A 1 59  ? -7.693  -1.756  -8.563  1.00 9.88  ? 60  PHE A O   1 
ATOM   456  C CB  . PHE A 1 59  ? -11.046 -0.556  -8.399  1.00 11.77 ? 60  PHE A CB  1 
ATOM   457  C CG  . PHE A 1 59  ? -10.498 0.855   -8.438  1.00 11.70 ? 60  PHE A CG  1 
ATOM   458  C CD1 . PHE A 1 59  ? -9.378  1.184   -9.183  1.00 12.30 ? 60  PHE A CD1 1 
ATOM   459  C CD2 . PHE A 1 59  ? -11.130 1.855   -7.723  1.00 11.88 ? 60  PHE A CD2 1 
ATOM   460  C CE1 . PHE A 1 59  ? -8.889  2.486   -9.195  1.00 12.49 ? 60  PHE A CE1 1 
ATOM   461  C CE2 . PHE A 1 59  ? -10.663 3.161   -7.735  1.00 13.11 ? 60  PHE A CE2 1 
ATOM   462  C CZ  . PHE A 1 59  ? -9.545  3.479   -8.472  1.00 14.01 ? 60  PHE A CZ  1 
ATOM   463  N N   . MET A 1 60  ? -8.949  -1.654  -6.703  1.00 9.02  ? 61  MET A N   1 
ATOM   464  C CA  . MET A 1 60  ? -7.773  -1.653  -5.841  1.00 8.60  ? 61  MET A CA  1 
ATOM   465  C C   . MET A 1 60  ? -8.102  -1.898  -4.376  1.00 11.51 ? 61  MET A C   1 
ATOM   466  O O   . MET A 1 60  ? -9.263  -1.836  -3.962  1.00 10.10 ? 61  MET A O   1 
ATOM   467  C CB  . MET A 1 60  ? -7.024  -0.318  -5.957  1.00 9.50  ? 61  MET A CB  1 
ATOM   468  C CG  . MET A 1 60  ? -7.947  0.866   -5.920  1.00 11.02 ? 61  MET A CG  1 
ATOM   469  S SD  . MET A 1 60  ? -7.310  1.993   -4.718  1.00 72.47 ? 61  MET A SD  1 
ATOM   470  C CE  . MET A 1 60  ? -8.149  1.279   -3.369  1.00 29.18 ? 61  MET A CE  1 
ATOM   471  N N   . CYS A 1 61  ? -7.052  -2.175  -3.605  1.00 8.08  ? 62  CYS A N   1 
ATOM   472  C CA  . CYS A 1 61  ? -7.112  -2.264  -2.152  1.00 8.84  ? 62  CYS A CA  1 
ATOM   473  C C   . CYS A 1 61  ? -6.228  -1.177  -1.542  1.00 7.93  ? 62  CYS A C   1 
ATOM   474  O O   . CYS A 1 61  ? -5.038  -1.107  -1.864  1.00 8.66  ? 62  CYS A O   1 
ATOM   475  C CB  . CYS A 1 61  ? -6.625  -3.627  -1.667  1.00 8.32  ? 62  CYS A CB  1 
ATOM   476  S SG  . CYS A 1 61  ? -7.491  -5.041  -2.368  1.00 11.74 ? 62  CYS A SG  1 
ATOM   477  N N   . GLN A 1 62  ? -6.789  -0.362  -0.646  1.00 8.40  ? 63  GLN A N   1 
ATOM   478  C CA  . GLN A 1 62  ? -6.077  0.788   -0.082  1.00 7.23  ? 63  GLN A CA  1 
ATOM   479  C C   . GLN A 1 62  ? -5.889  0.631   1.418   1.00 10.51 ? 63  GLN A C   1 
ATOM   480  O O   . GLN A 1 62  ? -6.830  0.241   2.121   1.00 9.06  ? 63  GLN A O   1 
ATOM   481  C CB  . GLN A 1 62  ? -6.852  2.074   -0.381  1.00 8.01  ? 63  GLN A CB  1 
ATOM   482  C CG  . GLN A 1 62  ? -6.239  3.334   0.191   1.00 8.84  ? 63  GLN A CG  1 
ATOM   483  C CD  . GLN A 1 62  ? -7.059  4.558   -0.152  1.00 9.64  ? 63  GLN A CD  1 
ATOM   484  O OE1 . GLN A 1 62  ? -7.975  4.493   -0.981  1.00 9.62  ? 63  GLN A OE1 1 
ATOM   485  N NE2 . GLN A 1 62  ? -6.747  5.684   0.488   1.00 6.77  ? 63  GLN A NE2 1 
ATOM   486  N N   . GLY A 1 63  ? -4.688  0.945   1.911   1.00 7.68  ? 64  GLY A N   1 
ATOM   487  C CA  . GLY A 1 63  ? -4.449  0.896   3.346   1.00 8.46  ? 64  GLY A CA  1 
ATOM   488  C C   . GLY A 1 63  ? -3.421  1.923   3.791   1.00 9.54  ? 64  GLY A C   1 
ATOM   489  O O   . GLY A 1 63  ? -3.196  2.923   3.107   1.00 9.34  ? 64  GLY A O   1 
ATOM   490  N N   . GLY A 1 64  ? -2.808  1.690   4.952   1.00 8.91  ? 65  GLY A N   1 
ATOM   491  C CA  . GLY A 1 64  ? -1.703  2.522   5.394   1.00 9.61  ? 65  GLY A CA  1 
ATOM   492  C C   . GLY A 1 64  ? -1.984  3.602   6.424   1.00 9.33  ? 65  GLY A C   1 
ATOM   493  O O   . GLY A 1 64  ? -1.089  4.370   6.733   1.00 11.40 ? 65  GLY A O   1 
ATOM   494  N N   . ASP A 1 65  ? -3.210  3.681   6.929   1.00 9.46  ? 66  ASP A N   1 
ATOM   495  C CA  . ASP A 1 65  ? -3.512  4.655   7.978   1.00 9.48  ? 66  ASP A CA  1 
ATOM   496  C C   . ASP A 1 65  ? -3.217  4.047   9.337   1.00 10.27 ? 66  ASP A C   1 
ATOM   497  O O   . ASP A 1 65  ? -4.083  3.409   9.957   1.00 12.88 ? 66  ASP A O   1 
ATOM   498  C CB  . ASP A 1 65  ? -4.968  5.133   7.905   1.00 11.28 ? 66  ASP A CB  1 
ATOM   499  C CG  . ASP A 1 65  ? -5.294  6.174   8.968   1.00 13.51 ? 66  ASP A CG  1 
ATOM   500  O OD1 . ASP A 1 65  ? -4.416  6.465   9.808   1.00 13.04 ? 66  ASP A OD1 1 
ATOM   501  O OD2 . ASP A 1 65  ? -6.435  6.679   8.978   1.00 13.64 ? 66  ASP A OD2 1 
ATOM   502  N N   . PHE A 1 66  ? -2.003  4.269   9.821   1.00 10.15 ? 67  PHE A N   1 
ATOM   503  C CA  . PHE A 1 66  ? -1.641  3.739   11.128  1.00 11.64 ? 67  PHE A CA  1 
ATOM   504  C C   . PHE A 1 66  ? -1.741  4.789   12.240  1.00 14.94 ? 67  PHE A C   1 
ATOM   505  O O   . PHE A 1 66  ? -1.455  4.480   13.402  1.00 13.05 ? 67  PHE A O   1 
ATOM   506  C CB  . PHE A 1 66  ? -0.232  3.125   11.083  1.00 11.23 ? 67  PHE A CB  1 
ATOM   507  C CG  . PHE A 1 66  ? 0.855   4.100   10.723  1.00 12.30 ? 67  PHE A CG  1 
ATOM   508  C CD1 . PHE A 1 66  ? 1.415   4.917   11.685  1.00 11.44 ? 67  PHE A CD1 1 
ATOM   509  C CD2 . PHE A 1 66  ? 1.329   4.193   9.423   1.00 11.59 ? 67  PHE A CD2 1 
ATOM   510  C CE1 . PHE A 1 66  ? 2.404   5.823   11.365  1.00 12.45 ? 67  PHE A CE1 1 
ATOM   511  C CE2 . PHE A 1 66  ? 2.329   5.093   9.104   1.00 10.17 ? 67  PHE A CE2 1 
ATOM   512  C CZ  . PHE A 1 66  ? 2.869   5.909   10.080  1.00 13.16 ? 67  PHE A CZ  1 
ATOM   513  N N   . THR A 1 67  ? -2.141  6.020   11.909  1.00 13.08 ? 68  THR A N   1 
ATOM   514  C CA  . THR A 1 67  ? -2.221  7.060   12.952  1.00 11.97 ? 68  THR A CA  1 
ATOM   515  C C   . THR A 1 67  ? -3.624  7.242   13.490  1.00 13.81 ? 68  THR A C   1 
ATOM   516  O O   . THR A 1 67  ? -3.800  7.490   14.684  1.00 16.46 ? 68  THR A O   1 
ATOM   517  C CB  . THR A 1 67  ? -1.697  8.446   12.476  1.00 14.35 ? 68  THR A CB  1 
ATOM   518  O OG1 . THR A 1 67  ? -2.455  8.907   11.353  1.00 12.93 ? 68  THR A OG1 1 
ATOM   519  C CG2 . THR A 1 67  ? -0.209  8.379   12.122  1.00 13.83 ? 68  THR A CG2 1 
ATOM   520  N N   . ARG A 1 68  ? -4.626  7.110   12.629  1.00 13.35 ? 69  ARG A N   1 
ATOM   521  C CA  . ARG A 1 68  ? -6.000  7.312   13.054  1.00 13.68 ? 69  ARG A CA  1 
ATOM   522  C C   . ARG A 1 68  ? -6.847  6.068   12.876  1.00 13.57 ? 69  ARG A C   1 
ATOM   523  O O   . ARG A 1 68  ? -7.881  5.924   13.526  1.00 17.92 ? 69  ARG A O   1 
ATOM   524  C CB  . ARG A 1 68  ? -6.631  8.473   12.290  1.00 14.95 ? 69  ARG A CB  1 
ATOM   525  C CG  . ARG A 1 68  ? -5.908  9.774   12.522  1.00 16.81 ? 69  ARG A CG  1 
ATOM   526  C CD  . ARG A 1 68  ? -6.468  10.878  11.657  1.00 15.46 ? 69  ARG A CD  1 
ATOM   527  N NE  . ARG A 1 68  ? -5.847  12.159  11.986  1.00 24.53 ? 69  ARG A NE  1 
ATOM   528  C CZ  . ARG A 1 68  ? -6.097  13.296  11.347  1.00 31.02 ? 69  ARG A CZ  1 
ATOM   529  N NH1 . ARG A 1 68  ? -6.957  13.314  10.337  1.00 25.41 ? 69  ARG A NH1 1 
ATOM   530  N NH2 . ARG A 1 68  ? -5.488  14.416  11.717  1.00 31.24 ? 69  ARG A NH2 1 
ATOM   531  N N   . HIS A 1 69  ? -6.416  5.183   11.982  1.00 14.11 ? 70  HIS A N   1 
ATOM   532  C CA  . HIS A 1 69  ? -7.176  3.976   11.671  1.00 17.77 ? 70  HIS A CA  1 
ATOM   533  C C   . HIS A 1 69  ? -8.609  4.299   11.275  1.00 20.77 ? 70  HIS A C   1 
ATOM   534  O O   . HIS A 1 69  ? -9.533  3.571   11.627  1.00 22.91 ? 70  HIS A O   1 
ATOM   535  C CB  . HIS A 1 69  ? -7.175  3.015   12.860  1.00 16.70 ? 70  HIS A CB  1 
ATOM   536  C CG  . HIS A 1 69  ? -5.842  2.388   13.124  1.00 14.51 ? 70  HIS A CG  1 
ATOM   537  N ND1 . HIS A 1 69  ? -4.776  3.090   13.641  1.00 18.38 ? 70  HIS A ND1 1 
ATOM   538  C CD2 . HIS A 1 69  ? -5.395  1.126   12.910  1.00 17.92 ? 70  HIS A CD2 1 
ATOM   539  C CE1 . HIS A 1 69  ? -3.732  2.285   13.748  1.00 17.62 ? 70  HIS A CE1 1 
ATOM   540  N NE2 . HIS A 1 69  ? -4.084  1.087   13.315  1.00 16.65 ? 70  HIS A NE2 1 
ATOM   541  N N   . ASN A 1 70  ? -8.800  5.398   10.559  1.00 15.47 ? 71  ASN A N   1 
ATOM   542  C CA  . ASN A 1 70  ? -10.131 5.718   10.061  1.00 17.73 ? 71  ASN A CA  1 
ATOM   543  C C   . ASN A 1 70  ? -10.122 6.210   8.618   1.00 18.04 ? 71  ASN A C   1 
ATOM   544  O O   . ASN A 1 70  ? -11.117 6.751   8.135   1.00 19.28 ? 71  ASN A O   1 
ATOM   545  C CB  . ASN A 1 70  ? -10.808 6.753   10.968  1.00 15.84 ? 71  ASN A CB  1 
ATOM   546  C CG  . ASN A 1 70  ? -10.120 8.107   10.957  1.00 19.18 ? 71  ASN A CG  1 
ATOM   547  O OD1 . ASN A 1 70  ? -9.228  8.371   10.154  1.00 17.38 ? 71  ASN A OD1 1 
ATOM   548  N ND2 . ASN A 1 70  ? -10.555 8.990   11.850  1.00 20.89 ? 71  ASN A ND2 1 
ATOM   549  N N   . GLY A 1 71  ? -8.994  6.023   7.940   1.00 15.59 ? 72  GLY A N   1 
ATOM   550  C CA  . GLY A 1 71  ? -8.876  6.421   6.548   1.00 14.19 ? 72  GLY A CA  1 
ATOM   551  C C   . GLY A 1 71  ? -8.452  7.861   6.296   1.00 13.21 ? 72  GLY A C   1 
ATOM   552  O O   . GLY A 1 71  ? -8.222  8.253   5.151   1.00 15.13 ? 72  GLY A O   1 
ATOM   553  N N   . THR A 1 72  ? -8.329  8.666   7.349   1.00 14.88 ? 73  THR A N   1 
ATOM   554  C CA  . THR A 1 72  ? -7.943  10.067  7.166   1.00 12.46 ? 73  THR A CA  1 
ATOM   555  C C   . THR A 1 72  ? -6.505  10.337  7.570   1.00 14.55 ? 73  THR A C   1 
ATOM   556  O O   . THR A 1 72  ? -5.992  11.435  7.359   1.00 16.97 ? 73  THR A O   1 
ATOM   557  C CB  . THR A 1 72  ? -8.859  11.038  7.969   1.00 16.18 ? 73  THR A CB  1 
ATOM   558  O OG1 . THR A 1 72  ? -8.609  10.889  9.374   1.00 18.26 ? 73  THR A OG1 1 
ATOM   559  C CG2 . THR A 1 72  ? -10.323 10.760  7.688   1.00 15.56 ? 73  THR A CG2 1 
ATOM   560  N N   . GLY A 1 73  ? -5.847  9.339   8.139   1.00 12.13 ? 74  GLY A N   1 
ATOM   561  C CA  . GLY A 1 73  ? -4.557  9.583   8.741   1.00 13.19 ? 74  GLY A CA  1 
ATOM   562  C C   . GLY A 1 73  ? -3.374  9.046   7.982   1.00 17.13 ? 74  GLY A C   1 
ATOM   563  O O   . GLY A 1 73  ? -3.468  8.622   6.826   1.00 14.74 ? 74  GLY A O   1 
ATOM   564  N N   . GLY A 1 74  ? -2.241  9.055   8.666   1.00 22.64 ? 75  GLY A N   1 
ATOM   565  C CA  . GLY A 1 74  ? -1.007  8.572   8.094   1.00 24.28 ? 75  GLY A CA  1 
ATOM   566  C C   . GLY A 1 74  ? 0.038   9.663   8.082   1.00 23.06 ? 75  GLY A C   1 
ATOM   567  O O   . GLY A 1 74  ? -0.270  10.855  8.044   1.00 20.32 ? 75  GLY A O   1 
ATOM   568  N N   . LYS A 1 75  ? 1.293   9.246   8.124   1.00 18.87 ? 76  LYS A N   1 
ATOM   569  C CA  . LYS A 1 75  ? 2.385   10.186  8.038   1.00 14.27 ? 76  LYS A CA  1 
ATOM   570  C C   . LYS A 1 75  ? 3.580   9.472   7.436   1.00 12.33 ? 76  LYS A C   1 
ATOM   571  O O   . LYS A 1 75  ? 3.691   8.249   7.516   1.00 11.81 ? 76  LYS A O   1 
ATOM   572  C CB  . LYS A 1 75  ? 2.710   10.771  9.421   1.00 21.26 ? 76  LYS A CB  1 
ATOM   573  C CG  . LYS A 1 75  ? 3.406   9.823   10.380  1.00 19.93 ? 76  LYS A CG  1 
ATOM   574  C CD  . LYS A 1 75  ? 3.484   10.421  11.783  1.00 17.68 ? 76  LYS A CD  1 
ATOM   575  C CE  . LYS A 1 75  ? 4.537   9.752   12.643  1.00 30.49 ? 76  LYS A CE  1 
ATOM   576  N NZ  . LYS A 1 75  ? 4.117   8.387   13.061  1.00 42.69 ? 76  LYS A NZ  1 
ATOM   577  N N   . SER A 1 76  ? 4.465   10.236  6.811   1.00 12.59 ? 77  SER A N   1 
ATOM   578  C CA  . SER A 1 76  ? 5.657   9.654   6.213   1.00 9.21  ? 77  SER A CA  1 
ATOM   579  C C   . SER A 1 76  ? 6.818   9.693   7.200   1.00 13.12 ? 77  SER A C   1 
ATOM   580  O O   . SER A 1 76  ? 6.706   10.267  8.287   1.00 16.34 ? 77  SER A O   1 
ATOM   581  C CB  . SER A 1 76  ? 6.050   10.397  4.939   1.00 12.08 ? 77  SER A CB  1 
ATOM   582  O OG  . SER A 1 76  ? 6.749   11.596  5.270   1.00 14.91 ? 77  SER A OG  1 
ATOM   583  N N   . ILE A 1 77  ? 7.946   9.117   6.802   1.00 11.15 ? 78  ILE A N   1 
ATOM   584  C CA  . ILE A 1 77  ? 9.146   9.184   7.618   1.00 12.66 ? 78  ILE A CA  1 
ATOM   585  C C   . ILE A 1 77  ? 9.854   10.535  7.497   1.00 17.23 ? 78  ILE A C   1 
ATOM   586  O O   . ILE A 1 77  ? 10.839  10.789  8.201   1.00 17.07 ? 78  ILE A O   1 
ATOM   587  C CB  . ILE A 1 77  ? 10.129  8.049   7.251   1.00 11.98 ? 78  ILE A CB  1 
ATOM   588  C CG1 . ILE A 1 77  ? 10.675  8.226   5.832   1.00 12.32 ? 78  ILE A CG1 1 
ATOM   589  C CG2 . ILE A 1 77  ? 9.447   6.705   7.447   1.00 13.13 ? 78  ILE A CG2 1 
ATOM   590  C CD1 . ILE A 1 77  ? 11.792  7.245   5.476   1.00 10.73 ? 78  ILE A CD1 1 
ATOM   591  N N   . TYR A 1 78  ? 9.334   11.402  6.633   1.00 14.12 ? 79  TYR A N   1 
ATOM   592  C CA  . TYR A 1 78  ? 9.953   12.703  6.365   1.00 13.18 ? 79  TYR A CA  1 
ATOM   593  C C   . TYR A 1 78  ? 9.233   13.845  7.066   1.00 26.91 ? 79  TYR A C   1 
ATOM   594  O O   . TYR A 1 78  ? 9.776   14.943  7.198   1.00 29.39 ? 79  TYR A O   1 
ATOM   595  C CB  . TYR A 1 78  ? 9.992   12.974  4.863   1.00 14.75 ? 79  TYR A CB  1 
ATOM   596  C CG  . TYR A 1 78  ? 10.580  11.838  4.068   1.00 13.24 ? 79  TYR A CG  1 
ATOM   597  C CD1 . TYR A 1 78  ? 11.917  11.497  4.209   1.00 13.18 ? 79  TYR A CD1 1 
ATOM   598  C CD2 . TYR A 1 78  ? 9.797   11.093  3.189   1.00 12.57 ? 79  TYR A CD2 1 
ATOM   599  C CE1 . TYR A 1 78  ? 12.469  10.453  3.495   1.00 13.36 ? 79  TYR A CE1 1 
ATOM   600  C CE2 . TYR A 1 78  ? 10.341  10.052  2.457   1.00 11.79 ? 79  TYR A CE2 1 
ATOM   601  C CZ  . TYR A 1 78  ? 11.680  9.735   2.620   1.00 13.58 ? 79  TYR A CZ  1 
ATOM   602  O OH  . TYR A 1 78  ? 12.235  8.704   1.907   1.00 14.57 ? 79  TYR A OH  1 
ATOM   603  N N   . GLY A 1 79  ? 8.015   13.574  7.523   1.00 25.07 ? 80  GLY A N   1 
ATOM   604  C CA  . GLY A 1 79  ? 7.116   14.606  8.009   1.00 24.46 ? 80  GLY A CA  1 
ATOM   605  C C   . GLY A 1 79  ? 5.719   14.226  7.567   1.00 30.09 ? 80  GLY A C   1 
ATOM   606  O O   . GLY A 1 79  ? 5.533   13.161  6.975   1.00 22.94 ? 80  GLY A O   1 
ATOM   607  N N   . GLU A 1 80  ? 4.734   15.080  7.835   1.00 26.62 ? 81  GLU A N   1 
ATOM   608  C CA  . GLU A 1 80  ? 3.353   14.718  7.545   1.00 21.81 ? 81  GLU A CA  1 
ATOM   609  C C   . GLU A 1 80  ? 3.141   14.423  6.064   1.00 26.79 ? 81  GLU A C   1 
ATOM   610  O O   . GLU A 1 80  ? 2.435   13.467  5.710   1.00 22.55 ? 81  GLU A O   1 
ATOM   611  C CB  . GLU A 1 80  ? 2.382   15.812  7.988   1.00 22.15 ? 81  GLU A CB  1 
ATOM   612  C CG  . GLU A 1 80  ? 0.934   15.347  7.906   1.00 29.65 ? 81  GLU A CG  1 
ATOM   613  C CD  . GLU A 1 80  ? -0.069  16.466  8.071   1.00 37.71 ? 81  GLU A CD  1 
ATOM   614  O OE1 . GLU A 1 80  ? 0.313   17.644  7.905   1.00 36.94 ? 81  GLU A OE1 1 
ATOM   615  O OE2 . GLU A 1 80  ? -1.245  16.160  8.362   1.00 41.36 ? 81  GLU A OE2 1 
ATOM   616  N N   . LYS A 1 81  ? 3.747   15.229  5.191   1.00 19.18 ? 82  LYS A N   1 
ATOM   617  C CA  . LYS A 1 81  ? 3.632   14.934  3.769   1.00 13.43 ? 82  LYS A CA  1 
ATOM   618  C C   . LYS A 1 81  ? 4.902   15.221  2.977   1.00 14.96 ? 82  LYS A C   1 
ATOM   619  O O   . LYS A 1 81  ? 5.747   16.016  3.386   1.00 16.82 ? 82  LYS A O   1 
ATOM   620  C CB  . LYS A 1 81  ? 2.452   15.697  3.182   1.00 20.30 ? 82  LYS A CB  1 
ATOM   621  C CG  . LYS A 1 81  ? 2.622   17.188  3.195   1.00 25.54 ? 82  LYS A CG  1 
ATOM   622  C CD  . LYS A 1 81  ? 1.702   17.837  2.179   1.00 29.89 ? 82  LYS A CD  1 
ATOM   623  C CE  . LYS A 1 81  ? 1.791   19.347  2.264   1.00 40.21 ? 82  LYS A CE  1 
ATOM   624  N NZ  . LYS A 1 81  ? 2.201   19.788  3.623   1.00 43.81 ? 82  LYS A NZ  1 
ATOM   625  N N   . PHE A 1 82  ? 5.049   14.536  1.848   1.00 10.62 ? 83  PHE A N   1 
ATOM   626  C CA  . PHE A 1 82  ? 6.177   14.805  0.973   1.00 14.68 ? 83  PHE A CA  1 
ATOM   627  C C   . PHE A 1 82  ? 5.732   14.835  -0.474  1.00 12.75 ? 83  PHE A C   1 
ATOM   628  O O   . PHE A 1 82  ? 4.599   14.466  -0.790  1.00 12.23 ? 83  PHE A O   1 
ATOM   629  C CB  . PHE A 1 82  ? 7.328   13.795  1.186   1.00 10.76 ? 83  PHE A CB  1 
ATOM   630  C CG  . PHE A 1 82  ? 7.022   12.360  0.808   1.00 9.61  ? 83  PHE A CG  1 
ATOM   631  C CD1 . PHE A 1 82  ? 6.292   11.545  1.653   1.00 9.33  ? 83  PHE A CD1 1 
ATOM   632  C CD2 . PHE A 1 82  ? 7.540   11.809  -0.360  1.00 10.86 ? 83  PHE A CD2 1 
ATOM   633  C CE1 . PHE A 1 82  ? 6.047   10.218  1.334   1.00 10.58 ? 83  PHE A CE1 1 
ATOM   634  C CE2 . PHE A 1 82  ? 7.299   10.474  -0.690  1.00 9.73  ? 83  PHE A CE2 1 
ATOM   635  C CZ  . PHE A 1 82  ? 6.542   9.679   0.161   1.00 9.62  ? 83  PHE A CZ  1 
ATOM   636  N N   . GLU A 1 83  ? 6.628   15.325  -1.332  1.00 11.04 ? 84  GLU A N   1 
ATOM   637  C CA  . GLU A 1 83  ? 6.329   15.585  -2.736  1.00 10.50 ? 84  GLU A CA  1 
ATOM   638  C C   . GLU A 1 83  ? 6.063   14.328  -3.543  1.00 11.75 ? 84  GLU A C   1 
ATOM   639  O O   . GLU A 1 83  ? 6.502   13.234  -3.181  1.00 11.34 ? 84  GLU A O   1 
ATOM   640  C CB  . GLU A 1 83  ? 7.496   16.340  -3.382  1.00 14.49 ? 84  GLU A CB  1 
ATOM   641  C CG  . GLU A 1 83  ? 8.776   15.497  -3.540  1.00 13.48 ? 84  GLU A CG  1 
ATOM   642  C CD  . GLU A 1 83  ? 9.672   15.494  -2.295  1.00 16.17 ? 84  GLU A CD  1 
ATOM   643  O OE1 . GLU A 1 83  ? 9.231   15.922  -1.199  1.00 18.39 ? 84  GLU A OE1 1 
ATOM   644  O OE2 . GLU A 1 83  ? 10.836  15.069  -2.432  1.00 21.89 ? 84  GLU A OE2 1 
ATOM   645  N N   . ASP A 1 84  ? 5.339   14.505  -4.646  1.00 11.54 ? 85  ASP A N   1 
ATOM   646  C CA  . ASP A 1 84  ? 5.282   13.512  -5.710  1.00 9.18  ? 85  ASP A CA  1 
ATOM   647  C C   . ASP A 1 84  ? 6.660   13.458  -6.373  1.00 10.45 ? 85  ASP A C   1 
ATOM   648  O O   . ASP A 1 84  ? 7.076   14.412  -7.036  1.00 13.74 ? 85  ASP A O   1 
ATOM   649  C CB  . ASP A 1 84  ? 4.197   13.873  -6.724  1.00 9.73  ? 85  ASP A CB  1 
ATOM   650  C CG  . ASP A 1 84  ? 2.799   13.861  -6.123  1.00 13.47 ? 85  ASP A CG  1 
ATOM   651  O OD1 . ASP A 1 84  ? 2.460   12.921  -5.360  1.00 10.32 ? 85  ASP A OD1 1 
ATOM   652  O OD2 . ASP A 1 84  ? 2.022   14.800  -6.411  1.00 11.26 ? 85  ASP A OD2 1 
ATOM   653  N N   . GLU A 1 85  ? 7.372   12.354  -6.178  1.00 12.10 ? 86  GLU A N   1 
ATOM   654  C CA  . GLU A 1 85  ? 8.773   12.266  -6.572  1.00 11.94 ? 86  GLU A CA  1 
ATOM   655  C C   . GLU A 1 85  ? 8.961   12.308  -8.089  1.00 13.43 ? 86  GLU A C   1 
ATOM   656  O O   . GLU A 1 85  ? 9.798   13.057  -8.603  1.00 15.26 ? 86  GLU A O   1 
ATOM   657  C CB  . GLU A 1 85  ? 9.380   10.996  -5.989  1.00 12.94 ? 86  GLU A CB  1 
ATOM   658  C CG  . GLU A 1 85  ? 10.854  10.840  -6.216  1.00 15.07 ? 86  GLU A CG  1 
ATOM   659  C CD  . GLU A 1 85  ? 11.434  9.713   -5.401  1.00 16.26 ? 86  GLU A CD  1 
ATOM   660  O OE1 . GLU A 1 85  ? 10.655  8.900   -4.852  1.00 13.18 ? 86  GLU A OE1 1 
ATOM   661  O OE2 . GLU A 1 85  ? 12.671  9.637   -5.301  1.00 12.87 ? 86  GLU A OE2 1 
ATOM   662  N N   . ASN A 1 86  ? 8.177   11.500  -8.789  1.00 11.73 ? 87  ASN A N   1 
ATOM   663  C CA  . ASN A 1 86  ? 8.084   11.547  -10.243 1.00 11.95 ? 87  ASN A CA  1 
ATOM   664  C C   . ASN A 1 86  ? 6.927   10.665  -10.666 1.00 16.00 ? 87  ASN A C   1 
ATOM   665  O O   . ASN A 1 86  ? 6.377   9.915   -9.856  1.00 13.19 ? 87  ASN A O   1 
ATOM   666  C CB  . ASN A 1 86  ? 9.387   11.097  -10.932 1.00 13.48 ? 87  ASN A CB  1 
ATOM   667  C CG  . ASN A 1 86  ? 9.741   9.649   -10.637 1.00 13.63 ? 87  ASN A CG  1 
ATOM   668  O OD1 . ASN A 1 86  ? 8.984   8.730   -10.956 1.00 15.00 ? 87  ASN A OD1 1 
ATOM   669  N ND2 . ASN A 1 86  ? 10.916  9.436   -10.052 1.00 16.42 ? 87  ASN A ND2 1 
ATOM   670  N N   . PHE A 1 87  ? 6.547   10.755  -11.931 1.00 11.44 ? 88  PHE A N   1 
ATOM   671  C CA  . PHE A 1 87  ? 5.464   9.923   -12.427 1.00 11.32 ? 88  PHE A CA  1 
ATOM   672  C C   . PHE A 1 87  ? 5.915   9.045   -13.591 1.00 11.58 ? 88  PHE A C   1 
ATOM   673  O O   . PHE A 1 87  ? 5.152   8.774   -14.508 1.00 13.09 ? 88  PHE A O   1 
ATOM   674  C CB  . PHE A 1 87  ? 4.282   10.799  -12.828 1.00 12.19 ? 88  PHE A CB  1 
ATOM   675  C CG  . PHE A 1 87  ? 3.627   11.478  -11.671 1.00 10.72 ? 88  PHE A CG  1 
ATOM   676  C CD1 . PHE A 1 87  ? 2.750   10.785  -10.860 1.00 11.43 ? 88  PHE A CD1 1 
ATOM   677  C CD2 . PHE A 1 87  ? 3.893   12.817  -11.389 1.00 11.76 ? 88  PHE A CD2 1 
ATOM   678  C CE1 . PHE A 1 87  ? 2.137   11.416  -9.783  1.00 10.24 ? 88  PHE A CE1 1 
ATOM   679  C CE2 . PHE A 1 87  ? 3.287   13.454  -10.321 1.00 10.10 ? 88  PHE A CE2 1 
ATOM   680  C CZ  . PHE A 1 87  ? 2.410   12.758  -9.515  1.00 10.57 ? 88  PHE A CZ  1 
ATOM   681  N N   . ILE A 1 88  ? 7.159   8.593   -13.525 1.00 10.95 ? 89  ILE A N   1 
ATOM   682  C CA  . ILE A 1 88  ? 7.730   7.755   -14.574 1.00 11.84 ? 89  ILE A CA  1 
ATOM   683  C C   . ILE A 1 88  ? 6.969   6.439   -14.745 1.00 10.91 ? 89  ILE A C   1 
ATOM   684  O O   . ILE A 1 88  ? 6.725   5.973   -15.864 1.00 14.43 ? 89  ILE A O   1 
ATOM   685  C CB  . ILE A 1 88  ? 9.220   7.465   -14.270 1.00 13.25 ? 89  ILE A CB  1 
ATOM   686  C CG1 . ILE A 1 88  ? 10.035  8.756   -14.359 1.00 19.65 ? 89  ILE A CG1 1 
ATOM   687  C CG2 . ILE A 1 88  ? 9.784   6.417   -15.227 1.00 19.78 ? 89  ILE A CG2 1 
ATOM   688  C CD1 . ILE A 1 88  ? 11.409  8.643   -13.775 1.00 16.47 ? 89  ILE A CD1 1 
ATOM   689  N N   . LEU A 1 89  ? 6.590   5.837   -13.622 1.00 10.52 ? 90  LEU A N   1 
ATOM   690  C CA  . LEU A 1 89  ? 5.958   4.534   -13.639 1.00 12.38 ? 90  LEU A CA  1 
ATOM   691  C C   . LEU A 1 89  ? 4.447   4.686   -13.700 1.00 9.64  ? 90  LEU A C   1 
ATOM   692  O O   . LEU A 1 89  ? 3.883   5.597   -13.093 1.00 11.71 ? 90  LEU A O   1 
ATOM   693  C CB  . LEU A 1 89  ? 6.381   3.721   -12.410 1.00 12.30 ? 90  LEU A CB  1 
ATOM   694  C CG  . LEU A 1 89  ? 7.889   3.478   -12.355 1.00 12.10 ? 90  LEU A CG  1 
ATOM   695  C CD1 . LEU A 1 89  ? 8.253   2.734   -11.092 1.00 13.33 ? 90  LEU A CD1 1 
ATOM   696  C CD2 . LEU A 1 89  ? 8.343   2.701   -13.598 1.00 17.68 ? 90  LEU A CD2 1 
ATOM   697  N N   . LYS A 1 90  ? 3.800   3.805   -14.451 1.00 12.91 ? 91  LYS A N   1 
ATOM   698  C CA  . LYS A 1 90  ? 2.369   3.906   -14.693 1.00 12.51 ? 91  LYS A CA  1 
ATOM   699  C C   . LYS A 1 90  ? 1.605   2.779   -14.015 1.00 9.48  ? 91  LYS A C   1 
ATOM   700  O O   . LYS A 1 90  ? 2.198   1.773   -13.600 1.00 10.72 ? 91  LYS A O   1 
ATOM   701  C CB  . LYS A 1 90  ? 2.073   3.896   -16.194 1.00 14.73 ? 91  LYS A CB  1 
ATOM   702  C CG  . LYS A 1 90  ? 2.343   5.223   -16.886 1.00 19.03 ? 91  LYS A CG  1 
ATOM   703  C CD  . LYS A 1 90  ? 3.808   5.377   -17.265 1.00 21.99 ? 91  LYS A CD  1 
ATOM   704  C CE  . LYS A 1 90  ? 4.060   6.749   -17.854 1.00 28.23 ? 91  LYS A CE  1 
ATOM   705  N NZ  . LYS A 1 90  ? 3.527   7.789   -16.943 1.00 33.26 ? 91  LYS A NZ  1 
ATOM   706  N N   . HIS A 1 91  ? 0.294   2.961   -13.910 1.00 9.09  ? 92  HIS A N   1 
ATOM   707  C CA  . HIS A 1 91  ? -0.593  1.963   -13.316 1.00 10.29 ? 92  HIS A CA  1 
ATOM   708  C C   . HIS A 1 91  ? -0.950  0.950   -14.396 1.00 13.42 ? 92  HIS A C   1 
ATOM   709  O O   . HIS A 1 91  ? -2.032  0.999   -14.970 1.00 14.99 ? 92  HIS A O   1 
ATOM   710  C CB  . HIS A 1 91  ? -1.853  2.624   -12.729 1.00 9.94  ? 92  HIS A CB  1 
ATOM   711  C CG  . HIS A 1 91  ? -1.566  3.629   -11.652 1.00 8.32  ? 92  HIS A CG  1 
ATOM   712  N ND1 . HIS A 1 91  ? -1.190  4.930   -11.918 1.00 9.13  ? 92  HIS A ND1 1 
ATOM   713  C CD2 . HIS A 1 91  ? -1.608  3.520   -10.304 1.00 9.83  ? 92  HIS A CD2 1 
ATOM   714  C CE1 . HIS A 1 91  ? -0.999  5.575   -10.776 1.00 8.59  ? 92  HIS A CE1 1 
ATOM   715  N NE2 . HIS A 1 91  ? -1.238  4.738   -9.781  1.00 8.51  ? 92  HIS A NE2 1 
ATOM   716  N N   . THR A 1 92  ? -0.032  0.035   -14.672 1.00 10.78 ? 93  THR A N   1 
ATOM   717  C CA  . THR A 1 92  ? -0.117  -0.769  -15.892 1.00 11.81 ? 93  THR A CA  1 
ATOM   718  C C   . THR A 1 92  ? -0.960  -2.033  -15.790 1.00 16.07 ? 93  THR A C   1 
ATOM   719  O O   . THR A 1 92  ? -1.362  -2.608  -16.805 1.00 13.82 ? 93  THR A O   1 
ATOM   720  C CB  . THR A 1 92  ? 1.291   -1.165  -16.354 1.00 12.17 ? 93  THR A CB  1 
ATOM   721  O OG1 . THR A 1 92  ? 2.017   -1.716  -15.250 1.00 14.47 ? 93  THR A OG1 1 
ATOM   722  C CG2 . THR A 1 92  ? 2.032   0.062   -16.862 1.00 16.31 ? 93  THR A CG2 1 
ATOM   723  N N   . GLY A 1 93  ? -1.233  -2.472  -14.573 1.00 11.11 ? 94  GLY A N   1 
ATOM   724  C CA  . GLY A 1 93  ? -1.963  -3.705  -14.383 1.00 10.98 ? 94  GLY A CA  1 
ATOM   725  C C   . GLY A 1 93  ? -2.031  -4.076  -12.925 1.00 11.96 ? 94  GLY A C   1 
ATOM   726  O O   . GLY A 1 93  ? -1.577  -3.317  -12.063 1.00 11.64 ? 94  GLY A O   1 
ATOM   727  N N   . PRO A 1 94  ? -2.598  -5.244  -12.635 1.00 10.66 ? 95  PRO A N   1 
ATOM   728  C CA  . PRO A 1 94  ? -2.719  -5.721  -11.258 1.00 10.12 ? 95  PRO A CA  1 
ATOM   729  C C   . PRO A 1 94  ? -1.372  -5.843  -10.577 1.00 11.48 ? 95  PRO A C   1 
ATOM   730  O O   . PRO A 1 94  ? -0.360  -6.162  -11.221 1.00 12.79 ? 95  PRO A O   1 
ATOM   731  C CB  . PRO A 1 94  ? -3.362  -7.104  -11.410 1.00 13.17 ? 95  PRO A CB  1 
ATOM   732  C CG  . PRO A 1 94  ? -3.943  -7.120  -12.774 1.00 13.94 ? 95  PRO A CG  1 
ATOM   733  C CD  . PRO A 1 94  ? -3.082  -6.235  -13.609 1.00 12.07 ? 95  PRO A CD  1 
ATOM   734  N N   . GLY A 1 95  ? -1.365  -5.585  -9.274  1.00 10.35 ? 96  GLY A N   1 
ATOM   735  C CA  . GLY A 1 95  ? -0.168  -5.726  -8.472  1.00 9.27  ? 96  GLY A CA  1 
ATOM   736  C C   . GLY A 1 95  ? 0.621   -4.449  -8.279  1.00 10.35 ? 96  GLY A C   1 
ATOM   737  O O   . GLY A 1 95  ? 1.519   -4.398  -7.454  1.00 8.48  ? 96  GLY A O   1 
ATOM   738  N N   . ILE A 1 96  ? 0.297   -3.429  -9.064  1.00 9.31  ? 97  ILE A N   1 
ATOM   739  C CA  . ILE A 1 96  ? 0.971   -2.144  -8.969  1.00 9.71  ? 97  ILE A CA  1 
ATOM   740  C C   . ILE A 1 96  ? 0.737   -1.544  -7.592  1.00 9.11  ? 97  ILE A C   1 
ATOM   741  O O   . ILE A 1 96  ? -0.399  -1.521  -7.113  1.00 8.14  ? 97  ILE A O   1 
ATOM   742  C CB  . ILE A 1 96  ? 0.472   -1.173  -10.060 1.00 9.29  ? 97  ILE A CB  1 
ATOM   743  C CG1 . ILE A 1 96  ? 1.043   -1.589  -11.422 1.00 11.64 ? 97  ILE A CG1 1 
ATOM   744  C CG2 . ILE A 1 96  ? 0.857   0.267   -9.744  1.00 12.57 ? 97  ILE A CG2 1 
ATOM   745  C CD1 . ILE A 1 96  ? 2.542   -1.486  -11.492 1.00 12.51 ? 97  ILE A CD1 1 
ATOM   746  N N   . LEU A 1 97  ? 1.818   -1.083  -6.970  1.00 6.24  ? 98  LEU A N   1 
ATOM   747  C CA  . LEU A 1 97  ? 1.779   -0.435  -5.664  1.00 6.93  ? 98  LEU A CA  1 
ATOM   748  C C   . LEU A 1 97  ? 2.007   1.065   -5.853  1.00 7.04  ? 98  LEU A C   1 
ATOM   749  O O   . LEU A 1 97  ? 3.008   1.480   -6.456  1.00 8.03  ? 98  LEU A O   1 
ATOM   750  C CB  . LEU A 1 97  ? 2.835   -1.063  -4.752  1.00 8.54  ? 98  LEU A CB  1 
ATOM   751  C CG  . LEU A 1 97  ? 3.010   -0.554  -3.329  1.00 12.10 ? 98  LEU A CG  1 
ATOM   752  C CD1 . LEU A 1 97  ? 1.762   -0.800  -2.480  1.00 10.61 ? 98  LEU A CD1 1 
ATOM   753  C CD2 . LEU A 1 97  ? 4.222   -1.237  -2.714  1.00 11.16 ? 98  LEU A CD2 1 
ATOM   754  N N   . SER A 1 98  ? 1.082   1.874   -5.349  1.00 6.17  ? 99  SER A N   1 
ATOM   755  C CA  . SER A 1 98  ? 1.068   3.305   -5.631  1.00 6.72  ? 99  SER A CA  1 
ATOM   756  C C   . SER A 1 98  ? 0.642   4.116   -4.389  1.00 7.43  ? 99  SER A C   1 
ATOM   757  O O   . SER A 1 98  ? -0.037  3.600   -3.498  1.00 6.92  ? 99  SER A O   1 
ATOM   758  C CB  . SER A 1 98  ? 0.139   3.556   -6.833  1.00 7.82  ? 99  SER A CB  1 
ATOM   759  O OG  . SER A 1 98  ? 0.050   4.932   -7.179  1.00 9.52  ? 99  SER A OG  1 
ATOM   760  N N   . MET A 1 99  ? 1.046   5.383   -4.323  1.00 6.40  ? 100 MET A N   1 
ATOM   761  C CA  . MET A 1 99  ? 0.702   6.214   -3.174  1.00 7.16  ? 100 MET A CA  1 
ATOM   762  C C   . MET A 1 99  ? -0.694  6.832   -3.261  1.00 7.73  ? 100 MET A C   1 
ATOM   763  O O   . MET A 1 99  ? -1.082  7.422   -4.280  1.00 8.11  ? 100 MET A O   1 
ATOM   764  C CB  . MET A 1 99  ? 1.727   7.335   -2.998  1.00 8.78  ? 100 MET A CB  1 
ATOM   765  C CG  . MET A 1 99  ? 3.107   6.863   -2.628  1.00 8.92  ? 100 MET A CG  1 
ATOM   766  S SD  . MET A 1 99  ? 3.103   5.976   -1.067  1.00 9.27  ? 100 MET A SD  1 
ATOM   767  C CE  . MET A 1 99  ? 2.829   7.324   0.103   1.00 10.96 ? 100 MET A CE  1 
ATOM   768  N N   . ALA A 1 100 ? -1.445  6.718   -2.170  1.00 7.78  ? 101 ALA A N   1 
ATOM   769  C CA  . ALA A 1 100 ? -2.706  7.427   -2.045  1.00 8.02  ? 101 ALA A CA  1 
ATOM   770  C C   . ALA A 1 100 ? -2.404  8.886   -1.695  1.00 7.63  ? 101 ALA A C   1 
ATOM   771  O O   . ALA A 1 100 ? -1.326  9.174   -1.180  1.00 7.92  ? 101 ALA A O   1 
ATOM   772  C CB  . ALA A 1 100 ? -3.584  6.749   -0.971  1.00 7.71  ? 101 ALA A CB  1 
ATOM   773  N N   . ASN A 1 101 ? -3.323  9.804   -1.985  1.00 8.52  ? 102 ASN A N   1 
ATOM   774  C CA  . ASN A 1 101 ? -3.081  11.198  -1.612  1.00 7.43  ? 102 ASN A CA  1 
ATOM   775  C C   . ASN A 1 101 ? -4.350  12.022  -1.639  1.00 10.58 ? 102 ASN A C   1 
ATOM   776  O O   . ASN A 1 101 ? -5.412  11.531  -2.041  1.00 10.68 ? 102 ASN A O   1 
ATOM   777  C CB  . ASN A 1 101 ? -2.008  11.820  -2.535  1.00 8.40  ? 102 ASN A CB  1 
ATOM   778  C CG  . ASN A 1 101 ? -2.458  11.932  -3.981  1.00 8.30  ? 102 ASN A CG  1 
ATOM   779  O OD1 . ASN A 1 101 ? -3.520  12.501  -4.280  1.00 9.47  ? 102 ASN A OD1 1 
ATOM   780  N ND2 . ASN A 1 101 ? -1.649  11.396  -4.896  1.00 9.81  ? 102 ASN A ND2 1 
ATOM   781  N N   . ALA A 1 102 ? -4.219  13.280  -1.222  1.00 9.02  ? 103 ALA A N   1 
ATOM   782  C CA  . ALA A 1 102 ? -5.336  14.213  -1.170  1.00 10.95 ? 103 ALA A CA  1 
ATOM   783  C C   . ALA A 1 102 ? -5.072  15.389  -2.093  1.00 12.89 ? 103 ALA A C   1 
ATOM   784  O O   . ALA A 1 102 ? -5.517  16.505  -1.832  1.00 18.07 ? 103 ALA A O   1 
ATOM   785  C CB  . ALA A 1 102 ? -5.563  14.699  0.266   1.00 12.66 ? 103 ALA A CB  1 
ATOM   786  N N   . GLY A 1 103 ? -4.328  15.133  -3.161  1.00 12.45 ? 104 GLY A N   1 
ATOM   787  C CA  . GLY A 1 103 ? -3.938  16.176  -4.095  1.00 11.45 ? 104 GLY A CA  1 
ATOM   788  C C   . GLY A 1 103 ? -2.441  16.157  -4.331  1.00 12.34 ? 104 GLY A C   1 
ATOM   789  O O   . GLY A 1 103 ? -1.712  15.361  -3.735  1.00 11.88 ? 104 GLY A O   1 
ATOM   790  N N   . PRO A 1 104 ? -1.952  17.046  -5.199  1.00 10.79 ? 105 PRO A N   1 
ATOM   791  C CA  . PRO A 1 104 ? -0.517  17.082  -5.504  1.00 11.30 ? 105 PRO A CA  1 
ATOM   792  C C   . PRO A 1 104 ? 0.351   17.296  -4.267  1.00 10.07 ? 105 PRO A C   1 
ATOM   793  O O   . PRO A 1 104 ? 0.035   18.141  -3.397  1.00 10.96 ? 105 PRO A O   1 
ATOM   794  C CB  . PRO A 1 104 ? -0.394  18.274  -6.464  1.00 13.24 ? 105 PRO A CB  1 
ATOM   795  C CG  . PRO A 1 104 ? -1.752  18.405  -7.081  1.00 16.28 ? 105 PRO A CG  1 
ATOM   796  C CD  . PRO A 1 104 ? -2.729  17.992  -6.021  1.00 13.57 ? 105 PRO A CD  1 
ATOM   797  N N   . ASN A 1 105 ? 1.414   16.500  -4.181  1.00 9.97  ? 106 ASN A N   1 
ATOM   798  C CA  . ASN A 1 105 ? 2.447   16.648  -3.169  1.00 8.85  ? 106 ASN A CA  1 
ATOM   799  C C   . ASN A 1 105 ? 1.915   16.523  -1.744  1.00 11.16 ? 106 ASN A C   1 
ATOM   800  O O   . ASN A 1 105 ? 2.268   17.303  -0.865  1.00 12.38 ? 106 ASN A O   1 
ATOM   801  C CB  . ASN A 1 105 ? 3.156   17.986  -3.388  1.00 11.81 ? 106 ASN A CB  1 
ATOM   802  C CG  . ASN A 1 105 ? 3.730   18.085  -4.786  1.00 10.70 ? 106 ASN A CG  1 
ATOM   803  O OD1 . ASN A 1 105 ? 4.473   17.209  -5.208  1.00 11.15 ? 106 ASN A OD1 1 
ATOM   804  N ND2 . ASN A 1 105 ? 3.343   19.116  -5.532  1.00 14.67 ? 106 ASN A ND2 1 
ATOM   805  N N   . THR A 1 106 ? 1.067   15.518  -1.525  1.00 11.13 ? 107 THR A N   1 
ATOM   806  C CA  . THR A 1 106 ? 0.532   15.251  -0.196  1.00 9.05  ? 107 THR A CA  1 
ATOM   807  C C   . THR A 1 106 ? 0.722   13.801  0.217   1.00 10.26 ? 107 THR A C   1 
ATOM   808  O O   . THR A 1 106 ? -0.086  13.260  0.970   1.00 12.14 ? 107 THR A O   1 
ATOM   809  C CB  . THR A 1 106 ? -0.975  15.591  -0.086  1.00 10.80 ? 107 THR A CB  1 
ATOM   810  O OG1 . THR A 1 106 ? -1.729  14.832  -1.045  1.00 10.09 ? 107 THR A OG1 1 
ATOM   811  C CG2 . THR A 1 106 ? -1.211  17.073  -0.318  1.00 12.64 ? 107 THR A CG2 1 
ATOM   812  N N   . ASN A 1 107 ? 1.802   13.181  -0.246  1.00 8.70  ? 108 ASN A N   1 
ATOM   813  C CA  . ASN A 1 107 ? 2.058   11.785  0.129   1.00 10.26 ? 108 ASN A CA  1 
ATOM   814  C C   . ASN A 1 107 ? 2.362   11.639  1.605   1.00 12.24 ? 108 ASN A C   1 
ATOM   815  O O   . ASN A 1 107 ? 3.079   12.456  2.177   1.00 12.54 ? 108 ASN A O   1 
ATOM   816  C CB  . ASN A 1 107 ? 3.215   11.222  -0.676  1.00 9.18  ? 108 ASN A CB  1 
ATOM   817  C CG  . ASN A 1 107 ? 2.931   11.239  -2.145  1.00 8.56  ? 108 ASN A CG  1 
ATOM   818  O OD1 . ASN A 1 107 ? 2.125   10.443  -2.631  1.00 11.00 ? 108 ASN A OD1 1 
ATOM   819  N ND2 . ASN A 1 107 ? 3.561   12.176  -2.871  1.00 11.28 ? 108 ASN A ND2 1 
ATOM   820  N N   . GLY A 1 108 ? 1.821   10.589  2.220   1.00 10.45 ? 109 GLY A N   1 
ATOM   821  C CA  . GLY A 1 108 ? 2.070   10.319  3.626   1.00 10.20 ? 109 GLY A CA  1 
ATOM   822  C C   . GLY A 1 108 ? 2.480   8.878   3.802   1.00 7.95  ? 109 GLY A C   1 
ATOM   823  O O   . GLY A 1 108 ? 3.602   8.498   3.504   1.00 9.07  ? 109 GLY A O   1 
ATOM   824  N N   . SER A 1 109 ? 1.546   8.067   4.281   1.00 9.04  ? 110 SER A N   1 
ATOM   825  C CA  . SER A 1 109 ? 1.790   6.640   4.391   1.00 8.28  ? 110 SER A CA  1 
ATOM   826  C C   . SER A 1 109 ? 0.766   5.806   3.639   1.00 5.59  ? 110 SER A C   1 
ATOM   827  O O   . SER A 1 109 ? 1.027   4.632   3.349   1.00 8.23  ? 110 SER A O   1 
ATOM   828  C CB  . SER A 1 109 ? 1.778   6.215   5.857   1.00 9.87  ? 110 SER A CB  1 
ATOM   829  O OG  . SER A 1 109 ? 0.561   6.592   6.467   1.00 11.61 ? 110 SER A OG  1 
ATOM   830  N N   . GLN A 1 110 ? -0.400  6.375   3.331   1.00 9.19  ? 111 GLN A N   1 
ATOM   831  C CA  . GLN A 1 110 ? -1.436  5.575   2.676   1.00 7.05  ? 111 GLN A CA  1 
ATOM   832  C C   . GLN A 1 110 ? -1.013  5.189   1.265   1.00 8.06  ? 111 GLN A C   1 
ATOM   833  O O   . GLN A 1 110 ? -0.352  5.951   0.558   1.00 7.77  ? 111 GLN A O   1 
ATOM   834  C CB  . GLN A 1 110 ? -2.781  6.298   2.655   1.00 7.42  ? 111 GLN A CB  1 
ATOM   835  C CG  . GLN A 1 110 ? -3.439  6.385   4.030   1.00 7.48  ? 111 GLN A CG  1 
ATOM   836  C CD  . GLN A 1 110 ? -4.882  6.816   3.931   1.00 8.61  ? 111 GLN A CD  1 
ATOM   837  O OE1 . GLN A 1 110 ? -5.598  6.398   3.026   1.00 9.44  ? 111 GLN A OE1 1 
ATOM   838  N NE2 . GLN A 1 110 ? -5.318  7.665   4.861   1.00 8.41  ? 111 GLN A NE2 1 
ATOM   839  N N   . PHE A 1 111 ? -1.398  3.987   0.871   1.00 7.12  ? 112 PHE A N   1 
ATOM   840  C CA  . PHE A 1 111 ? -0.988  3.400   -0.394  1.00 7.95  ? 112 PHE A CA  1 
ATOM   841  C C   . PHE A 1 111 ? -2.127  2.564   -0.941  1.00 8.00  ? 112 PHE A C   1 
ATOM   842  O O   . PHE A 1 111 ? -3.087  2.251   -0.231  1.00 6.99  ? 112 PHE A O   1 
ATOM   843  C CB  . PHE A 1 111 ? 0.236   2.506   -0.195  1.00 7.80  ? 112 PHE A CB  1 
ATOM   844  C CG  . PHE A 1 111 ? -0.037  1.350   0.724   1.00 6.77  ? 112 PHE A CG  1 
ATOM   845  C CD1 . PHE A 1 111 ? -0.468  0.134   0.216   1.00 8.40  ? 112 PHE A CD1 1 
ATOM   846  C CD2 . PHE A 1 111 ? 0.086   1.500   2.102   1.00 9.11  ? 112 PHE A CD2 1 
ATOM   847  C CE1 . PHE A 1 111 ? -0.760  -0.915  1.075   1.00 9.74  ? 112 PHE A CE1 1 
ATOM   848  C CE2 . PHE A 1 111 ? -0.189  0.457   2.958   1.00 10.07 ? 112 PHE A CE2 1 
ATOM   849  C CZ  . PHE A 1 111 ? -0.622  -0.741  2.453   1.00 7.94  ? 112 PHE A CZ  1 
ATOM   850  N N   . PHE A 1 112 ? -2.008  2.150   -2.196  1.00 8.15  ? 113 PHE A N   1 
ATOM   851  C CA  . PHE A 1 112 ? -2.942  1.150   -2.677  1.00 7.62  ? 113 PHE A CA  1 
ATOM   852  C C   . PHE A 1 112 ? -2.292  0.156   -3.609  1.00 7.09  ? 113 PHE A C   1 
ATOM   853  O O   . PHE A 1 112 ? -1.232  0.419   -4.183  1.00 7.08  ? 113 PHE A O   1 
ATOM   854  C CB  . PHE A 1 112 ? -4.152  1.820   -3.356  1.00 6.53  ? 113 PHE A CB  1 
ATOM   855  C CG  . PHE A 1 112 ? -3.810  2.673   -4.542  1.00 8.11  ? 113 PHE A CG  1 
ATOM   856  C CD1 . PHE A 1 112 ? -3.278  3.952   -4.367  1.00 7.50  ? 113 PHE A CD1 1 
ATOM   857  C CD2 . PHE A 1 112 ? -4.055  2.227   -5.842  1.00 7.72  ? 113 PHE A CD2 1 
ATOM   858  C CE1 . PHE A 1 112 ? -2.979  4.751   -5.457  1.00 8.71  ? 113 PHE A CE1 1 
ATOM   859  C CE2 . PHE A 1 112 ? -3.742  3.028   -6.935  1.00 8.12  ? 113 PHE A CE2 1 
ATOM   860  C CZ  . PHE A 1 112 ? -3.213  4.293   -6.739  1.00 8.03  ? 113 PHE A CZ  1 
ATOM   861  N N   . ILE A 1 113 ? -2.920  -1.012  -3.702  1.00 6.65  ? 114 ILE A N   1 
ATOM   862  C CA  . ILE A 1 113 ? -2.520  -2.079  -4.611  1.00 8.17  ? 114 ILE A CA  1 
ATOM   863  C C   . ILE A 1 113 ? -3.594  -2.238  -5.664  1.00 7.24  ? 114 ILE A C   1 
ATOM   864  O O   . ILE A 1 113 ? -4.750  -2.520  -5.334  1.00 9.31  ? 114 ILE A O   1 
ATOM   865  C CB  . ILE A 1 113 ? -2.345  -3.419  -3.883  1.00 7.76  ? 114 ILE A CB  1 
ATOM   866  C CG1 . ILE A 1 113 ? -1.458  -3.249  -2.655  1.00 11.08 ? 114 ILE A CG1 1 
ATOM   867  C CG2 . ILE A 1 113 ? -1.787  -4.486  -4.853  1.00 8.39  ? 114 ILE A CG2 1 
ATOM   868  C CD1 . ILE A 1 113 ? -1.484  -4.437  -1.704  1.00 9.36  ? 114 ILE A CD1 1 
ATOM   869  N N   . CYS A 1 114 ? -3.222  -2.082  -6.932  1.00 8.71  ? 115 CYS A N   1 
ATOM   870  C CA  . CYS A 1 114 ? -4.183  -2.224  -8.017  1.00 10.59 ? 115 CYS A CA  1 
ATOM   871  C C   . CYS A 1 114 ? -4.552  -3.680  -8.229  1.00 10.96 ? 115 CYS A C   1 
ATOM   872  O O   . CYS A 1 114 ? -3.708  -4.567  -8.083  1.00 12.01 ? 115 CYS A O   1 
ATOM   873  C CB  . CYS A 1 114 ? -3.620  -1.659  -9.312  1.00 10.57 ? 115 CYS A CB  1 
ATOM   874  S SG  . CYS A 1 114 ? -3.195  0.090   -9.204  1.00 14.24 ? 115 CYS A SG  1 
ATOM   875  N N   . THR A 1 115 ? -5.806  -3.929  -8.603  1.00 10.78 ? 116 THR A N   1 
ATOM   876  C CA  . THR A 1 115 ? -6.193  -5.292  -8.989  1.00 10.44 ? 116 THR A CA  1 
ATOM   877  C C   . THR A 1 115 ? -6.629  -5.311  -10.451 1.00 12.90 ? 116 THR A C   1 
ATOM   878  O O   . THR A 1 115 ? -7.233  -6.278  -10.919 1.00 14.37 ? 116 THR A O   1 
ATOM   879  C CB  . THR A 1 115 ? -7.309  -5.852  -8.095  1.00 13.37 ? 116 THR A CB  1 
ATOM   880  O OG1 . THR A 1 115 ? -8.426  -4.953  -8.079  1.00 12.35 ? 116 THR A OG1 1 
ATOM   881  C CG2 . THR A 1 115 ? -6.792  -6.048  -6.678  1.00 15.84 ? 116 THR A CG2 1 
ATOM   882  N N   . ALA A 1 116 ? -6.289  -4.239  -11.157 1.00 13.29 ? 117 ALA A N   1 
ATOM   883  C CA  . ALA A 1 116 ? -6.578  -4.081  -12.573 1.00 11.05 ? 117 ALA A CA  1 
ATOM   884  C C   . ALA A 1 116 ? -5.688  -2.960  -13.113 1.00 13.40 ? 117 ALA A C   1 
ATOM   885  O O   . ALA A 1 116 ? -5.058  -2.229  -12.337 1.00 12.26 ? 117 ALA A O   1 
ATOM   886  C CB  . ALA A 1 116 ? -8.056  -3.763  -12.780 1.00 11.77 ? 117 ALA A CB  1 
ATOM   887  N N   . LYS A 1 117 ? -5.613  -2.821  -14.431 1.00 11.42 ? 118 LYS A N   1 
ATOM   888  C CA  . LYS A 1 117 ? -4.965  -1.653  -15.020 1.00 13.23 ? 118 LYS A CA  1 
ATOM   889  C C   . LYS A 1 117 ? -5.819  -0.426  -14.698 1.00 14.38 ? 118 LYS A C   1 
ATOM   890  O O   . LYS A 1 117 ? -7.025  -0.429  -14.937 1.00 13.78 ? 118 LYS A O   1 
ATOM   891  C CB  . LYS A 1 117 ? -4.791  -1.819  -16.536 1.00 10.51 ? 118 LYS A CB  1 
ATOM   892  C CG  . LYS A 1 117 ? -4.278  -0.563  -17.218 1.00 14.37 ? 118 LYS A CG  1 
ATOM   893  C CD  . LYS A 1 117 ? -3.931  -0.782  -18.689 1.00 16.28 ? 118 LYS A CD  1 
ATOM   894  C CE  . LYS A 1 117 ? -5.160  -0.699  -19.561 1.00 24.65 ? 118 LYS A CE  1 
ATOM   895  N NZ  . LYS A 1 117 ? -4.772  -0.690  -20.997 1.00 29.67 ? 118 LYS A NZ  1 
ATOM   896  N N   . THR A 1 118 ? -5.210  0.611   -14.129 1.00 12.33 ? 119 THR A N   1 
ATOM   897  C CA  . THR A 1 118 ? -5.964  1.809   -13.747 1.00 16.11 ? 119 THR A CA  1 
ATOM   898  C C   . THR A 1 118 ? -5.314  3.066   -14.322 1.00 14.24 ? 119 THR A C   1 
ATOM   899  O O   . THR A 1 118 ? -4.832  3.932   -13.583 1.00 13.73 ? 119 THR A O   1 
ATOM   900  C CB  . THR A 1 118 ? -6.079  1.956   -12.213 1.00 14.78 ? 119 THR A CB  1 
ATOM   901  O OG1 . THR A 1 118 ? -4.769  2.072   -11.639 1.00 13.16 ? 119 THR A OG1 1 
ATOM   902  C CG2 . THR A 1 118 ? -6.780  0.738   -11.600 1.00 15.59 ? 119 THR A CG2 1 
ATOM   903  N N   . GLU A 1 119 ? -5.318  3.174   -15.645 1.00 15.64 ? 120 GLU A N   1 
ATOM   904  C CA  . GLU A 1 119 ? -4.541  4.201   -16.327 1.00 15.50 ? 120 GLU A CA  1 
ATOM   905  C C   . GLU A 1 119 ? -4.997  5.640   -16.024 1.00 13.54 ? 120 GLU A C   1 
ATOM   906  O O   . GLU A 1 119 ? -4.219  6.581   -16.193 1.00 15.56 ? 120 GLU A O   1 
ATOM   907  C CB  . GLU A 1 119 ? -4.559  3.940   -17.838 1.00 21.04 ? 120 GLU A CB  1 
ATOM   908  C CG  . GLU A 1 119 ? -5.883  4.207   -18.521 1.00 22.17 ? 120 GLU A CG  1 
ATOM   909  C CD  . GLU A 1 119 ? -6.890  3.066   -18.409 1.00 27.96 ? 120 GLU A CD  1 
ATOM   910  O OE1 . GLU A 1 119 ? -6.599  2.026   -17.770 1.00 21.95 ? 120 GLU A OE1 1 
ATOM   911  O OE2 . GLU A 1 119 ? -7.993  3.216   -18.979 1.00 31.13 ? 120 GLU A OE2 1 
ATOM   912  N N   . TRP A 1 120 ? -6.228  5.801   -15.542 1.00 14.92 ? 121 TRP A N   1 
ATOM   913  C CA  . TRP A 1 120 ? -6.748  7.141   -15.278 1.00 17.11 ? 121 TRP A CA  1 
ATOM   914  C C   . TRP A 1 120 ? -6.079  7.749   -14.057 1.00 15.10 ? 121 TRP A C   1 
ATOM   915  O O   . TRP A 1 120 ? -6.201  8.948   -13.805 1.00 16.51 ? 121 TRP A O   1 
ATOM   916  C CB  . TRP A 1 120 ? -8.269  7.125   -15.096 1.00 16.09 ? 121 TRP A CB  1 
ATOM   917  C CG  . TRP A 1 120 ? -8.755  6.202   -14.040 1.00 16.32 ? 121 TRP A CG  1 
ATOM   918  C CD1 . TRP A 1 120 ? -9.055  6.514   -12.745 1.00 17.42 ? 121 TRP A CD1 1 
ATOM   919  C CD2 . TRP A 1 120 ? -8.999  4.800   -14.184 1.00 15.52 ? 121 TRP A CD2 1 
ATOM   920  N NE1 . TRP A 1 120 ? -9.477  5.389   -12.076 1.00 18.52 ? 121 TRP A NE1 1 
ATOM   921  C CE2 . TRP A 1 120 ? -9.452  4.324   -12.940 1.00 17.20 ? 121 TRP A CE2 1 
ATOM   922  C CE3 . TRP A 1 120 ? -8.884  3.899   -15.254 1.00 16.46 ? 121 TRP A CE3 1 
ATOM   923  C CZ2 . TRP A 1 120 ? -9.788  2.990   -12.730 1.00 17.79 ? 121 TRP A CZ2 1 
ATOM   924  C CZ3 . TRP A 1 120 ? -9.227  2.573   -15.045 1.00 18.34 ? 121 TRP A CZ3 1 
ATOM   925  C CH2 . TRP A 1 120 ? -9.666  2.129   -13.795 1.00 17.65 ? 121 TRP A CH2 1 
ATOM   926  N N   . LEU A 1 121 ? -5.365  6.924   -13.296 1.00 13.44 ? 122 LEU A N   1 
ATOM   927  C CA  . LEU A 1 121 ? -4.620  7.430   -12.150 1.00 11.47 ? 122 LEU A CA  1 
ATOM   928  C C   . LEU A 1 121 ? -3.205  7.866   -12.515 1.00 8.18  ? 122 LEU A C   1 
ATOM   929  O O   . LEU A 1 121 ? -2.513  8.468   -11.697 1.00 10.02 ? 122 LEU A O   1 
ATOM   930  C CB  . LEU A 1 121 ? -4.571  6.370   -11.041 1.00 9.05  ? 122 LEU A CB  1 
ATOM   931  C CG  . LEU A 1 121 ? -5.936  5.916   -10.542 1.00 10.93 ? 122 LEU A CG  1 
ATOM   932  C CD1 . LEU A 1 121 ? -5.767  4.862   -9.448  1.00 10.91 ? 122 LEU A CD1 1 
ATOM   933  C CD2 . LEU A 1 121 ? -6.707  7.120   -10.029 1.00 12.99 ? 122 LEU A CD2 1 
ATOM   934  N N   . ASP A 1 122 ? -2.770  7.590   -13.746 1.00 9.72  ? 123 ASP A N   1 
ATOM   935  C CA  . ASP A 1 122 ? -1.426  7.953   -14.162 1.00 10.86 ? 123 ASP A CA  1 
ATOM   936  C C   . ASP A 1 122 ? -1.234  9.472   -14.095 1.00 13.04 ? 123 ASP A C   1 
ATOM   937  O O   . ASP A 1 122 ? -2.073  10.233  -14.575 1.00 14.62 ? 123 ASP A O   1 
ATOM   938  C CB  . ASP A 1 122 ? -1.131  7.470   -15.589 1.00 11.10 ? 123 ASP A CB  1 
ATOM   939  C CG  . ASP A 1 122 ? -1.068  5.959   -15.706 1.00 16.52 ? 123 ASP A CG  1 
ATOM   940  O OD1 . ASP A 1 122 ? -0.962  5.270   -14.673 1.00 12.71 ? 123 ASP A OD1 1 
ATOM   941  O OD2 . ASP A 1 122 ? -1.112  5.455   -16.850 1.00 15.64 ? 123 ASP A OD2 1 
ATOM   942  N N   . GLY A 1 123 ? -0.130  9.902   -13.494 1.00 11.10 ? 124 GLY A N   1 
ATOM   943  C CA  . GLY A 1 123 ? 0.168   11.319  -13.370 1.00 11.96 ? 124 GLY A CA  1 
ATOM   944  C C   . GLY A 1 123 ? -0.431  11.959  -12.132 1.00 12.13 ? 124 GLY A C   1 
ATOM   945  O O   . GLY A 1 123 ? -0.166  13.131  -11.845 1.00 13.09 ? 124 GLY A O   1 
ATOM   946  N N   . LYS A 1 124 ? -1.239  11.199  -11.393 1.00 10.32 ? 125 LYS A N   1 
ATOM   947  C CA  . LYS A 1 124 ? -1.858  11.719  -10.173 1.00 10.97 ? 125 LYS A CA  1 
ATOM   948  C C   . LYS A 1 124 ? -1.374  11.005  -8.907  1.00 12.93 ? 125 LYS A C   1 
ATOM   949  O O   . LYS A 1 124 ? -1.274  11.606  -7.841  1.00 13.17 ? 125 LYS A O   1 
ATOM   950  C CB  . LYS A 1 124 ? -3.380  11.620  -10.253 1.00 12.80 ? 125 LYS A CB  1 
ATOM   951  C CG  . LYS A 1 124 ? -4.048  12.357  -9.088  1.00 24.73 ? 125 LYS A CG  1 
ATOM   952  C CD  . LYS A 1 124 ? -5.564  12.293  -9.135  1.00 25.82 ? 125 LYS A CD  1 
ATOM   953  C CE  . LYS A 1 124 ? -6.172  12.967  -7.903  1.00 27.93 ? 125 LYS A CE  1 
ATOM   954  N NZ  . LYS A 1 124 ? -5.759  14.397  -7.784  1.00 29.48 ? 125 LYS A NZ  1 
ATOM   955  N N   . HIS A 1 125 ? -1.057  9.726   -9.041  1.00 9.48  ? 126 HIS A N   1 
ATOM   956  C CA  . HIS A 1 125 ? -0.558  8.938   -7.932  1.00 9.78  ? 126 HIS A CA  1 
ATOM   957  C C   . HIS A 1 125 ? 0.793   8.384   -8.303  1.00 8.62  ? 126 HIS A C   1 
ATOM   958  O O   . HIS A 1 125 ? 0.969   7.895   -9.423  1.00 9.81  ? 126 HIS A O   1 
ATOM   959  C CB  . HIS A 1 125 ? -1.533  7.816   -7.604  1.00 10.07 ? 126 HIS A CB  1 
ATOM   960  C CG  . HIS A 1 125 ? -2.865  8.312   -7.154  1.00 9.34  ? 126 HIS A CG  1 
ATOM   961  N ND1 . HIS A 1 125 ? -3.160  8.524   -5.825  1.00 8.41  ? 126 HIS A ND1 1 
ATOM   962  C CD2 . HIS A 1 125 ? -3.970  8.668   -7.850  1.00 10.95 ? 126 HIS A CD2 1 
ATOM   963  C CE1 . HIS A 1 125 ? -4.396  8.985   -5.723  1.00 8.29  ? 126 HIS A CE1 1 
ATOM   964  N NE2 . HIS A 1 125 ? -4.911  9.073   -6.935  1.00 10.70 ? 126 HIS A NE2 1 
ATOM   965  N N   . VAL A 1 126 ? 1.737   8.435   -7.370  1.00 7.71  ? 127 VAL A N   1 
ATOM   966  C CA  . VAL A 1 126 ? 3.091   7.954   -7.640  1.00 7.58  ? 127 VAL A CA  1 
ATOM   967  C C   . VAL A 1 126 ? 3.198   6.436   -7.470  1.00 8.68  ? 127 VAL A C   1 
ATOM   968  O O   . VAL A 1 126 ? 3.020   5.901   -6.367  1.00 9.57  ? 127 VAL A O   1 
ATOM   969  C CB  . VAL A 1 126 ? 4.136   8.648   -6.749  1.00 8.23  ? 127 VAL A CB  1 
ATOM   970  C CG1 . VAL A 1 126 ? 5.536   8.037   -6.956  1.00 9.56  ? 127 VAL A CG1 1 
ATOM   971  C CG2 . VAL A 1 126 ? 4.181   10.147  -7.056  1.00 9.47  ? 127 VAL A CG2 1 
ATOM   972  N N   . VAL A 1 127 ? 3.474   5.758   -8.580  1.00 8.31  ? 128 VAL A N   1 
ATOM   973  C CA  . VAL A 1 127 ? 3.745   4.319   -8.591  1.00 7.44  ? 128 VAL A CA  1 
ATOM   974  C C   . VAL A 1 127 ? 5.171   4.053   -8.119  1.00 8.56  ? 128 VAL A C   1 
ATOM   975  O O   . VAL A 1 127 ? 6.117   4.692   -8.568  1.00 10.28 ? 128 VAL A O   1 
ATOM   976  C CB  . VAL A 1 127 ? 3.519   3.746   -9.996  1.00 8.93  ? 128 VAL A CB  1 
ATOM   977  C CG1 . VAL A 1 127 ? 4.023   2.283   -10.085 1.00 9.75  ? 128 VAL A CG1 1 
ATOM   978  C CG2 . VAL A 1 127 ? 2.047   3.859   -10.361 1.00 8.94  ? 128 VAL A CG2 1 
ATOM   979  N N   . PHE A 1 128 ? 5.336   3.108   -7.201  1.00 8.12  ? 129 PHE A N   1 
ATOM   980  C CA  . PHE A 1 128 ? 6.656   2.905   -6.628  1.00 8.36  ? 129 PHE A CA  1 
ATOM   981  C C   . PHE A 1 128 ? 6.998   1.461   -6.312  1.00 8.66  ? 129 PHE A C   1 
ATOM   982  O O   . PHE A 1 128 ? 8.051   1.190   -5.753  1.00 9.53  ? 129 PHE A O   1 
ATOM   983  C CB  . PHE A 1 128 ? 6.808   3.743   -5.347  1.00 8.68  ? 129 PHE A CB  1 
ATOM   984  C CG  . PHE A 1 128 ? 5.930   3.282   -4.213  1.00 8.82  ? 129 PHE A CG  1 
ATOM   985  C CD1 . PHE A 1 128 ? 4.661   3.799   -4.046  1.00 8.86  ? 129 PHE A CD1 1 
ATOM   986  C CD2 . PHE A 1 128 ? 6.385   2.339   -3.306  1.00 9.33  ? 129 PHE A CD2 1 
ATOM   987  C CE1 . PHE A 1 128 ? 3.854   3.377   -3.005  1.00 7.18  ? 129 PHE A CE1 1 
ATOM   988  C CE2 . PHE A 1 128 ? 5.582   1.909   -2.266  1.00 7.94  ? 129 PHE A CE2 1 
ATOM   989  C CZ  . PHE A 1 128 ? 4.314   2.434   -2.105  1.00 7.25  ? 129 PHE A CZ  1 
ATOM   990  N N   . GLY A 1 129 ? 6.123   0.529   -6.665  1.00 8.84  ? 130 GLY A N   1 
ATOM   991  C CA  . GLY A 1 129 ? 6.419   -0.866  -6.394  1.00 9.42  ? 130 GLY A CA  1 
ATOM   992  C C   . GLY A 1 129 ? 5.448   -1.807  -7.071  1.00 6.83  ? 130 GLY A C   1 
ATOM   993  O O   . GLY A 1 129 ? 4.551   -1.375  -7.802  1.00 8.26  ? 130 GLY A O   1 
ATOM   994  N N   . LYS A 1 130 ? 5.634   -3.106  -6.837  1.00 8.70  ? 131 LYS A N   1 
ATOM   995  C CA  . LYS A 1 130 ? 4.719   -4.103  -7.378  1.00 8.57  ? 131 LYS A CA  1 
ATOM   996  C C   . LYS A 1 130 ? 4.743   -5.387  -6.565  1.00 9.48  ? 131 LYS A C   1 
ATOM   997  O O   . LYS A 1 130 ? 5.775   -5.770  -6.005  1.00 9.57  ? 131 LYS A O   1 
ATOM   998  C CB  . LYS A 1 130 ? 5.055   -4.417  -8.844  1.00 13.03 ? 131 LYS A CB  1 
ATOM   999  C CG  . LYS A 1 130 ? 6.300   -5.254  -9.036  1.00 18.80 ? 131 LYS A CG  1 
ATOM   1000 C CD  . LYS A 1 130 ? 6.314   -5.863  -10.431 1.00 26.60 ? 131 LYS A CD  1 
ATOM   1001 C CE  . LYS A 1 130 ? 7.614   -6.597  -10.718 1.00 32.75 ? 131 LYS A CE  1 
ATOM   1002 N NZ  . LYS A 1 130 ? 7.521   -7.354  -12.007 1.00 34.82 ? 131 LYS A NZ  1 
ATOM   1003 N N   . VAL A 1 131 ? 3.587   -6.036  -6.487  1.00 8.50  ? 132 VAL A N   1 
ATOM   1004 C CA  . VAL A 1 131 ? 3.478   -7.353  -5.868  1.00 8.36  ? 132 VAL A CA  1 
ATOM   1005 C C   . VAL A 1 131 ? 4.401   -8.337  -6.564  1.00 10.16 ? 132 VAL A C   1 
ATOM   1006 O O   . VAL A 1 131 ? 4.402   -8.436  -7.793  1.00 12.47 ? 132 VAL A O   1 
ATOM   1007 C CB  . VAL A 1 131 ? 2.032   -7.869  -5.928  1.00 8.15  ? 132 VAL A CB  1 
ATOM   1008 C CG1 . VAL A 1 131 ? 1.952   -9.306  -5.421  1.00 9.64  ? 132 VAL A CG1 1 
ATOM   1009 C CG2 . VAL A 1 131 ? 1.124   -6.941  -5.122  1.00 9.82  ? 132 VAL A CG2 1 
ATOM   1010 N N   . LYS A 1 132 ? 5.190   -9.049  -5.763  1.00 9.55  ? 133 LYS A N   1 
ATOM   1011 C CA  . LYS A 1 132 ? 6.120   -10.067 -6.243  1.00 11.33 ? 133 LYS A CA  1 
ATOM   1012 C C   . LYS A 1 132 ? 5.523   -11.463 -6.066  1.00 15.92 ? 133 LYS A C   1 
ATOM   1013 O O   . LYS A 1 132 ? 5.413   -12.232 -7.020  1.00 24.38 ? 133 LYS A O   1 
ATOM   1014 C CB  . LYS A 1 132 ? 7.444   -9.946  -5.484  1.00 15.32 ? 133 LYS A CB  1 
ATOM   1015 C CG  . LYS A 1 132 ? 8.530   -10.932 -5.879  1.00 21.69 ? 133 LYS A CG  1 
ATOM   1016 C CD  . LYS A 1 132 ? 9.770   -10.702 -5.016  1.00 27.26 ? 133 LYS A CD  1 
ATOM   1017 C CE  . LYS A 1 132 ? 11.011  -11.347 -5.610  1.00 41.21 ? 133 LYS A CE  1 
ATOM   1018 N NZ  . LYS A 1 132 ? 12.211  -11.082 -4.761  1.00 44.15 ? 133 LYS A NZ  1 
ATOM   1019 N N   . GLU A 1 133 ? 5.143   -11.771 -4.834  1.00 12.55 ? 134 GLU A N   1 
ATOM   1020 C CA  . GLU A 1 133 ? 4.463   -13.017 -4.500  1.00 15.46 ? 134 GLU A CA  1 
ATOM   1021 C C   . GLU A 1 133 ? 3.192   -12.711 -3.731  1.00 11.47 ? 134 GLU A C   1 
ATOM   1022 O O   . GLU A 1 133 ? 3.103   -11.700 -3.042  1.00 10.70 ? 134 GLU A O   1 
ATOM   1023 C CB  . GLU A 1 133 ? 5.363   -13.930 -3.667  1.00 19.07 ? 134 GLU A CB  1 
ATOM   1024 C CG  . GLU A 1 133 ? 6.427   -14.652 -4.472  1.00 30.26 ? 134 GLU A CG  1 
ATOM   1025 C CD  . GLU A 1 133 ? 6.952   -15.882 -3.757  1.00 41.35 ? 134 GLU A CD  1 
ATOM   1026 O OE1 . GLU A 1 133 ? 6.609   -17.007 -4.179  1.00 48.36 ? 134 GLU A OE1 1 
ATOM   1027 O OE2 . GLU A 1 133 ? 7.707   -15.725 -2.776  1.00 40.72 ? 134 GLU A OE2 1 
ATOM   1028 N N   . GLY A 1 134 ? 2.204   -13.589 -3.836  1.00 14.22 ? 135 GLY A N   1 
ATOM   1029 C CA  . GLY A 1 134 ? 0.969   -13.409 -3.099  1.00 13.41 ? 135 GLY A CA  1 
ATOM   1030 C C   . GLY A 1 134 ? -0.123  -12.586 -3.758  1.00 11.84 ? 135 GLY A C   1 
ATOM   1031 O O   . GLY A 1 134 ? -1.016  -12.095 -3.068  1.00 11.47 ? 135 GLY A O   1 
ATOM   1032 N N   . MET A 1 135 ? -0.098  -12.442 -5.080  1.00 11.76 ? 136 MET A N   1 
ATOM   1033 C CA  . MET A 1 135 ? -1.199  -11.750 -5.749  1.00 11.20 ? 136 MET A CA  1 
ATOM   1034 C C   . MET A 1 135 ? -2.541  -12.435 -5.473  1.00 13.64 ? 136 MET A C   1 
ATOM   1035 O O   . MET A 1 135 ? -3.576  -11.769 -5.386  1.00 13.95 ? 136 MET A O   1 
ATOM   1036 C CB  . MET A 1 135 ? -0.960  -11.655 -7.256  1.00 16.71 ? 136 MET A CB  1 
ATOM   1037 C CG  . MET A 1 135 ? -1.896  -10.681 -7.949  1.00 14.80 ? 136 MET A CG  1 
ATOM   1038 S SD  . MET A 1 135 ? -1.709  -8.951  -7.401  1.00 16.79 ? 136 MET A SD  1 
ATOM   1039 C CE  . MET A 1 135 ? -3.403  -8.370  -7.563  1.00 19.44 ? 136 MET A CE  1 
ATOM   1040 N N   . ASN A 1 136 ? -2.523  -13.755 -5.321  1.00 13.74 ? 137 ASN A N   1 
ATOM   1041 C CA  . ASN A 1 136 ? -3.717  -14.493 -4.933  1.00 15.66 ? 137 ASN A CA  1 
ATOM   1042 C C   . ASN A 1 136 ? -4.297  -14.017 -3.595  1.00 13.08 ? 137 ASN A C   1 
ATOM   1043 O O   . ASN A 1 136 ? -5.511  -14.065 -3.391  1.00 14.59 ? 137 ASN A O   1 
ATOM   1044 C CB  . ASN A 1 136 ? -3.405  -15.986 -4.849  1.00 15.61 ? 137 ASN A CB  1 
ATOM   1045 C CG  . ASN A 1 136 ? -2.380  -16.297 -3.783  1.00 18.50 ? 137 ASN A CG  1 
ATOM   1046 O OD1 . ASN A 1 136 ? -1.226  -15.866 -3.868  1.00 22.88 ? 137 ASN A OD1 1 
ATOM   1047 N ND2 . ASN A 1 136 ? -2.793  -17.047 -2.769  1.00 27.18 ? 137 ASN A ND2 1 
ATOM   1048 N N   . ILE A 1 137 ? -3.430  -13.561 -2.687  1.00 11.09 ? 138 ILE A N   1 
ATOM   1049 C CA  . ILE A 1 137 ? -3.879  -13.050 -1.397  1.00 10.86 ? 138 ILE A CA  1 
ATOM   1050 C C   . ILE A 1 137 ? -4.585  -11.710 -1.578  1.00 12.50 ? 138 ILE A C   1 
ATOM   1051 O O   . ILE A 1 137 ? -5.617  -11.452 -0.963  1.00 13.30 ? 138 ILE A O   1 
ATOM   1052 C CB  . ILE A 1 137 ? -2.705  -12.893 -0.403  1.00 13.04 ? 138 ILE A CB  1 
ATOM   1053 C CG1 . ILE A 1 137 ? -1.989  -14.234 -0.202  1.00 17.84 ? 138 ILE A CG1 1 
ATOM   1054 C CG2 . ILE A 1 137 ? -3.174  -12.294 0.920   1.00 12.87 ? 138 ILE A CG2 1 
ATOM   1055 C CD1 . ILE A 1 137 ? -2.911  -15.393 0.137   1.00 19.62 ? 138 ILE A CD1 1 
ATOM   1056 N N   . VAL A 1 138 ? -4.034  -10.866 -2.443  1.00 11.83 ? 139 VAL A N   1 
ATOM   1057 C CA  . VAL A 1 138 ? -4.681  -9.601  -2.759  1.00 10.57 ? 139 VAL A CA  1 
ATOM   1058 C C   . VAL A 1 138 ? -6.045  -9.821  -3.419  1.00 9.26  ? 139 VAL A C   1 
ATOM   1059 O O   . VAL A 1 138 ? -7.018  -9.131  -3.098  1.00 13.08 ? 139 VAL A O   1 
ATOM   1060 C CB  . VAL A 1 138 ? -3.803  -8.738  -3.674  1.00 10.29 ? 139 VAL A CB  1 
ATOM   1061 C CG1 . VAL A 1 138 ? -4.498  -7.400  -3.958  1.00 10.85 ? 139 VAL A CG1 1 
ATOM   1062 C CG2 . VAL A 1 138 ? -2.447  -8.510  -3.027  1.00 9.72  ? 139 VAL A CG2 1 
ATOM   1063 N N   . GLU A 1 139 ? -6.127  -10.799 -4.316  1.00 11.92 ? 140 GLU A N   1 
ATOM   1064 C CA  . GLU A 1 139 ? -7.403  -11.135 -4.942  1.00 13.52 ? 140 GLU A CA  1 
ATOM   1065 C C   . GLU A 1 139 ? -8.399  -11.622 -3.891  1.00 16.31 ? 140 GLU A C   1 
ATOM   1066 O O   . GLU A 1 139 ? -9.583  -11.302 -3.965  1.00 17.40 ? 140 GLU A O   1 
ATOM   1067 C CB  . GLU A 1 139 ? -7.203  -12.181 -6.039  1.00 16.55 ? 140 GLU A CB  1 
ATOM   1068 C CG  . GLU A 1 139 ? -6.367  -11.668 -7.194  1.00 17.34 ? 140 GLU A CG  1 
ATOM   1069 C CD  . GLU A 1 139 ? -5.856  -12.769 -8.110  1.00 25.54 ? 140 GLU A CD  1 
ATOM   1070 O OE1 . GLU A 1 139 ? -5.983  -13.960 -7.760  1.00 29.02 ? 140 GLU A OE1 1 
ATOM   1071 O OE2 . GLU A 1 139 ? -5.314  -12.436 -9.183  1.00 26.61 ? 140 GLU A OE2 1 
ATOM   1072 N N   . ALA A 1 140 ? -7.915  -12.365 -2.900  1.00 13.45 ? 141 ALA A N   1 
ATOM   1073 C CA  . ALA A 1 140 ? -8.781  -12.841 -1.819  1.00 15.73 ? 141 ALA A CA  1 
ATOM   1074 C C   . ALA A 1 140 ? -9.338  -11.672 -1.000  1.00 14.91 ? 141 ALA A C   1 
ATOM   1075 O O   . ALA A 1 140 ? -10.491 -11.699 -0.565  1.00 14.45 ? 141 ALA A O   1 
ATOM   1076 C CB  . ALA A 1 140 ? -8.023  -13.809 -0.915  1.00 14.85 ? 141 ALA A CB  1 
ATOM   1077 N N   . MET A 1 141 ? -8.517  -10.646 -0.795  1.00 15.07 ? 142 MET A N   1 
ATOM   1078 C CA  . MET A 1 141 ? -8.933  -9.503  0.008   1.00 14.08 ? 142 MET A CA  1 
ATOM   1079 C C   . MET A 1 141 ? -10.116 -8.785  -0.622  1.00 14.18 ? 142 MET A C   1 
ATOM   1080 O O   . MET A 1 141 ? -10.944 -8.218  0.078   1.00 13.69 ? 142 MET A O   1 
ATOM   1081 C CB  . MET A 1 141 ? -7.762  -8.529  0.203   1.00 14.95 ? 142 MET A CB  1 
ATOM   1082 C CG  . MET A 1 141 ? -6.622  -9.107  1.015   1.00 16.83 ? 142 MET A CG  1 
ATOM   1083 S SD  . MET A 1 141 ? -5.089  -8.195  0.774   1.00 20.23 ? 142 MET A SD  1 
ATOM   1084 C CE  . MET A 1 141 ? -5.675  -6.549  1.131   1.00 18.44 ? 142 MET A CE  1 
ATOM   1085 N N   . GLU A 1 142 ? -10.186 -8.817  -1.951  1.00 17.37 ? 143 GLU A N   1 
ATOM   1086 C CA  . GLU A 1 142 ? -11.292 -8.182  -2.684  1.00 17.98 ? 143 GLU A CA  1 
ATOM   1087 C C   . GLU A 1 142 ? -12.676 -8.617  -2.250  1.00 24.63 ? 143 GLU A C   1 
ATOM   1088 O O   . GLU A 1 142 ? -13.599 -7.803  -2.219  1.00 20.37 ? 143 GLU A O   1 
ATOM   1089 C CB  . GLU A 1 142 ? -11.155 -8.441  -4.182  1.00 24.57 ? 143 GLU A CB  1 
ATOM   1090 C CG  . GLU A 1 142 ? -10.093 -7.615  -4.851  1.00 24.32 ? 143 GLU A CG  1 
ATOM   1091 C CD  . GLU A 1 142 ? -10.122 -7.763  -6.362  1.00 25.09 ? 143 GLU A CD  1 
ATOM   1092 O OE1 . GLU A 1 142 ? -9.884  -8.882  -6.859  1.00 27.03 ? 143 GLU A OE1 1 
ATOM   1093 O OE2 . GLU A 1 142 ? -10.373 -6.759  -7.050  1.00 23.66 ? 143 GLU A OE2 1 
ATOM   1094 N N   . ARG A 1 143 ? -12.843 -9.893  -1.913  1.00 23.12 ? 144 ARG A N   1 
ATOM   1095 C CA  . ARG A 1 143 ? -14.163 -10.375 -1.516  1.00 28.49 ? 144 ARG A CA  1 
ATOM   1096 C C   . ARG A 1 143 ? -14.693 -9.637  -0.293  1.00 26.60 ? 144 ARG A C   1 
ATOM   1097 O O   . ARG A 1 143 ? -15.888 -9.671  -0.005  1.00 27.62 ? 144 ARG A O   1 
ATOM   1098 C CB  . ARG A 1 143 ? -14.138 -11.885 -1.239  1.00 29.62 ? 144 ARG A CB  1 
ATOM   1099 C CG  . ARG A 1 143 ? -13.759 -12.259 0.189   1.00 25.52 ? 144 ARG A CG  1 
ATOM   1100 C CD  . ARG A 1 143 ? -14.129 -13.711 0.517   1.00 29.08 ? 144 ARG A CD  1 
ATOM   1101 N NE  . ARG A 1 143 ? -15.552 -13.850 0.809   1.00 29.52 ? 144 ARG A NE  1 
ATOM   1102 C CZ  . ARG A 1 143 ? -16.463 -14.264 -0.066  1.00 28.52 ? 144 ARG A CZ  1 
ATOM   1103 N NH1 . ARG A 1 143 ? -16.104 -14.595 -1.298  1.00 22.68 ? 144 ARG A NH1 1 
ATOM   1104 N NH2 . ARG A 1 143 ? -17.735 -14.349 0.293   1.00 25.43 ? 144 ARG A NH2 1 
ATOM   1105 N N   . PHE A 1 144 ? -13.804 -8.960  0.428   1.00 17.12 ? 145 PHE A N   1 
ATOM   1106 C CA  . PHE A 1 144 ? -14.210 -8.279  1.638   1.00 14.58 ? 145 PHE A CA  1 
ATOM   1107 C C   . PHE A 1 144 ? -14.433 -6.799  1.417   1.00 13.48 ? 145 PHE A C   1 
ATOM   1108 O O   . PHE A 1 144 ? -14.695 -6.078  2.363   1.00 15.53 ? 145 PHE A O   1 
ATOM   1109 C CB  . PHE A 1 144 ? -13.184 -8.506  2.748   1.00 14.35 ? 145 PHE A CB  1 
ATOM   1110 C CG  . PHE A 1 144 ? -13.065 -9.947  3.149   1.00 16.11 ? 145 PHE A CG  1 
ATOM   1111 C CD1 . PHE A 1 144 ? -14.031 -10.530 3.949   1.00 17.42 ? 145 PHE A CD1 1 
ATOM   1112 C CD2 . PHE A 1 144 ? -12.001 -10.718 2.710   1.00 16.72 ? 145 PHE A CD2 1 
ATOM   1113 C CE1 . PHE A 1 144 ? -13.936 -11.859 4.314   1.00 16.26 ? 145 PHE A CE1 1 
ATOM   1114 C CE2 . PHE A 1 144 ? -11.897 -12.056 3.077   1.00 19.96 ? 145 PHE A CE2 1 
ATOM   1115 C CZ  . PHE A 1 144 ? -12.871 -12.621 3.876   1.00 19.55 ? 145 PHE A CZ  1 
ATOM   1116 N N   . GLY A 1 145 ? -14.322 -6.363  0.167   1.00 14.46 ? 146 GLY A N   1 
ATOM   1117 C CA  . GLY A 1 145 ? -14.652 -4.991  -0.190  1.00 11.77 ? 146 GLY A CA  1 
ATOM   1118 C C   . GLY A 1 145 ? -16.032 -4.878  -0.809  1.00 14.59 ? 146 GLY A C   1 
ATOM   1119 O O   . GLY A 1 145 ? -16.829 -5.813  -0.761  1.00 16.75 ? 146 GLY A O   1 
ATOM   1120 N N   . SER A 1 146 ? -16.311 -3.724  -1.403  1.00 11.82 ? 147 SER A N   1 
ATOM   1121 C CA  . SER A 1 146 ? -17.624 -3.451  -1.981  1.00 10.22 ? 147 SER A CA  1 
ATOM   1122 C C   . SER A 1 146 ? -17.486 -2.309  -2.969  1.00 11.83 ? 147 SER A C   1 
ATOM   1123 O O   . SER A 1 146 ? -16.420 -1.692  -3.057  1.00 10.14 ? 147 SER A O   1 
ATOM   1124 C CB  . SER A 1 146 ? -18.652 -3.110  -0.892  1.00 12.10 ? 147 SER A CB  1 
ATOM   1125 O OG  . SER A 1 146 ? -18.311 -1.907  -0.199  1.00 13.08 ? 147 SER A OG  1 
ATOM   1126 N N   . ARG A 1 147 ? -18.554 -2.024  -3.714  1.00 11.45 ? 148 ARG A N   1 
ATOM   1127 C CA  . ARG A 1 147 ? -18.477 -1.018  -4.761  1.00 13.18 ? 148 ARG A CA  1 
ATOM   1128 C C   . ARG A 1 147 ? -18.097 0.369   -4.244  1.00 10.16 ? 148 ARG A C   1 
ATOM   1129 O O   . ARG A 1 147 ? -17.397 1.096   -4.942  1.00 12.79 ? 148 ARG A O   1 
ATOM   1130 C CB  . ARG A 1 147 ? -19.800 -0.929  -5.519  1.00 14.15 ? 148 ARG A CB  1 
ATOM   1131 C CG  . ARG A 1 147 ? -20.002 -2.057  -6.506  1.00 17.68 ? 148 ARG A CG  1 
ATOM   1132 C CD  . ARG A 1 147 ? -21.270 -1.825  -7.317  1.00 23.12 ? 148 ARG A CD  1 
ATOM   1133 N NE  . ARG A 1 147 ? -21.406 -2.794  -8.400  1.00 26.54 ? 148 ARG A NE  1 
ATOM   1134 C CZ  . ARG A 1 147 ? -21.905 -4.014  -8.244  1.00 34.84 ? 148 ARG A CZ  1 
ATOM   1135 N NH1 . ARG A 1 147 ? -22.314 -4.414  -7.048  1.00 28.86 ? 148 ARG A NH1 1 
ATOM   1136 N NH2 . ARG A 1 147 ? -21.993 -4.833  -9.283  1.00 39.12 ? 148 ARG A NH2 1 
ATOM   1137 N N   . ASN A 1 148 ? -18.517 0.735   -3.031  1.00 10.97 ? 149 ASN A N   1 
ATOM   1138 C CA  . ASN A 1 148 ? -18.126 2.055   -2.514  1.00 10.21 ? 149 ASN A CA  1 
ATOM   1139 C C   . ASN A 1 148 ? -16.889 2.009   -1.616  1.00 13.54 ? 149 ASN A C   1 
ATOM   1140 O O   . ASN A 1 148 ? -16.499 3.026   -1.031  1.00 12.28 ? 149 ASN A O   1 
ATOM   1141 C CB  . ASN A 1 148 ? -19.295 2.735   -1.785  1.00 12.88 ? 149 ASN A CB  1 
ATOM   1142 C CG  . ASN A 1 148 ? -19.632 2.097   -0.448  1.00 15.70 ? 149 ASN A CG  1 
ATOM   1143 O OD1 . ASN A 1 148 ? -19.026 1.113   -0.019  1.00 12.30 ? 149 ASN A OD1 1 
ATOM   1144 N ND2 . ASN A 1 148 ? -20.618 2.678   0.234   1.00 16.56 ? 149 ASN A ND2 1 
ATOM   1145 N N   . GLY A 1 149 ? -16.278 0.829   -1.524  1.00 10.03 ? 150 GLY A N   1 
ATOM   1146 C CA  . GLY A 1 149 ? -15.021 0.669   -0.812  1.00 10.38 ? 150 GLY A CA  1 
ATOM   1147 C C   . GLY A 1 149 ? -15.114 0.199   0.623   1.00 9.77  ? 150 GLY A C   1 
ATOM   1148 O O   . GLY A 1 149 ? -14.111 -0.209  1.212   1.00 10.85 ? 150 GLY A O   1 
ATOM   1149 N N   . LYS A 1 150 ? -16.304 0.250   1.203   1.00 10.42 ? 151 LYS A N   1 
ATOM   1150 C CA  . LYS A 1 150 ? -16.458 -0.178  2.583   1.00 11.20 ? 151 LYS A CA  1 
ATOM   1151 C C   . LYS A 1 150 ? -16.181 -1.669  2.705   1.00 11.90 ? 151 LYS A C   1 
ATOM   1152 O O   . LYS A 1 150 ? -16.670 -2.463  1.896   1.00 12.70 ? 151 LYS A O   1 
ATOM   1153 C CB  . LYS A 1 150 ? -17.860 0.143   3.086   1.00 13.86 ? 151 LYS A CB  1 
ATOM   1154 C CG  . LYS A 1 150 ? -18.061 -0.183  4.555   1.00 18.12 ? 151 LYS A CG  1 
ATOM   1155 C CD  . LYS A 1 150 ? -19.480 0.145   5.005   1.00 26.57 ? 151 LYS A CD  1 
ATOM   1156 C CE  . LYS A 1 150 ? -19.682 -0.194  6.477   1.00 36.03 ? 151 LYS A CE  1 
ATOM   1157 N NZ  . LYS A 1 150 ? -21.074 0.087   6.932   1.00 44.06 ? 151 LYS A NZ  1 
ATOM   1158 N N   . THR A 1 151 ? -15.390 -2.055  3.703   1.00 13.54 ? 152 THR A N   1 
ATOM   1159 C CA  . THR A 1 151 ? -15.053 -3.469  3.869   1.00 11.82 ? 152 THR A CA  1 
ATOM   1160 C C   . THR A 1 151 ? -16.011 -4.170  4.835   1.00 15.75 ? 152 THR A C   1 
ATOM   1161 O O   . THR A 1 151 ? -16.536 -3.552  5.757   1.00 15.77 ? 152 THR A O   1 
ATOM   1162 C CB  . THR A 1 151 ? -13.595 -3.655  4.359   1.00 17.17 ? 152 THR A CB  1 
ATOM   1163 O OG1 . THR A 1 151 ? -13.433 -3.064  5.651   1.00 15.51 ? 152 THR A OG1 1 
ATOM   1164 C CG2 . THR A 1 151 ? -12.621 -3.011  3.379   1.00 15.31 ? 152 THR A CG2 1 
ATOM   1165 N N   . SER A 1 152 ? -16.246 -5.461  4.603   1.00 15.62 ? 153 SER A N   1 
ATOM   1166 C CA  . SER A 1 152 ? -17.194 -6.217  5.429   1.00 16.94 ? 153 SER A CA  1 
ATOM   1167 C C   . SER A 1 152 ? -16.525 -6.861  6.640   1.00 20.68 ? 153 SER A C   1 
ATOM   1168 O O   . SER A 1 152 ? -17.196 -7.237  7.603   1.00 21.22 ? 153 SER A O   1 
ATOM   1169 C CB  . SER A 1 152 ? -17.899 -7.281  4.588   1.00 18.89 ? 153 SER A CB  1 
ATOM   1170 O OG  . SER A 1 152 ? -16.972 -8.183  4.007   1.00 21.03 ? 153 SER A OG  1 
ATOM   1171 N N   . LYS A 1 153 ? -15.202 -6.990  6.581   1.00 15.89 ? 154 LYS A N   1 
ATOM   1172 C CA  . LYS A 1 153 ? -14.402 -7.449  7.715   1.00 18.24 ? 154 LYS A CA  1 
ATOM   1173 C C   . LYS A 1 153 ? -13.104 -6.662  7.714   1.00 17.97 ? 154 LYS A C   1 
ATOM   1174 O O   . LYS A 1 153 ? -12.689 -6.172  6.664   1.00 18.47 ? 154 LYS A O   1 
ATOM   1175 C CB  . LYS A 1 153 ? -14.111 -8.950  7.630   1.00 19.93 ? 154 LYS A CB  1 
ATOM   1176 C CG  . LYS A 1 153 ? -15.340 -9.843  7.726   1.00 18.17 ? 154 LYS A CG  1 
ATOM   1177 C CD  . LYS A 1 153 ? -16.001 -9.738  9.099   1.00 21.14 ? 154 LYS A CD  1 
ATOM   1178 C CE  . LYS A 1 153 ? -15.108 -10.327 10.177  1.00 24.59 ? 154 LYS A CE  1 
ATOM   1179 N NZ  . LYS A 1 153 ? -15.737 -10.241 11.528  1.00 26.20 ? 154 LYS A NZ  1 
ATOM   1180 N N   . LYS A 1 154 ? -12.458 -6.544  8.867   1.00 17.72 ? 155 LYS A N   1 
ATOM   1181 C CA  . LYS A 1 154 ? -11.224 -5.769  8.924   1.00 19.07 ? 155 LYS A CA  1 
ATOM   1182 C C   . LYS A 1 154 ? -10.042 -6.608  8.458   1.00 21.41 ? 155 LYS A C   1 
ATOM   1183 O O   . LYS A 1 154 ? -9.708  -7.645  9.045   1.00 19.38 ? 155 LYS A O   1 
ATOM   1184 C CB  . LYS A 1 154 ? -10.997 -5.203  10.327  1.00 26.07 ? 155 LYS A CB  1 
ATOM   1185 C CG  . LYS A 1 154 ? -11.459 -3.745  10.432  1.00 35.83 ? 155 LYS A CG  1 
ATOM   1186 C CD  . LYS A 1 154 ? -11.291 -3.145  11.818  1.00 34.69 ? 155 LYS A CD  1 
ATOM   1187 C CE  . LYS A 1 154 ? -10.109 -3.732  12.544  1.00 34.67 ? 155 LYS A CE  1 
ATOM   1188 N NZ  . LYS A 1 154 ? -8.841  -3.084  12.128  1.00 40.51 ? 155 LYS A NZ  1 
ATOM   1189 N N   . ILE A 1 155 ? -9.443  -6.128  7.373   1.00 15.71 ? 156 ILE A N   1 
ATOM   1190 C CA  . ILE A 1 155 ? -8.325  -6.762  6.689   1.00 16.58 ? 156 ILE A CA  1 
ATOM   1191 C C   . ILE A 1 155 ? -7.050  -6.133  7.223   1.00 17.20 ? 156 ILE A C   1 
ATOM   1192 O O   . ILE A 1 155 ? -6.752  -4.988  6.905   1.00 15.75 ? 156 ILE A O   1 
ATOM   1193 C CB  . ILE A 1 155 ? -8.425  -6.570  5.161   1.00 18.51 ? 156 ILE A CB  1 
ATOM   1194 C CG1 . ILE A 1 155 ? -9.811  -6.992  4.651   1.00 18.11 ? 156 ILE A CG1 1 
ATOM   1195 C CG2 . ILE A 1 155 ? -7.323  -7.328  4.436   1.00 20.89 ? 156 ILE A CG2 1 
ATOM   1196 C CD1 . ILE A 1 155 ? -10.142 -8.452  4.864   1.00 20.61 ? 156 ILE A CD1 1 
ATOM   1197 N N   . THR A 1 156 ? -6.313  -6.879  8.042   1.00 11.09 ? 157 THR A N   1 
ATOM   1198 C CA  . THR A 1 156 ? -5.244  -6.327  8.859   1.00 10.46 ? 157 THR A CA  1 
ATOM   1199 C C   . THR A 1 156 ? -3.864  -6.775  8.401   1.00 11.58 ? 157 THR A C   1 
ATOM   1200 O O   . THR A 1 156 ? -3.666  -7.921  8.019   1.00 13.14 ? 157 THR A O   1 
ATOM   1201 C CB  . THR A 1 156 ? -5.426  -6.742  10.341  1.00 14.83 ? 157 THR A CB  1 
ATOM   1202 O OG1 . THR A 1 156 ? -6.662  -6.207  10.833  1.00 23.46 ? 157 THR A OG1 1 
ATOM   1203 C CG2 . THR A 1 156 ? -4.292  -6.242  11.222  1.00 15.64 ? 157 THR A CG2 1 
ATOM   1204 N N   . ILE A 1 157 ? -2.917  -5.847  8.421   1.00 10.00 ? 158 ILE A N   1 
ATOM   1205 C CA  . ILE A 1 157 ? -1.511  -6.200  8.335   1.00 9.52  ? 158 ILE A CA  1 
ATOM   1206 C C   . ILE A 1 157 ? -1.077  -6.711  9.705   1.00 8.50  ? 158 ILE A C   1 
ATOM   1207 O O   . ILE A 1 157 ? -0.689  -5.936  10.581  1.00 10.40 ? 158 ILE A O   1 
ATOM   1208 C CB  . ILE A 1 157 ? -0.669  -5.003  7.892   1.00 9.44  ? 158 ILE A CB  1 
ATOM   1209 C CG1 . ILE A 1 157 ? -1.184  -4.502  6.536   1.00 10.16 ? 158 ILE A CG1 1 
ATOM   1210 C CG2 . ILE A 1 157 ? 0.801   -5.396  7.800   1.00 9.99  ? 158 ILE A CG2 1 
ATOM   1211 C CD1 . ILE A 1 157 ? -0.572  -3.175  6.119   1.00 10.98 ? 158 ILE A CD1 1 
ATOM   1212 N N   . ALA A 1 158 ? -1.192  -8.019  9.898   1.00 9.85  ? 159 ALA A N   1 
ATOM   1213 C CA  . ALA A 1 158 ? -0.852  -8.641  11.173  1.00 11.03 ? 159 ALA A CA  1 
ATOM   1214 C C   . ALA A 1 158 ? 0.635   -8.537  11.468  1.00 12.78 ? 159 ALA A C   1 
ATOM   1215 O O   . ALA A 1 158 ? 1.044   -8.378  12.615  1.00 15.42 ? 159 ALA A O   1 
ATOM   1216 C CB  . ALA A 1 158 ? -1.291  -10.101 11.186  1.00 12.81 ? 159 ALA A CB  1 
ATOM   1217 N N   . ASP A 1 159 ? 1.451   -8.636  10.423  1.00 11.15 ? 160 ASP A N   1 
ATOM   1218 C CA  . ASP A 1 159 ? 2.888   -8.484  10.574  1.00 11.72 ? 160 ASP A CA  1 
ATOM   1219 C C   . ASP A 1 159 ? 3.440   -7.964  9.255   1.00 9.47  ? 160 ASP A C   1 
ATOM   1220 O O   . ASP A 1 159 ? 2.797   -8.108  8.223   1.00 10.07 ? 160 ASP A O   1 
ATOM   1221 C CB  . ASP A 1 159 ? 3.542   -9.814  10.964  1.00 14.25 ? 160 ASP A CB  1 
ATOM   1222 C CG  . ASP A 1 159 ? 4.953   -9.643  11.489  1.00 16.84 ? 160 ASP A CG  1 
ATOM   1223 O OD1 . ASP A 1 159 ? 5.357   -8.512  11.848  1.00 17.41 ? 160 ASP A OD1 1 
ATOM   1224 O OD2 . ASP A 1 159 ? 5.669   -10.662 11.552  1.00 26.34 ? 160 ASP A OD2 1 
ATOM   1225 N N   . CYS A 1 160 ? 4.595   -7.314  9.307   1.00 10.79 ? 161 CYS A N   1 
ATOM   1226 C CA  . CYS A 1 160 ? 5.242   -6.834  8.096   1.00 10.71 ? 161 CYS A CA  1 
ATOM   1227 C C   . CYS A 1 160 ? 6.718   -6.612  8.381   1.00 9.96  ? 161 CYS A C   1 
ATOM   1228 O O   . CYS A 1 160 ? 7.150   -6.534  9.542   1.00 12.70 ? 161 CYS A O   1 
ATOM   1229 C CB  . CYS A 1 160 ? 4.581   -5.549  7.567   1.00 8.43  ? 161 CYS A CB  1 
ATOM   1230 S SG  . CYS A 1 160 ? 4.286   -4.240  8.788   1.00 11.12 ? 161 CYS A SG  1 
ATOM   1231 N N   . GLY A 1 161 ? 7.500   -6.527  7.316   1.00 9.02  ? 162 GLY A N   1 
ATOM   1232 C CA  . GLY A 1 161 ? 8.923   -6.350  7.468   1.00 9.87  ? 162 GLY A CA  1 
ATOM   1233 C C   . GLY A 1 161 ? 9.596   -6.437  6.122   1.00 8.69  ? 162 GLY A C   1 
ATOM   1234 O O   . GLY A 1 161 ? 8.943   -6.316  5.094   1.00 10.29 ? 162 GLY A O   1 
ATOM   1235 N N   . GLN A 1 162 ? 10.908  -6.626  6.138   1.00 9.34  ? 163 GLN A N   1 
ATOM   1236 C CA  . GLN A 1 162 ? 11.696  -6.602  4.924   1.00 11.74 ? 163 GLN A CA  1 
ATOM   1237 C C   . GLN A 1 162 ? 12.372  -7.941  4.728   1.00 13.19 ? 163 GLN A C   1 
ATOM   1238 O O   . GLN A 1 162 ? 12.958  -8.499  5.658   1.00 14.70 ? 163 GLN A O   1 
ATOM   1239 C CB  . GLN A 1 162 ? 12.732  -5.482  4.978   1.00 13.81 ? 163 GLN A CB  1 
ATOM   1240 C CG  . GLN A 1 162 ? 13.573  -5.354  3.727   1.00 13.66 ? 163 GLN A CG  1 
ATOM   1241 C CD  . GLN A 1 162 ? 14.460  -4.131  3.773   1.00 10.03 ? 163 GLN A CD  1 
ATOM   1242 O OE1 . GLN A 1 162 ? 14.421  -3.358  4.738   1.00 11.29 ? 163 GLN A OE1 1 
ATOM   1243 N NE2 . GLN A 1 162 ? 15.264  -3.945  2.737   1.00 12.10 ? 163 GLN A NE2 1 
ATOM   1244 N N   . LEU A 1 163 ? 12.290  -8.452  3.506   1.00 10.48 ? 164 LEU A N   1 
ATOM   1245 C CA  . LEU A 1 163 ? 12.883  -9.731  3.159   1.00 13.03 ? 164 LEU A CA  1 
ATOM   1246 C C   . LEU A 1 163 ? 14.286  -9.585  2.577   1.00 15.37 ? 164 LEU A C   1 
ATOM   1247 O O   . LEU A 1 163 ? 15.186  -10.360 2.905   1.00 20.27 ? 164 LEU A O   1 
ATOM   1248 C CB  . LEU A 1 163 ? 12.000  -10.464 2.155   1.00 12.87 ? 164 LEU A CB  1 
ATOM   1249 C CG  . LEU A 1 163 ? 10.591  -10.805 2.633   1.00 12.39 ? 164 LEU A CG  1 
ATOM   1250 C CD1 . LEU A 1 163 ? 9.799   -11.427 1.488   1.00 20.30 ? 164 LEU A CD1 1 
ATOM   1251 C CD2 . LEU A 1 163 ? 10.639  -11.743 3.818   1.00 14.77 ? 164 LEU A CD2 1 
ATOM   1252 N N   . GLU A 1 164 ? 14.449  -8.621  1.680   1.00 17.96 ? 165 GLU A N   1 
ATOM   1253 C CA  . GLU A 1 164 ? 15.701  -8.428  0.946   1.00 23.65 ? 165 GLU A CA  1 
ATOM   1254 C C   . GLU A 1 164 ? 15.971  -6.945  0.761   1.00 22.88 ? 165 GLU A C   1 
ATOM   1255 O O   . GLU A 1 164 ? 17.088  -6.547  0.412   1.00 23.52 ? 165 GLU A O   1 
ATOM   1256 C CB  . GLU A 1 164 ? 15.670  -9.100  -0.438  1.00 26.09 ? 165 GLU A CB  1 
ATOM   1257 C CG  . GLU A 1 164 ? 14.942  -10.434 -0.534  1.00 32.51 ? 165 GLU A CG  1 
ATOM   1258 C CD  . GLU A 1 164 ? 15.633  -11.552 0.226   1.00 44.60 ? 165 GLU A CD  1 
ATOM   1259 O OE1 . GLU A 1 164 ? 16.767  -11.342 0.711   1.00 50.18 ? 165 GLU A OE1 1 
ATOM   1260 O OE2 . GLU A 1 164 ? 15.033  -12.643 0.348   1.00 44.99 ? 165 GLU A OE2 1 
ATOM   1261 O OXT . GLU A 1 164 ? 15.065  -6.124  0.917   1.00 14.65 ? 165 GLU A OXT 1 
HETATM 1262 N N1  . 838 B 2 .   ? -7.145  6.665   -3.319  1.00 10.26 ? 201 838 A N1  1 
HETATM 1263 N N2  . 838 B 2 .   ? -8.512  6.278   -3.299  1.00 10.33 ? 201 838 A N2  1 
HETATM 1264 C C5  . 838 B 2 .   ? -8.110  5.055   -5.428  1.00 11.17 ? 201 838 A C5  1 
HETATM 1265 C C6  . 838 B 2 .   ? -6.639  5.460   -5.362  1.00 9.93  ? 201 838 A C6  1 
HETATM 1266 C C7  . 838 B 2 .   ? -6.251  5.658   -3.901  1.00 10.72 ? 201 838 A C7  1 
HETATM 1267 C C8  . 838 B 2 .   ? -8.994  6.061   -4.678  1.00 12.02 ? 201 838 A C8  1 
HETATM 1268 C C23 . 838 B 2 .   ? -8.924  12.117  1.220   1.00 13.04 ? 201 838 A C23 1 
HETATM 1269 C C24 . 838 B 2 .   ? -10.197 12.542  1.971   1.00 20.06 ? 201 838 A C24 1 
HETATM 1270 C C25 . 838 B 2 .   ? -9.767  13.280  3.247   1.00 23.26 ? 201 838 A C25 1 
HETATM 1271 C C26 . 838 B 2 .   ? -11.186 11.368  2.230   1.00 19.57 ? 201 838 A C26 1 
HETATM 1272 C C27 . 838 B 2 .   ? -11.882 10.709  1.007   1.00 17.52 ? 201 838 A C27 1 
HETATM 1273 C C28 . 838 B 2 .   ? -10.960 9.994   -0.004  1.00 18.69 ? 201 838 A C28 1 
HETATM 1274 C C29 . 838 B 2 .   ? -10.398 5.495   -4.569  1.00 12.32 ? 201 838 A C29 1 
HETATM 1275 C C30 . 838 B 2 .   ? -12.643 5.914   -5.327  1.00 13.33 ? 201 838 A C30 1 
HETATM 1276 C C31 . 838 B 2 .   ? -13.296 6.235   -3.984  1.00 12.34 ? 201 838 A C31 1 
HETATM 1277 C C32 . 838 B 2 .   ? -12.766 7.225   -3.100  1.00 14.45 ? 201 838 A C32 1 
HETATM 1278 C C33 . 838 B 2 .   ? -13.376 7.530   -1.861  1.00 15.32 ? 201 838 A C33 1 
HETATM 1279 C C34 . 838 B 2 .   ? -14.542 6.841   -1.497  1.00 14.93 ? 201 838 A C34 1 
HETATM 1280 C C35 . 838 B 2 .   ? -15.073 5.870   -2.352  1.00 17.55 ? 201 838 A C35 1 
HETATM 1281 C C36 . 838 B 2 .   ? -14.464 5.582   -3.575  1.00 14.51 ? 201 838 A C36 1 
HETATM 1282 C C37 . 838 B 2 .   ? -12.815 8.554   -0.959  1.00 19.55 ? 201 838 A C37 1 
HETATM 1283 C C38 . 838 B 2 .   ? -11.533 8.949   -0.924  1.00 18.54 ? 201 838 A C38 1 
HETATM 1284 C C39 . 838 B 2 .   ? -11.479 9.723   4.007   1.00 24.32 ? 201 838 A C39 1 
HETATM 1285 C C40 . 838 B 2 .   ? -13.208 6.673   -6.520  1.00 16.31 ? 201 838 A C40 1 
HETATM 1286 O O44 . 838 B 2 .   ? -8.513  12.716  0.235   1.00 17.56 ? 201 838 A O44 1 
HETATM 1287 O O45 . 838 B 2 .   ? -10.713 4.520   -3.910  1.00 14.25 ? 201 838 A O45 1 
HETATM 1288 O O46 . 838 B 2 .   ? -10.598 10.424  3.141   1.00 21.38 ? 201 838 A O46 1 
HETATM 1289 O O47 . 838 B 2 .   ? -11.236 6.261   -5.308  1.00 12.84 ? 201 838 A O47 1 
HETATM 1290 N N4  . 838 B 2 .   ? -8.310  10.991  1.730   1.00 11.99 ? 201 838 A N4  1 
HETATM 1291 C C19 . 838 B 2 .   ? -7.107  10.391  1.162   1.00 10.54 ? 201 838 A C19 1 
HETATM 1292 C C18 . 838 B 2 .   ? -7.559  9.329   0.177   1.00 11.45 ? 201 838 A C18 1 
HETATM 1293 O O43 . 838 B 2 .   ? -8.032  8.257   0.547   1.00 10.36 ? 201 838 A O43 1 
HETATM 1294 C C20 . 838 B 2 .   ? -6.077  9.901   2.189   1.00 8.43  ? 201 838 A C20 1 
HETATM 1295 C C21 . 838 B 2 .   ? -4.767  9.506   1.499   1.00 11.02 ? 201 838 A C21 1 
HETATM 1296 C C22 . 838 B 2 .   ? -5.791  10.963  3.253   1.00 11.00 ? 201 838 A C22 1 
HETATM 1297 N N3  . 838 B 2 .   ? -7.463  9.638   -1.150  1.00 8.78  ? 201 838 A N3  1 
HETATM 1298 C C10 . 838 B 2 .   ? -7.911  8.789   -2.247  1.00 10.10 ? 201 838 A C10 1 
HETATM 1299 C C9  . 838 B 2 .   ? -6.814  7.890   -2.797  1.00 9.71  ? 201 838 A C9  1 
HETATM 1300 O O41 . 838 B 2 .   ? -5.640  8.284   -2.802  1.00 9.59  ? 201 838 A O41 1 
HETATM 1301 C C11 . 838 B 2 .   ? -8.543  9.622   -3.349  1.00 13.56 ? 201 838 A C11 1 
HETATM 1302 S S   . SO4 C 3 .   ? -22.132 -3.373  -3.251  1.00 30.33 ? 202 SO4 A S   1 
HETATM 1303 O O1  . SO4 C 3 .   ? -22.032 -2.251  -2.321  1.00 29.37 ? 202 SO4 A O1  1 
HETATM 1304 O O2  . SO4 C 3 .   ? -22.736 -4.518  -2.575  1.00 39.76 ? 202 SO4 A O2  1 
HETATM 1305 O O3  . SO4 C 3 .   ? -22.971 -2.960  -4.377  1.00 33.55 ? 202 SO4 A O3  1 
HETATM 1306 O O4  . SO4 C 3 .   ? -20.814 -3.756  -3.752  1.00 25.82 ? 202 SO4 A O4  1 
HETATM 1307 O O   . HOH D 4 .   ? -20.708 -0.585  -1.833  1.00 22.66 ? 301 HOH A O   1 
HETATM 1308 O O   . HOH D 4 .   ? 2.567   8.335   -14.963 1.00 27.11 ? 302 HOH A O   1 
HETATM 1309 O O   . HOH D 4 .   ? -17.753 -10.538 3.766   1.00 27.97 ? 303 HOH A O   1 
HETATM 1310 O O   . HOH D 4 .   ? -5.997  -3.230  12.193  1.00 28.44 ? 304 HOH A O   1 
HETATM 1311 O O   . HOH D 4 .   ? 4.085   -13.092 10.623  1.00 29.96 ? 305 HOH A O   1 
HETATM 1312 O O   . HOH D 4 .   ? 0.578   -6.340  -13.545 1.00 20.92 ? 306 HOH A O   1 
HETATM 1313 O O   . HOH D 4 .   ? -4.474  8.457   16.925  1.00 30.21 ? 307 HOH A O   1 
HETATM 1314 O O   . HOH D 4 .   ? -20.090 -2.066  -10.458 1.00 33.95 ? 308 HOH A O   1 
HETATM 1315 O O   . HOH D 4 .   ? 7.034   11.825  10.279  1.00 27.81 ? 309 HOH A O   1 
HETATM 1316 O O   . HOH D 4 .   ? -4.487  -10.248 -10.207 1.00 23.60 ? 310 HOH A O   1 
HETATM 1317 O O   . HOH D 4 .   ? 12.837  -3.908  -11.207 1.00 34.17 ? 311 HOH A O   1 
HETATM 1318 O O   . HOH D 4 .   ? 2.205   -4.191  -14.608 1.00 19.71 ? 312 HOH A O   1 
HETATM 1319 O O   . HOH D 4 .   ? -10.477 -1.007  -12.416 1.00 27.82 ? 313 HOH A O   1 
HETATM 1320 O O   . HOH D 4 .   ? 7.550   -8.475  13.192  1.00 35.93 ? 314 HOH A O   1 
HETATM 1321 O O   . HOH D 4 .   ? -11.640 -14.475 13.818  1.00 30.32 ? 315 HOH A O   1 
HETATM 1322 O O   . HOH D 4 .   ? -1.545  6.627   -19.123 1.00 33.08 ? 316 HOH A O   1 
HETATM 1323 O O   . HOH D 4 .   ? 16.435  3.715   9.692   1.00 22.58 ? 317 HOH A O   1 
HETATM 1324 O O   . HOH D 4 .   ? -10.845 -11.296 -6.687  1.00 27.20 ? 318 HOH A O   1 
HETATM 1325 O O   . HOH D 4 .   ? -0.167  8.827   1.144   1.00 10.18 ? 319 HOH A O   1 
HETATM 1326 O O   . HOH D 4 .   ? -23.376 -0.636  7.957   1.00 32.97 ? 320 HOH A O   1 
HETATM 1327 O O   . HOH D 4 .   ? -13.741 -0.256  5.383   1.00 18.89 ? 321 HOH A O   1 
HETATM 1328 O O   . HOH D 4 .   ? -2.595  12.818  1.628   1.00 15.07 ? 322 HOH A O   1 
HETATM 1329 O O   . HOH D 4 .   ? -3.706  9.804   -16.599 1.00 27.03 ? 323 HOH A O   1 
HETATM 1330 O O   . HOH D 4 .   ? 1.125   10.352  -5.068  1.00 10.55 ? 324 HOH A O   1 
HETATM 1331 O O   . HOH D 4 .   ? 14.065  10.775  -7.234  1.00 31.87 ? 325 HOH A O   1 
HETATM 1332 O O   . HOH D 4 .   ? -19.808 -7.047  7.959   1.00 29.76 ? 326 HOH A O   1 
HETATM 1333 O O   . HOH D 4 .   ? 4.598   3.506   16.770  1.00 27.43 ? 327 HOH A O   1 
HETATM 1334 O O   . HOH D 4 .   ? -9.501  -1.328  -15.203 1.00 21.84 ? 328 HOH A O   1 
HETATM 1335 O O   . HOH D 4 .   ? 14.430  8.206   -11.119 1.00 29.87 ? 329 HOH A O   1 
HETATM 1336 O O   . HOH D 4 .   ? 1.751   -15.906 -0.467  1.00 26.91 ? 330 HOH A O   1 
HETATM 1337 O O   . HOH D 4 .   ? -7.444  -5.317  13.213  1.00 31.45 ? 331 HOH A O   1 
HETATM 1338 O O   . HOH D 4 .   ? -5.678  2.054   6.770   1.00 12.62 ? 332 HOH A O   1 
HETATM 1339 O O   . HOH D 4 .   ? -9.044  7.266   2.812   1.00 13.06 ? 333 HOH A O   1 
HETATM 1340 O O   . HOH D 4 .   ? 15.541  6.264   5.949   1.00 26.13 ? 334 HOH A O   1 
HETATM 1341 O O   . HOH D 4 .   ? -7.376  -1.260  13.441  1.00 27.65 ? 335 HOH A O   1 
HETATM 1342 O O   . HOH D 4 .   ? -10.546 -3.507  6.580   1.00 17.56 ? 336 HOH A O   1 
HETATM 1343 O O   . HOH D 4 .   ? 9.242   -7.154  11.117  1.00 30.16 ? 337 HOH A O   1 
HETATM 1344 O O   . HOH D 4 .   ? -12.013 3.303   12.656  1.00 34.85 ? 338 HOH A O   1 
HETATM 1345 O O   . HOH D 4 .   ? -13.714 -14.814 -2.533  1.00 29.12 ? 339 HOH A O   1 
HETATM 1346 O O   . HOH D 4 .   ? -18.294 -7.129  -2.618  1.00 31.58 ? 340 HOH A O   1 
HETATM 1347 O O   . HOH D 4 .   ? 9.480   3.217   10.523  1.00 14.00 ? 341 HOH A O   1 
HETATM 1348 O O   . HOH D 4 .   ? 0.467   13.618  -3.652  1.00 11.43 ? 342 HOH A O   1 
HETATM 1349 O O   . HOH D 4 .   ? 11.604  14.140  -4.866  1.00 25.97 ? 343 HOH A O   1 
HETATM 1350 O O   . HOH D 4 .   ? -2.720  -0.808  6.113   1.00 15.15 ? 344 HOH A O   1 
HETATM 1351 O O   . HOH D 4 .   ? 19.440  -7.849  0.006   1.00 34.34 ? 345 HOH A O   1 
HETATM 1352 O O   . HOH D 4 .   ? 8.457   3.953   18.703  1.00 23.44 ? 346 HOH A O   1 
HETATM 1353 O O   . HOH D 4 .   ? 2.244   16.437  -8.574  1.00 14.61 ? 347 HOH A O   1 
HETATM 1354 O O   . HOH D 4 .   ? 17.593  0.029   -6.041  1.00 22.29 ? 348 HOH A O   1 
HETATM 1355 O O   . HOH D 4 .   ? 8.933   15.942  -8.324  1.00 29.72 ? 349 HOH A O   1 
HETATM 1356 O O   . HOH D 4 .   ? -20.417 -14.767 0.578   1.00 31.02 ? 350 HOH A O   1 
HETATM 1357 O O   . HOH D 4 .   ? 6.022   5.760   0.243   1.00 13.06 ? 351 HOH A O   1 
HETATM 1358 O O   . HOH D 4 .   ? -8.865  7.683   15.371  1.00 30.42 ? 352 HOH A O   1 
HETATM 1359 O O   . HOH D 4 .   ? -6.059  -16.809 14.462  1.00 32.00 ? 353 HOH A O   1 
HETATM 1360 O O   . HOH D 4 .   ? 8.925   -12.708 -2.186  1.00 28.63 ? 354 HOH A O   1 
HETATM 1361 O O   . HOH D 4 .   ? 2.502   -7.848  -9.684  1.00 17.37 ? 355 HOH A O   1 
HETATM 1362 O O   . HOH D 4 .   ? -19.243 -5.742  -4.812  1.00 28.21 ? 356 HOH A O   1 
HETATM 1363 O O   . HOH D 4 .   ? -1.367  2.753   -17.282 1.00 18.23 ? 357 HOH A O   1 
HETATM 1364 O O   . HOH D 4 .   ? 6.289   10.515  -4.184  1.00 11.53 ? 358 HOH A O   1 
HETATM 1365 O O   . HOH D 4 .   ? -2.020  19.872  -2.775  1.00 24.39 ? 359 HOH A O   1 
HETATM 1366 O O   . HOH D 4 .   ? 15.346  4.041   -1.736  1.00 19.23 ? 360 HOH A O   1 
HETATM 1367 O O   . HOH D 4 .   ? -13.056 8.565   8.892   1.00 31.14 ? 361 HOH A O   1 
HETATM 1368 O O   . HOH D 4 .   ? 1.218   -8.241  15.373  1.00 35.26 ? 362 HOH A O   1 
HETATM 1369 O O   . HOH D 4 .   ? 14.797  2.061   -0.045  1.00 16.60 ? 363 HOH A O   1 
HETATM 1370 O O   . HOH D 4 .   ? 4.270   7.264   -10.912 1.00 9.62  ? 364 HOH A O   1 
HETATM 1371 O O   . HOH D 4 .   ? -18.713 -4.210  2.579   1.00 22.56 ? 365 HOH A O   1 
HETATM 1372 O O   . HOH D 4 .   ? -13.954 2.750   3.258   1.00 24.53 ? 366 HOH A O   1 
HETATM 1373 O O   . HOH D 4 .   ? -1.833  12.205  -16.514 1.00 18.27 ? 367 HOH A O   1 
HETATM 1374 O O   . HOH D 4 .   ? -7.063  15.600  -5.648  1.00 35.09 ? 368 HOH A O   1 
HETATM 1375 O O   . HOH D 4 .   ? -7.365  -15.979 -4.198  1.00 30.06 ? 369 HOH A O   1 
HETATM 1376 O O   . HOH D 4 .   ? -5.675  1.131   9.740   1.00 17.33 ? 370 HOH A O   1 
HETATM 1377 O O   . HOH D 4 .   ? -11.348 -4.766  -13.332 1.00 25.60 ? 371 HOH A O   1 
HETATM 1378 O O   . HOH D 4 .   ? 11.485  9.482   10.581  1.00 30.45 ? 372 HOH A O   1 
HETATM 1379 O O   . HOH D 4 .   ? -1.299  -14.038 7.798   1.00 17.84 ? 373 HOH A O   1 
HETATM 1380 O O   . HOH D 4 .   ? 14.968  8.900   1.364   1.00 23.03 ? 374 HOH A O   1 
HETATM 1381 O O   . HOH D 4 .   ? -0.718  14.334  -7.581  1.00 16.22 ? 375 HOH A O   1 
HETATM 1382 O O   . HOH D 4 .   ? 4.644   0.462   -13.940 1.00 23.50 ? 376 HOH A O   1 
HETATM 1383 O O   . HOH D 4 .   ? -12.464 -7.199  14.656  1.00 35.71 ? 377 HOH A O   1 
HETATM 1384 O O   . HOH D 4 .   ? -2.244  11.591  10.529  1.00 21.57 ? 378 HOH A O   1 
HETATM 1385 O O   . HOH D 4 .   ? 9.684   -8.701  -8.237  1.00 36.25 ? 379 HOH A O   1 
HETATM 1386 O O   . HOH D 4 .   ? -3.814  12.561  5.967   1.00 20.06 ? 380 HOH A O   1 
HETATM 1387 O O   . HOH D 4 .   ? 2.390   -15.964 -5.346  1.00 30.69 ? 381 HOH A O   1 
HETATM 1388 O O   . HOH D 4 .   ? -7.532  9.878   -7.628  1.00 23.94 ? 382 HOH A O   1 
HETATM 1389 O O   . HOH D 4 .   ? 5.191   -11.039 14.316  1.00 28.28 ? 383 HOH A O   1 
HETATM 1390 O O   . HOH D 4 .   ? -17.020 0.531   -7.693  1.00 22.34 ? 384 HOH A O   1 
HETATM 1391 O O   . HOH D 4 .   ? -6.648  12.620  -4.355  1.00 24.93 ? 385 HOH A O   1 
HETATM 1392 O O   . HOH D 4 .   ? -14.783 4.049   0.992   1.00 16.66 ? 386 HOH A O   1 
HETATM 1393 O O   . HOH D 4 .   ? 11.531  -7.811  -11.057 1.00 30.17 ? 387 HOH A O   1 
HETATM 1394 O O   . HOH D 4 .   ? -7.415  -0.194  -21.923 1.00 37.42 ? 388 HOH A O   1 
HETATM 1395 O O   . HOH D 4 .   ? -0.597  -6.826  14.348  1.00 20.38 ? 389 HOH A O   1 
HETATM 1396 O O   . HOH D 4 .   ? -9.928  -7.198  -10.969 1.00 25.13 ? 390 HOH A O   1 
HETATM 1397 O O   . HOH D 4 .   ? -1.324  0.127   13.405  1.00 22.84 ? 391 HOH A O   1 
HETATM 1398 O O   . HOH D 4 .   ? -10.613 6.812   -9.854  1.00 22.91 ? 392 HOH A O   1 
HETATM 1399 O O   . HOH D 4 .   ? 12.724  -1.431  -11.952 1.00 33.15 ? 393 HOH A O   1 
HETATM 1400 O O   . HOH D 4 .   ? -4.978  -17.767 0.935   1.00 27.87 ? 394 HOH A O   1 
HETATM 1401 O O   . HOH D 4 .   ? -7.391  -18.934 8.064   1.00 19.34 ? 395 HOH A O   1 
HETATM 1402 O O   . HOH D 4 .   ? -16.693 -1.354  7.606   1.00 31.73 ? 396 HOH A O   1 
HETATM 1403 O O   . HOH D 4 .   ? 0.184   13.074  3.962   1.00 20.92 ? 397 HOH A O   1 
HETATM 1404 O O   . HOH D 4 .   ? -1.175  9.061   4.028   1.00 16.82 ? 398 HOH A O   1 
HETATM 1405 O O   . HOH D 4 .   ? -17.882 -7.463  1.368   1.00 27.04 ? 399 HOH A O   1 
HETATM 1406 O O   . HOH D 4 .   ? -16.505 -2.870  -7.381  1.00 18.66 ? 400 HOH A O   1 
HETATM 1407 O O   . HOH D 4 .   ? -19.004 -14.976 -2.219  1.00 31.28 ? 401 HOH A O   1 
HETATM 1408 O O   . HOH D 4 .   ? -0.561  -1.746  -19.438 1.00 19.90 ? 402 HOH A O   1 
HETATM 1409 O O   . HOH D 4 .   ? -0.232  -15.543 -6.561  1.00 29.56 ? 403 HOH A O   1 
HETATM 1410 O O   . HOH D 4 .   ? -7.170  -9.115  11.869  1.00 23.65 ? 404 HOH A O   1 
HETATM 1411 O O   . HOH D 4 .   ? 11.274  -5.019  10.877  1.00 24.18 ? 405 HOH A O   1 
HETATM 1412 O O   . HOH D 4 .   ? 1.316   20.046  -0.675  1.00 27.15 ? 406 HOH A O   1 
HETATM 1413 O O   . HOH D 4 .   ? 7.025   6.617   -10.557 1.00 11.86 ? 407 HOH A O   1 
HETATM 1414 O O   . HOH D 4 .   ? 1.460   7.592   -12.275 1.00 12.52 ? 408 HOH A O   1 
HETATM 1415 O O   . HOH D 4 .   ? -6.826  -9.155  -10.718 1.00 24.38 ? 409 HOH A O   1 
HETATM 1416 O O   . HOH D 4 .   ? 12.139  -6.540  8.780   1.00 20.42 ? 410 HOH A O   1 
HETATM 1417 O O   . HOH D 4 .   ? 4.928   18.154  0.019   1.00 25.01 ? 411 HOH A O   1 
HETATM 1418 O O   . HOH D 4 .   ? -14.329 -3.336  8.441   1.00 27.31 ? 412 HOH A O   1 
HETATM 1419 O O   . HOH D 4 .   ? -21.016 -1.086  0.646   1.00 24.25 ? 413 HOH A O   1 
HETATM 1420 O O   . HOH D 4 .   ? 13.614  9.862   7.801   1.00 28.92 ? 414 HOH A O   1 
HETATM 1421 O O   . HOH D 4 .   ? 2.483   -5.427  -10.882 1.00 29.25 ? 415 HOH A O   1 
HETATM 1422 O O   . HOH D 4 .   ? 17.390  -3.780  -0.591  1.00 20.40 ? 416 HOH A O   1 
HETATM 1423 O O   . HOH D 4 .   ? 5.597   -1.707  10.769  1.00 11.27 ? 417 HOH A O   1 
HETATM 1424 O O   . HOH D 4 .   ? 17.489  -9.540  4.601   1.00 29.66 ? 418 HOH A O   1 
HETATM 1425 O O   . HOH D 4 .   ? 8.512   -14.983 2.467   1.00 23.54 ? 419 HOH A O   1 
HETATM 1426 O O   . HOH D 4 .   ? 4.546   18.010  -8.087  1.00 22.93 ? 420 HOH A O   1 
HETATM 1427 O O   . HOH D 4 .   ? -2.609  -0.514  -12.330 1.00 14.80 ? 421 HOH A O   1 
HETATM 1428 O O   . HOH D 4 .   ? 5.262   2.060   -16.390 1.00 21.29 ? 422 HOH A O   1 
HETATM 1429 O O   . HOH D 4 .   ? 0.916   -17.050 1.849   1.00 22.99 ? 423 HOH A O   1 
HETATM 1430 O O   . HOH D 4 .   ? 4.602   -13.729 -0.503  1.00 27.89 ? 424 HOH A O   1 
HETATM 1431 O O   . HOH D 4 .   ? 2.078   -13.049 -7.056  1.00 21.61 ? 425 HOH A O   1 
HETATM 1432 O O   . HOH D 4 .   ? -14.092 -7.176  11.307  1.00 25.10 ? 426 HOH A O   1 
HETATM 1433 O O   . HOH D 4 .   ? 16.515  -4.674  -8.620  1.00 32.73 ? 427 HOH A O   1 
HETATM 1434 O O   . HOH D 4 .   ? -10.129 11.984  11.767  1.00 34.36 ? 428 HOH A O   1 
HETATM 1435 O O   . HOH D 4 .   ? 6.878   -4.101  11.346  1.00 16.60 ? 429 HOH A O   1 
HETATM 1436 O O   . HOH D 4 .   ? 2.964   2.747   14.433  1.00 15.07 ? 430 HOH A O   1 
HETATM 1437 O O   . HOH D 4 .   ? 1.475   21.309  -4.462  1.00 22.85 ? 431 HOH A O   1 
HETATM 1438 O O   . HOH D 4 .   ? 8.978   0.025   16.241  1.00 34.45 ? 432 HOH A O   1 
HETATM 1439 O O   . HOH D 4 .   ? 12.884  11.755  -9.365  1.00 25.32 ? 433 HOH A O   1 
HETATM 1440 O O   . HOH D 4 .   ? -9.503  7.792   -7.401  1.00 25.80 ? 434 HOH A O   1 
HETATM 1441 O O   . HOH D 4 .   ? 18.026  -0.237  -2.785  1.00 27.98 ? 435 HOH A O   1 
HETATM 1442 O O   . HOH D 4 .   ? -2.871  12.326  13.204  1.00 26.70 ? 436 HOH A O   1 
HETATM 1443 O O   . HOH D 4 .   ? 1.061   9.937   -17.005 1.00 25.98 ? 437 HOH A O   1 
HETATM 1444 O O   . HOH D 4 .   ? -1.628  -1.415  -21.685 1.00 21.07 ? 438 HOH A O   1 
HETATM 1445 O O   . HOH D 4 .   ? -6.345  7.501   16.898  1.00 29.90 ? 439 HOH A O   1 
HETATM 1446 O O   . HOH D 4 .   ? 13.859  12.768  -4.724  1.00 36.07 ? 440 HOH A O   1 
HETATM 1447 O O   . HOH D 4 .   ? 5.383   -0.470  13.279  1.00 17.22 ? 441 HOH A O   1 
HETATM 1448 O O   . HOH D 4 .   ? 13.765  1.014   16.322  1.00 38.14 ? 442 HOH A O   1 
HETATM 1449 O O   . HOH D 4 .   ? 7.425   -13.858 0.199   1.00 27.44 ? 443 HOH A O   1 
HETATM 1450 O O   . HOH D 4 .   ? 2.009   6.361   15.102  1.00 34.41 ? 444 HOH A O   1 
HETATM 1451 O O   . HOH D 4 .   ? -10.376 -14.718 -4.782  1.00 25.77 ? 445 HOH A O   1 
HETATM 1452 O O   . HOH D 4 .   ? -1.990  13.697  11.173  1.00 27.80 ? 446 HOH A O   1 
HETATM 1453 O O   . HOH D 4 .   ? 0.722   -9.522  -10.396 1.00 31.77 ? 447 HOH A O   1 
HETATM 1454 O O   . HOH D 4 .   ? 19.563  -10.453 2.917   1.00 30.18 ? 448 HOH A O   1 
HETATM 1455 O O   . HOH D 4 .   ? 16.141  8.360   -0.900  1.00 34.47 ? 449 HOH A O   1 
HETATM 1456 O O   . HOH D 4 .   ? -6.197  -20.686 9.884   1.00 31.68 ? 450 HOH A O   1 
HETATM 1457 O O   . HOH D 4 .   ? -4.118  15.654  14.972  1.00 37.52 ? 451 HOH A O   1 
HETATM 1458 O O   . HOH D 4 .   ? -12.396 4.572   5.355   1.00 31.49 ? 452 HOH A O   1 
HETATM 1459 O O   . HOH D 4 .   ? -1.227  11.379  14.326  1.00 29.79 ? 453 HOH A O   1 
HETATM 1460 O O   . HOH D 4 .   ? -2.074  11.634  4.122   1.00 18.57 ? 454 HOH A O   1 
HETATM 1461 O O   . HOH D 4 .   ? 18.886  1.993   -4.908  1.00 34.66 ? 455 HOH A O   1 
HETATM 1462 O O   . HOH D 4 .   ? -9.908  -13.036 -8.901  1.00 36.67 ? 456 HOH A O   1 
HETATM 1463 O O   . HOH D 4 .   ? -18.189 -5.256  -7.184  1.00 29.23 ? 457 HOH A O   1 
HETATM 1464 O O   . HOH D 4 .   ? -3.357  -17.245 13.867  1.00 31.27 ? 458 HOH A O   1 
HETATM 1465 O O   . HOH D 4 .   ? 1.463   -13.378 11.559  1.00 32.04 ? 459 HOH A O   1 
HETATM 1466 O O   . HOH D 4 .   ? 4.320   7.023   17.137  1.00 36.98 ? 460 HOH A O   1 
HETATM 1467 O O   . HOH D 4 .   ? -12.342 6.716   -15.173 1.00 32.42 ? 461 HOH A O   1 
HETATM 1468 O O   . HOH D 4 .   ? -3.675  14.950  3.112   1.00 21.85 ? 462 HOH A O   1 
HETATM 1469 O O   . HOH D 4 .   ? -3.933  17.740  2.250   1.00 29.03 ? 463 HOH A O   1 
HETATM 1470 O O   . HOH D 4 .   ? 1.146   22.890  -6.808  1.00 30.07 ? 464 HOH A O   1 
HETATM 1471 O O   . HOH D 4 .   ? -13.104 0.695   12.709  1.00 36.99 ? 465 HOH A O   1 
HETATM 1472 O O   . HOH D 4 .   ? 5.052   -17.293 2.079   1.00 35.11 ? 466 HOH A O   1 
HETATM 1473 O O   . HOH D 4 .   ? -0.711  1.492   -19.532 1.00 33.55 ? 467 HOH A O   1 
HETATM 1474 O O   . HOH D 4 .   ? -6.201  14.740  3.908   1.00 28.97 ? 468 HOH A O   1 
# 
